data_1F4J
#
_entry.id   1F4J
#
_cell.length_a   203.600
_cell.length_b   203.600
_cell.length_c   144.600
_cell.angle_alpha   90.00
_cell.angle_beta   90.00
_cell.angle_gamma   90.00
#
_symmetry.space_group_name_H-M   'I 41'
#
loop_
_entity.id
_entity.type
_entity.pdbx_description
1 polymer CATALASE
2 non-polymer 'PROTOPORPHYRIN IX CONTAINING FE'
3 water water
#
_entity_poly.entity_id   1
_entity_poly.type   'polypeptide(L)'
_entity_poly.pdbx_seq_one_letter_code
;MADSRDPASDQMQHWKEQRAAQKADVLTTGAGNPVGDKLNVITVGPRGPLLVQDVVFTDEMAHFDRERIPERVVHAKGAG
AFGYFEVTHDITKYSKAKVFEHIGKKTPIAVRFSTVAGESGSADTVRDPRGFAVKFYTEDGNWDLVGNNTPIFFIRDPIL
FPSFIHSQKRNPQTHLKDPDMVWDFWSLRPESLHQVSFLFSDRGIPDGHRHMNGYGSHTFKLVNANGEAVYCKFHYKTDQ
GIKNLSVEDAARLSQEDPDYGIRDLFNAIATGKYPSWTFYIQVMTFNQAETFPFNPFDLTKVWPHKDYPLIPVGKLVLNR
NPVNYFAEVEQIAFDPSNMPPGIEASPDKMLQGRLFAYPDTHRHRLGPNYLHIPVNCPYRARVANYQRDGPMCMQDNQGG
APNYYPNSFGAPEQQPSALEHSIQYSGEVRRFNTANDDNVTQVRAFYVNVLNEEQRKRLCENIAGHLKDAQIFIQKKAVK
NFTEVHPDYGSHIQALLDKYNAEKPKNAIHTFVQSGSHLAAREKANL
;
_entity_poly.pdbx_strand_id   A,B,C,D
#
loop_
_chem_comp.id
_chem_comp.type
_chem_comp.name
_chem_comp.formula
HEM non-polymer 'PROTOPORPHYRIN IX CONTAINING FE' 'C34 H32 Fe N4 O4'
#
# COMPACT_ATOMS: atom_id res chain seq x y z
N ALA A 24 36.27 -5.35 -9.63
CA ALA A 24 34.79 -5.15 -9.51
C ALA A 24 34.33 -5.03 -8.05
N ASP A 25 33.06 -4.69 -7.88
CA ASP A 25 32.51 -4.53 -6.54
C ASP A 25 31.86 -5.82 -6.04
N VAL A 26 32.05 -6.10 -4.76
CA VAL A 26 31.49 -7.28 -4.15
C VAL A 26 29.98 -7.25 -4.26
N LEU A 27 29.39 -8.36 -4.70
CA LEU A 27 27.95 -8.49 -4.85
C LEU A 27 27.35 -8.79 -3.48
N THR A 28 26.37 -7.98 -3.06
CA THR A 28 25.74 -8.19 -1.76
C THR A 28 24.24 -8.42 -1.82
N THR A 29 23.68 -8.72 -0.66
CA THR A 29 22.25 -8.85 -0.52
C THR A 29 21.91 -7.38 -0.23
N GLY A 30 20.63 -7.06 -0.13
CA GLY A 30 20.25 -5.70 0.15
C GLY A 30 20.76 -5.20 1.49
N ALA A 31 20.96 -6.11 2.43
CA ALA A 31 21.44 -5.76 3.75
C ALA A 31 22.94 -5.52 3.81
N GLY A 32 23.61 -5.68 2.67
CA GLY A 32 25.05 -5.45 2.64
C GLY A 32 25.90 -6.66 2.92
N ASN A 33 25.27 -7.83 2.91
CA ASN A 33 25.98 -9.07 3.15
C ASN A 33 26.54 -9.60 1.81
N PRO A 34 27.83 -9.96 1.78
CA PRO A 34 28.52 -10.48 0.57
C PRO A 34 27.90 -11.78 0.07
N VAL A 35 27.69 -11.85 -1.25
CA VAL A 35 27.12 -13.05 -1.83
C VAL A 35 28.23 -13.93 -2.43
N GLY A 36 28.30 -15.18 -1.95
CA GLY A 36 29.32 -16.10 -2.43
C GLY A 36 29.04 -16.66 -3.82
N ASP A 37 27.78 -16.98 -4.07
CA ASP A 37 27.38 -17.54 -5.35
C ASP A 37 25.94 -17.14 -5.58
N LYS A 38 25.71 -16.27 -6.57
CA LYS A 38 24.35 -15.86 -6.87
C LYS A 38 23.91 -16.42 -8.22
N LEU A 39 24.39 -17.62 -8.54
CA LEU A 39 24.04 -18.26 -9.81
C LEU A 39 23.47 -19.66 -9.62
N ASN A 40 23.47 -20.11 -8.37
CA ASN A 40 22.98 -21.43 -8.02
C ASN A 40 22.32 -21.32 -6.66
N VAL A 41 21.15 -21.90 -6.56
CA VAL A 41 20.36 -21.84 -5.34
C VAL A 41 20.72 -23.01 -4.42
N ILE A 42 20.53 -22.83 -3.11
CA ILE A 42 20.84 -23.85 -2.12
C ILE A 42 19.80 -24.94 -2.11
N THR A 43 20.23 -26.18 -2.38
CA THR A 43 19.32 -27.33 -2.44
C THR A 43 19.88 -28.47 -1.63
N VAL A 44 19.00 -29.40 -1.24
CA VAL A 44 19.44 -30.56 -0.49
C VAL A 44 19.96 -31.60 -1.50
N GLY A 45 21.27 -31.57 -1.71
CA GLY A 45 21.87 -32.47 -2.68
C GLY A 45 21.71 -31.92 -4.08
N PRO A 46 22.51 -32.38 -5.06
CA PRO A 46 22.39 -31.87 -6.43
C PRO A 46 21.00 -32.02 -7.03
N ARG A 47 20.26 -33.04 -6.63
CA ARG A 47 18.93 -33.23 -7.19
C ARG A 47 17.81 -33.09 -6.16
N GLY A 48 18.04 -32.31 -5.11
CA GLY A 48 17.01 -32.15 -4.10
C GLY A 48 16.28 -30.83 -4.20
N PRO A 49 15.32 -30.59 -3.28
CA PRO A 49 14.51 -29.35 -3.22
C PRO A 49 15.26 -28.12 -2.68
N LEU A 50 14.63 -26.96 -2.85
CA LEU A 50 15.15 -25.65 -2.44
C LEU A 50 15.00 -25.34 -0.96
N LEU A 51 16.03 -24.74 -0.37
CA LEU A 51 16.01 -24.41 1.06
C LEU A 51 15.69 -22.96 1.44
N VAL A 52 15.00 -22.80 2.56
CA VAL A 52 14.62 -21.48 3.04
C VAL A 52 15.81 -20.70 3.55
N GLN A 53 16.89 -21.38 3.92
CA GLN A 53 18.04 -20.65 4.40
C GLN A 53 18.84 -20.05 3.27
N ASP A 54 18.32 -20.18 2.07
CA ASP A 54 18.94 -19.56 0.91
C ASP A 54 18.27 -18.18 0.89
N VAL A 55 18.69 -17.34 1.84
CA VAL A 55 18.20 -15.98 1.99
C VAL A 55 18.63 -15.10 0.82
N VAL A 56 19.77 -15.43 0.22
CA VAL A 56 20.26 -14.67 -0.93
C VAL A 56 19.19 -14.73 -2.02
N PHE A 57 18.68 -15.93 -2.27
CA PHE A 57 17.64 -16.11 -3.28
C PHE A 57 16.37 -15.34 -2.93
N THR A 58 15.84 -15.60 -1.74
CA THR A 58 14.62 -14.97 -1.31
C THR A 58 14.75 -13.46 -1.37
N ASP A 59 15.85 -12.95 -0.82
CA ASP A 59 16.09 -11.51 -0.82
C ASP A 59 16.02 -10.91 -2.22
N GLU A 60 16.74 -11.50 -3.17
CA GLU A 60 16.71 -10.96 -4.52
C GLU A 60 15.35 -11.16 -5.17
N MET A 61 14.74 -12.32 -4.95
CA MET A 61 13.44 -12.61 -5.55
C MET A 61 12.34 -11.73 -4.99
N ALA A 62 12.33 -11.54 -3.67
CA ALA A 62 11.31 -10.70 -3.04
C ALA A 62 11.34 -9.30 -3.63
N HIS A 63 12.54 -8.77 -3.87
CA HIS A 63 12.64 -7.44 -4.45
C HIS A 63 12.15 -7.45 -5.90
N PHE A 64 12.63 -8.38 -6.72
CA PHE A 64 12.18 -8.46 -8.11
C PHE A 64 10.65 -8.49 -8.15
N ASP A 65 10.05 -9.19 -7.17
CA ASP A 65 8.60 -9.33 -7.05
C ASP A 65 7.84 -8.03 -6.79
N ARG A 66 8.56 -6.99 -6.37
CA ARG A 66 7.91 -5.72 -6.07
C ARG A 66 8.43 -4.56 -6.93
N GLU A 67 9.11 -4.87 -8.01
CA GLU A 67 9.64 -3.80 -8.85
C GLU A 67 8.57 -2.84 -9.35
N ARG A 68 7.38 -3.35 -9.63
CA ARG A 68 6.32 -2.50 -10.16
C ARG A 68 5.44 -1.69 -9.23
N ILE A 69 5.15 -0.46 -9.66
CA ILE A 69 4.26 0.45 -8.96
C ILE A 69 3.21 0.81 -10.01
N PRO A 70 2.07 1.36 -9.58
CA PRO A 70 1.04 1.70 -10.58
C PRO A 70 1.53 2.80 -11.51
N GLU A 71 1.23 2.68 -12.79
CA GLU A 71 1.62 3.72 -13.73
C GLU A 71 0.57 4.82 -13.57
N ARG A 72 0.86 6.00 -14.10
CA ARG A 72 -0.05 7.13 -14.03
C ARG A 72 -1.41 6.76 -14.63
N VAL A 73 -2.48 7.33 -14.10
CA VAL A 73 -3.81 7.04 -14.62
C VAL A 73 -3.96 7.58 -16.05
N VAL A 74 -3.20 8.62 -16.37
CA VAL A 74 -3.18 9.21 -17.72
C VAL A 74 -1.75 9.66 -17.96
N HIS A 75 -1.38 9.77 -19.23
CA HIS A 75 -0.03 10.19 -19.62
C HIS A 75 1.00 9.18 -19.10
N ALA A 76 0.60 7.91 -19.05
CA ALA A 76 1.47 6.83 -18.57
C ALA A 76 2.75 6.64 -19.37
N LYS A 77 2.68 6.72 -20.70
CA LYS A 77 3.87 6.54 -21.52
C LYS A 77 4.63 7.86 -21.59
N GLY A 78 5.84 7.87 -21.06
CA GLY A 78 6.61 9.11 -21.07
C GLY A 78 8.11 9.08 -21.34
N ALA A 79 8.66 10.27 -21.46
CA ALA A 79 10.08 10.49 -21.71
C ALA A 79 10.50 11.68 -20.84
N GLY A 80 11.62 11.56 -20.14
CA GLY A 80 12.05 12.65 -19.29
C GLY A 80 13.45 13.17 -19.51
N ALA A 81 13.67 14.42 -19.09
CA ALA A 81 14.97 15.06 -19.20
C ALA A 81 15.15 16.14 -18.12
N PHE A 82 16.32 16.75 -18.12
CA PHE A 82 16.63 17.80 -17.16
C PHE A 82 17.41 18.96 -17.78
N GLY A 83 17.26 20.13 -17.19
CA GLY A 83 17.94 21.29 -17.73
C GLY A 83 17.75 22.48 -16.84
N TYR A 84 17.44 23.63 -17.42
CA TYR A 84 17.27 24.83 -16.62
C TYR A 84 16.41 25.84 -17.34
N PHE A 85 15.95 26.83 -16.57
CA PHE A 85 15.16 27.93 -17.09
C PHE A 85 16.05 29.15 -16.87
N GLU A 86 16.02 30.07 -17.82
CA GLU A 86 16.83 31.28 -17.68
C GLU A 86 16.00 32.51 -18.02
N VAL A 87 15.97 33.48 -17.12
CA VAL A 87 15.20 34.68 -17.37
C VAL A 87 15.93 35.56 -18.37
N THR A 88 15.23 35.97 -19.43
CA THR A 88 15.83 36.82 -20.44
C THR A 88 15.24 38.20 -20.39
N HIS A 89 13.96 38.30 -20.04
CA HIS A 89 13.32 39.60 -19.96
C HIS A 89 12.80 39.90 -18.56
N ASP A 90 12.30 41.10 -18.36
CA ASP A 90 11.80 41.49 -17.05
C ASP A 90 10.28 41.55 -16.98
N ILE A 91 9.69 40.68 -16.15
CA ILE A 91 8.24 40.69 -15.98
C ILE A 91 7.89 40.96 -14.52
N THR A 92 8.89 41.40 -13.77
CA THR A 92 8.72 41.69 -12.35
C THR A 92 7.57 42.66 -12.10
N LYS A 93 7.14 43.37 -13.13
CA LYS A 93 6.02 44.28 -12.93
C LYS A 93 4.73 43.47 -12.86
N TYR A 94 4.76 42.25 -13.38
CA TYR A 94 3.56 41.40 -13.33
C TYR A 94 3.66 40.36 -12.22
N SER A 95 4.88 39.89 -11.95
CA SER A 95 5.03 38.87 -10.92
C SER A 95 6.21 39.03 -9.99
N LYS A 96 5.96 38.86 -8.70
CA LYS A 96 7.01 38.96 -7.70
C LYS A 96 7.73 37.62 -7.51
N ALA A 97 7.23 36.57 -8.17
CA ALA A 97 7.83 35.24 -8.06
C ALA A 97 9.33 35.27 -8.30
N LYS A 98 10.09 34.76 -7.33
CA LYS A 98 11.55 34.72 -7.39
C LYS A 98 12.12 34.12 -8.67
N VAL A 99 11.49 33.08 -9.20
CA VAL A 99 11.98 32.47 -10.41
C VAL A 99 12.16 33.50 -11.56
N PHE A 100 11.46 34.62 -11.46
CA PHE A 100 11.55 35.66 -12.48
C PHE A 100 12.30 36.87 -11.94
N GLU A 101 12.73 36.77 -10.69
CA GLU A 101 13.42 37.84 -9.96
C GLU A 101 14.26 38.85 -10.74
N HIS A 102 15.15 38.38 -11.61
CA HIS A 102 15.99 39.30 -12.39
C HIS A 102 16.48 38.65 -13.68
N ILE A 103 16.73 39.48 -14.68
CA ILE A 103 17.20 39.00 -15.97
C ILE A 103 18.49 38.24 -15.76
N GLY A 104 18.57 37.06 -16.39
CA GLY A 104 19.75 36.23 -16.31
C GLY A 104 19.69 35.20 -15.21
N LYS A 105 18.65 35.25 -14.39
CA LYS A 105 18.51 34.29 -13.30
C LYS A 105 18.17 32.92 -13.89
N LYS A 106 18.85 31.89 -13.40
CA LYS A 106 18.66 30.53 -13.87
C LYS A 106 18.10 29.56 -12.82
N THR A 107 17.13 28.75 -13.20
CA THR A 107 16.55 27.77 -12.29
C THR A 107 16.55 26.38 -12.92
N PRO A 108 17.02 25.37 -12.18
CA PRO A 108 17.08 24.00 -12.67
C PRO A 108 15.67 23.49 -12.94
N ILE A 109 15.50 22.74 -14.02
CA ILE A 109 14.18 22.19 -14.30
C ILE A 109 14.23 20.70 -14.61
N ALA A 110 13.07 20.05 -14.43
CA ALA A 110 12.88 18.63 -14.72
C ALA A 110 11.68 18.66 -15.64
N VAL A 111 11.72 17.86 -16.69
CA VAL A 111 10.62 17.80 -17.65
C VAL A 111 10.25 16.38 -18.05
N ARG A 112 8.97 16.17 -18.36
CA ARG A 112 8.49 14.86 -18.80
C ARG A 112 7.44 15.08 -19.89
N PHE A 113 7.70 14.50 -21.06
CA PHE A 113 6.80 14.58 -22.21
C PHE A 113 6.03 13.29 -22.15
N SER A 114 4.91 13.20 -22.88
CA SER A 114 4.10 12.00 -22.83
C SER A 114 2.89 12.02 -23.73
N THR A 115 2.32 10.84 -23.91
CA THR A 115 1.09 10.71 -24.69
C THR A 115 0.00 10.73 -23.62
N VAL A 116 -1.24 10.40 -23.99
CA VAL A 116 -2.31 10.45 -23.01
C VAL A 116 -3.04 9.16 -22.70
N ALA A 117 -3.65 8.56 -23.72
CA ALA A 117 -4.45 7.35 -23.51
C ALA A 117 -3.69 6.04 -23.36
N GLY A 118 -2.56 5.93 -24.04
CA GLY A 118 -1.78 4.70 -23.99
C GLY A 118 -1.21 4.36 -22.63
N GLU A 119 -1.12 3.07 -22.33
CA GLU A 119 -0.53 2.68 -21.06
C GLU A 119 0.99 2.50 -21.30
N SER A 120 1.71 2.18 -20.24
CA SER A 120 3.16 2.05 -20.29
C SER A 120 3.86 1.40 -21.47
N GLY A 121 3.19 0.54 -22.21
CA GLY A 121 3.89 -0.06 -23.33
C GLY A 121 3.45 0.39 -24.70
N SER A 122 2.61 1.42 -24.78
CA SER A 122 2.10 1.89 -26.07
C SER A 122 3.09 2.62 -26.95
N ALA A 123 2.68 2.90 -28.19
CA ALA A 123 3.53 3.58 -29.13
C ALA A 123 3.54 5.08 -28.93
N ASP A 124 4.71 5.68 -29.14
CA ASP A 124 4.86 7.12 -29.00
C ASP A 124 4.25 7.87 -30.18
N THR A 125 4.51 7.41 -31.38
CA THR A 125 4.00 8.07 -32.57
C THR A 125 2.56 7.72 -32.96
N VAL A 126 1.61 8.15 -32.13
CA VAL A 126 0.18 7.90 -32.35
C VAL A 126 -0.57 9.22 -32.15
N ARG A 127 -1.80 9.33 -32.65
CA ARG A 127 -2.53 10.58 -32.47
C ARG A 127 -2.96 10.70 -31.02
N ASP A 128 -2.68 11.87 -30.44
CA ASP A 128 -3.00 12.10 -29.04
C ASP A 128 -2.37 13.42 -28.62
N PRO A 129 -2.85 14.01 -27.54
CA PRO A 129 -2.23 15.26 -27.12
C PRO A 129 -0.87 14.82 -26.58
N ARG A 130 -0.08 15.75 -26.07
CA ARG A 130 1.23 15.41 -25.51
C ARG A 130 1.47 16.18 -24.23
N GLY A 131 1.75 15.47 -23.15
CA GLY A 131 2.03 16.16 -21.91
C GLY A 131 3.41 16.80 -22.00
N PHE A 132 3.55 18.01 -21.44
CA PHE A 132 4.80 18.75 -21.46
C PHE A 132 4.89 19.38 -20.07
N ALA A 133 5.17 18.55 -19.08
CA ALA A 133 5.26 19.01 -17.69
C ALA A 133 6.63 19.55 -17.34
N VAL A 134 6.65 20.69 -16.67
CA VAL A 134 7.91 21.32 -16.27
C VAL A 134 7.97 21.63 -14.79
N LYS A 135 9.01 21.13 -14.12
CA LYS A 135 9.18 21.40 -12.71
C LYS A 135 10.34 22.38 -12.55
N PHE A 136 10.05 23.55 -11.97
CA PHE A 136 11.07 24.56 -11.72
C PHE A 136 11.45 24.46 -10.24
N TYR A 137 12.68 24.08 -9.96
CA TYR A 137 13.11 23.96 -8.58
C TYR A 137 13.51 25.34 -8.04
N THR A 138 12.55 26.16 -7.61
CA THR A 138 12.87 27.51 -7.12
C THR A 138 13.14 27.62 -5.62
N GLU A 139 13.73 28.74 -5.22
CA GLU A 139 14.05 28.98 -3.82
C GLU A 139 12.77 29.16 -3.01
N ASP A 140 11.68 29.44 -3.72
CA ASP A 140 10.38 29.62 -3.08
C ASP A 140 9.62 28.30 -3.20
N GLY A 141 10.38 27.21 -3.32
CA GLY A 141 9.77 25.90 -3.44
C GLY A 141 9.58 25.57 -4.90
N ASN A 142 9.17 24.34 -5.17
CA ASN A 142 8.95 23.92 -6.54
C ASN A 142 7.76 24.57 -7.16
N TRP A 143 7.88 24.90 -8.44
CA TRP A 143 6.78 25.47 -9.17
C TRP A 143 6.57 24.45 -10.27
N ASP A 144 5.39 23.87 -10.30
CA ASP A 144 5.07 22.87 -11.31
C ASP A 144 4.14 23.41 -12.40
N LEU A 145 4.66 23.52 -13.61
CA LEU A 145 3.83 23.99 -14.70
C LEU A 145 3.50 22.75 -15.51
N VAL A 146 2.35 22.13 -15.21
CA VAL A 146 1.93 20.91 -15.91
C VAL A 146 1.12 21.18 -17.16
N GLY A 147 1.77 21.40 -18.29
CA GLY A 147 1.00 21.68 -19.49
C GLY A 147 1.14 20.68 -20.62
N ASN A 148 0.63 21.03 -21.81
CA ASN A 148 0.80 20.14 -22.94
C ASN A 148 0.87 20.87 -24.27
N ASN A 149 1.08 20.12 -25.35
CA ASN A 149 1.25 20.71 -26.68
C ASN A 149 0.05 21.46 -27.26
N THR A 150 -0.97 21.71 -26.45
CA THR A 150 -2.12 22.43 -26.94
C THR A 150 -2.54 23.48 -25.91
N PRO A 151 -3.03 24.63 -26.39
CA PRO A 151 -3.47 25.71 -25.51
C PRO A 151 -4.86 25.44 -24.95
N ILE A 152 -5.56 24.51 -25.57
CA ILE A 152 -6.92 24.20 -25.14
C ILE A 152 -7.15 22.73 -24.82
N PHE A 153 -8.38 22.41 -24.41
CA PHE A 153 -8.74 21.03 -24.09
C PHE A 153 -10.15 20.71 -24.58
N PHE A 154 -10.55 19.44 -24.48
CA PHE A 154 -11.85 18.95 -24.93
C PHE A 154 -13.03 19.33 -24.05
N ILE A 155 -12.79 19.51 -22.77
CA ILE A 155 -13.88 19.85 -21.85
C ILE A 155 -13.48 20.99 -20.93
N ARG A 156 -14.46 21.62 -20.31
CA ARG A 156 -14.16 22.73 -19.43
C ARG A 156 -14.68 22.59 -18.01
N ASP A 157 -15.08 21.39 -17.64
CA ASP A 157 -15.51 21.13 -16.27
C ASP A 157 -14.85 19.82 -15.85
N PRO A 158 -14.00 19.87 -14.82
CA PRO A 158 -13.26 18.73 -14.27
C PRO A 158 -14.07 17.47 -13.92
N ILE A 159 -15.37 17.62 -13.69
CA ILE A 159 -16.18 16.48 -13.32
C ILE A 159 -16.46 15.54 -14.50
N LEU A 160 -16.16 16.02 -15.71
CA LEU A 160 -16.35 15.23 -16.93
C LEU A 160 -15.07 14.51 -17.31
N PHE A 161 -13.97 14.88 -16.67
CA PHE A 161 -12.68 14.30 -17.01
C PHE A 161 -12.58 12.78 -16.95
N PRO A 162 -12.93 12.17 -15.79
CA PRO A 162 -12.86 10.72 -15.67
C PRO A 162 -13.67 10.00 -16.75
N SER A 163 -14.83 10.55 -17.11
CA SER A 163 -15.64 9.94 -18.14
C SER A 163 -14.94 10.09 -19.48
N PHE A 164 -14.38 11.27 -19.73
CA PHE A 164 -13.69 11.52 -20.98
C PHE A 164 -12.51 10.56 -21.12
N ILE A 165 -11.77 10.38 -20.04
CA ILE A 165 -10.62 9.49 -20.07
C ILE A 165 -11.10 8.06 -20.26
N HIS A 166 -12.18 7.71 -19.58
CA HIS A 166 -12.70 6.37 -19.73
C HIS A 166 -13.00 6.16 -21.21
N SER A 167 -13.80 7.04 -21.78
CA SER A 167 -14.18 6.93 -23.17
C SER A 167 -12.99 6.91 -24.10
N GLN A 168 -11.83 7.28 -23.59
CA GLN A 168 -10.62 7.31 -24.42
C GLN A 168 -9.79 6.04 -24.29
N LYS A 169 -10.09 5.25 -23.28
CA LYS A 169 -9.34 4.04 -23.06
C LYS A 169 -10.13 2.80 -23.45
N ARG A 170 -9.70 1.65 -22.95
CA ARG A 170 -10.33 0.39 -23.29
C ARG A 170 -11.76 0.12 -22.80
N ASN A 171 -12.49 -0.65 -23.60
CA ASN A 171 -13.86 -1.05 -23.27
C ASN A 171 -13.76 -1.86 -21.97
N PRO A 172 -14.60 -1.54 -20.96
CA PRO A 172 -14.54 -2.26 -19.69
C PRO A 172 -14.67 -3.77 -19.76
N GLN A 173 -15.25 -4.28 -20.85
CA GLN A 173 -15.41 -5.73 -21.00
C GLN A 173 -14.43 -6.40 -21.94
N THR A 174 -14.33 -5.91 -23.17
CA THR A 174 -13.43 -6.51 -24.14
C THR A 174 -12.00 -6.05 -23.93
N HIS A 175 -11.82 -4.91 -23.27
CA HIS A 175 -10.50 -4.37 -23.01
C HIS A 175 -9.87 -3.92 -24.33
N LEU A 176 -10.70 -3.35 -25.21
CA LEU A 176 -10.23 -2.90 -26.50
C LEU A 176 -10.56 -1.44 -26.73
N LYS A 177 -9.74 -0.77 -27.54
CA LYS A 177 -9.97 0.63 -27.88
C LYS A 177 -11.36 0.60 -28.52
N ASP A 178 -12.26 1.48 -28.07
CA ASP A 178 -13.64 1.47 -28.58
C ASP A 178 -14.13 2.80 -29.17
N PRO A 179 -14.26 2.86 -30.49
CA PRO A 179 -14.71 4.03 -31.26
C PRO A 179 -16.08 4.56 -30.86
N ASP A 180 -16.97 3.71 -30.37
CA ASP A 180 -18.29 4.20 -29.95
C ASP A 180 -18.10 5.05 -28.71
N MET A 181 -17.26 4.57 -27.80
CA MET A 181 -17.01 5.29 -26.56
C MET A 181 -16.35 6.63 -26.84
N VAL A 182 -15.41 6.64 -27.78
CA VAL A 182 -14.74 7.86 -28.15
C VAL A 182 -15.72 8.89 -28.71
N TRP A 183 -16.52 8.49 -29.70
CA TRP A 183 -17.46 9.40 -30.33
C TRP A 183 -18.82 9.58 -29.69
N ASP A 184 -19.26 8.63 -28.89
CA ASP A 184 -20.53 8.85 -28.25
C ASP A 184 -20.32 10.01 -27.28
N PHE A 185 -19.17 10.03 -26.63
CA PHE A 185 -18.86 11.09 -25.67
C PHE A 185 -18.65 12.46 -26.32
N TRP A 186 -17.81 12.50 -27.35
CA TRP A 186 -17.53 13.76 -28.03
C TRP A 186 -18.75 14.34 -28.73
N SER A 187 -19.68 13.47 -29.15
CA SER A 187 -20.87 13.95 -29.84
C SER A 187 -21.89 14.48 -28.84
N LEU A 188 -21.94 13.89 -27.66
CA LEU A 188 -22.88 14.35 -26.65
C LEU A 188 -22.31 15.59 -25.97
N ARG A 189 -21.02 15.82 -26.15
CA ARG A 189 -20.37 16.99 -25.55
C ARG A 189 -19.58 17.74 -26.64
N PRO A 190 -20.28 18.55 -27.45
CA PRO A 190 -19.71 19.34 -28.53
C PRO A 190 -18.71 20.42 -28.12
N GLU A 191 -18.63 20.72 -26.82
CA GLU A 191 -17.66 21.72 -26.38
C GLU A 191 -16.29 21.18 -26.76
N SER A 192 -16.24 19.89 -27.11
CA SER A 192 -15.01 19.24 -27.49
C SER A 192 -14.52 19.61 -28.89
N LEU A 193 -15.39 20.20 -29.71
CA LEU A 193 -15.03 20.55 -31.09
C LEU A 193 -13.66 21.21 -31.31
N HIS A 194 -13.39 22.29 -30.58
CA HIS A 194 -12.13 23.00 -30.75
C HIS A 194 -10.89 22.12 -30.63
N GLN A 195 -10.69 21.52 -29.46
CA GLN A 195 -9.52 20.68 -29.24
C GLN A 195 -9.52 19.45 -30.16
N VAL A 196 -10.70 19.04 -30.60
CA VAL A 196 -10.79 17.89 -31.50
C VAL A 196 -10.29 18.28 -32.88
N SER A 197 -10.58 19.51 -33.29
CA SER A 197 -10.13 19.99 -34.59
C SER A 197 -8.61 20.10 -34.55
N PHE A 198 -8.08 20.54 -33.41
CA PHE A 198 -6.64 20.67 -33.26
C PHE A 198 -5.97 19.29 -33.23
N LEU A 199 -6.54 18.36 -32.46
CA LEU A 199 -6.00 17.01 -32.33
C LEU A 199 -5.94 16.22 -33.63
N PHE A 200 -6.96 16.37 -34.47
CA PHE A 200 -6.96 15.63 -35.73
C PHE A 200 -6.27 16.36 -36.85
N SER A 201 -5.61 17.47 -36.55
CA SER A 201 -4.88 18.24 -37.55
C SER A 201 -3.44 17.74 -37.54
N ASP A 202 -2.60 18.28 -38.42
CA ASP A 202 -1.20 17.88 -38.48
C ASP A 202 -0.56 17.87 -37.09
N ARG A 203 -0.84 18.91 -36.30
CA ARG A 203 -0.25 18.99 -34.96
C ARG A 203 -0.60 17.79 -34.07
N GLY A 204 -1.43 16.89 -34.59
CA GLY A 204 -1.85 15.73 -33.82
C GLY A 204 -0.76 14.70 -33.56
N ILE A 205 0.28 14.72 -34.38
CA ILE A 205 1.35 13.78 -34.21
C ILE A 205 2.70 14.43 -34.47
N PRO A 206 3.16 15.24 -33.51
CA PRO A 206 4.44 15.96 -33.60
C PRO A 206 5.58 14.97 -33.81
N ASP A 207 6.56 15.36 -34.61
CA ASP A 207 7.70 14.49 -34.88
C ASP A 207 8.64 14.48 -33.68
N GLY A 208 8.20 13.82 -32.61
CA GLY A 208 9.03 13.79 -31.42
C GLY A 208 8.69 14.97 -30.55
N HIS A 209 9.20 14.95 -29.32
CA HIS A 209 8.94 16.00 -28.36
C HIS A 209 9.59 17.34 -28.65
N ARG A 210 10.77 17.33 -29.24
CA ARG A 210 11.50 18.56 -29.52
C ARG A 210 10.90 19.47 -30.60
N HIS A 211 10.02 18.95 -31.43
CA HIS A 211 9.43 19.75 -32.48
C HIS A 211 7.97 20.13 -32.27
N MET A 212 7.60 20.37 -31.01
CA MET A 212 6.24 20.78 -30.65
C MET A 212 6.31 21.91 -29.61
N ASN A 213 5.24 22.69 -29.48
CA ASN A 213 5.20 23.78 -28.51
C ASN A 213 4.63 23.28 -27.17
N GLY A 214 4.81 24.08 -26.12
CA GLY A 214 4.30 23.73 -24.81
C GLY A 214 3.36 24.84 -24.34
N TYR A 215 2.27 24.48 -23.68
CA TYR A 215 1.33 25.49 -23.21
C TYR A 215 0.88 25.25 -21.78
N GLY A 216 0.57 26.31 -21.06
CA GLY A 216 0.08 26.14 -19.71
C GLY A 216 -1.40 25.84 -19.88
N SER A 217 -1.91 26.16 -21.07
CA SER A 217 -3.31 25.93 -21.40
C SER A 217 -4.24 26.80 -20.55
N HIS A 218 -4.30 26.48 -19.26
CA HIS A 218 -5.14 27.20 -18.33
C HIS A 218 -4.75 28.65 -18.23
N THR A 219 -5.71 29.47 -17.78
CA THR A 219 -5.46 30.87 -17.54
C THR A 219 -5.02 30.87 -16.08
N PHE A 220 -3.93 31.59 -15.77
CA PHE A 220 -3.40 31.68 -14.42
C PHE A 220 -3.40 33.12 -13.93
N LYS A 221 -2.94 33.32 -12.71
CA LYS A 221 -2.88 34.66 -12.14
C LYS A 221 -1.45 35.01 -11.68
N LEU A 222 -1.00 36.21 -12.00
CA LEU A 222 0.32 36.65 -11.58
C LEU A 222 0.12 37.79 -10.59
N VAL A 223 0.93 37.83 -9.54
CA VAL A 223 0.81 38.89 -8.55
C VAL A 223 2.15 39.59 -8.34
N ASN A 224 2.17 40.93 -8.44
CA ASN A 224 3.45 41.63 -8.25
C ASN A 224 3.66 42.03 -6.79
N ALA A 225 4.83 42.60 -6.51
CA ALA A 225 5.21 43.00 -5.17
C ALA A 225 4.25 44.00 -4.52
N ASN A 226 3.46 44.69 -5.34
CA ASN A 226 2.50 45.67 -4.84
C ASN A 226 1.15 45.07 -4.48
N GLY A 227 0.93 43.81 -4.85
CA GLY A 227 -0.33 43.16 -4.55
C GLY A 227 -1.29 43.23 -5.72
N GLU A 228 -0.85 43.87 -6.79
CA GLU A 228 -1.67 44.03 -7.98
C GLU A 228 -1.63 42.69 -8.75
N ALA A 229 -2.75 42.30 -9.34
CA ALA A 229 -2.81 41.05 -10.07
C ALA A 229 -3.26 41.17 -11.53
N VAL A 230 -2.86 40.22 -12.37
CA VAL A 230 -3.24 40.15 -13.78
C VAL A 230 -3.44 38.68 -14.13
N TYR A 231 -4.12 38.39 -15.24
CA TYR A 231 -4.33 37.01 -15.65
C TYR A 231 -3.32 36.71 -16.74
N CYS A 232 -2.97 35.44 -16.90
CA CYS A 232 -2.00 35.08 -17.92
C CYS A 232 -2.15 33.70 -18.53
N LYS A 233 -1.39 33.50 -19.59
CA LYS A 233 -1.30 32.25 -20.32
C LYS A 233 0.20 32.01 -20.41
N PHE A 234 0.64 30.77 -20.18
CA PHE A 234 2.05 30.47 -20.29
C PHE A 234 2.23 29.81 -21.66
N HIS A 235 3.35 30.12 -22.32
CA HIS A 235 3.65 29.56 -23.63
C HIS A 235 5.13 29.28 -23.72
N TYR A 236 5.50 28.17 -24.34
CA TYR A 236 6.91 27.88 -24.57
C TYR A 236 7.06 27.28 -25.95
N LYS A 237 7.40 28.15 -26.91
CA LYS A 237 7.56 27.75 -28.31
C LYS A 237 8.89 27.03 -28.56
N THR A 238 8.82 25.99 -29.38
CA THR A 238 10.00 25.21 -29.71
C THR A 238 10.98 25.97 -30.58
N ASP A 239 12.24 26.01 -30.16
CA ASP A 239 13.26 26.70 -30.92
C ASP A 239 13.70 25.79 -32.05
N GLN A 240 13.35 24.51 -31.95
CA GLN A 240 13.71 23.56 -33.00
C GLN A 240 12.69 23.59 -34.12
N GLY A 241 11.67 24.43 -33.98
CA GLY A 241 10.64 24.54 -35.01
C GLY A 241 9.60 23.45 -34.98
N ILE A 242 8.38 23.78 -35.39
CA ILE A 242 7.30 22.80 -35.42
C ILE A 242 7.51 21.77 -36.52
N LYS A 243 7.37 20.49 -36.17
CA LYS A 243 7.51 19.43 -37.17
C LYS A 243 6.56 18.31 -36.78
N ASN A 244 5.81 17.82 -37.76
CA ASN A 244 4.84 16.76 -37.51
C ASN A 244 5.11 15.55 -38.40
N LEU A 245 4.53 14.42 -38.00
CA LEU A 245 4.66 13.16 -38.73
C LEU A 245 3.36 12.88 -39.46
N SER A 246 3.45 12.37 -40.68
CA SER A 246 2.25 12.03 -41.44
C SER A 246 1.68 10.77 -40.80
N VAL A 247 0.39 10.51 -40.98
CA VAL A 247 -0.21 9.34 -40.38
C VAL A 247 0.54 8.08 -40.83
N GLU A 248 0.93 8.04 -42.11
CA GLU A 248 1.64 6.89 -42.64
C GLU A 248 2.94 6.66 -41.86
N ASP A 249 3.73 7.72 -41.72
CA ASP A 249 4.99 7.65 -40.99
C ASP A 249 4.74 7.22 -39.56
N ALA A 250 3.78 7.89 -38.93
CA ALA A 250 3.40 7.60 -37.55
C ALA A 250 3.13 6.12 -37.39
N ALA A 251 2.36 5.57 -38.30
CA ALA A 251 2.02 4.16 -38.28
C ALA A 251 3.28 3.33 -38.40
N ARG A 252 4.03 3.56 -39.48
CA ARG A 252 5.27 2.81 -39.69
C ARG A 252 6.08 2.80 -38.41
N LEU A 253 6.27 3.97 -37.81
CA LEU A 253 7.07 4.05 -36.60
C LEU A 253 6.47 3.37 -35.36
N SER A 254 5.15 3.42 -35.21
CA SER A 254 4.50 2.79 -34.05
C SER A 254 4.82 1.29 -34.10
N GLN A 255 5.13 0.84 -35.31
CA GLN A 255 5.47 -0.55 -35.58
C GLN A 255 6.97 -0.72 -35.35
N GLU A 256 7.75 -0.03 -36.19
CA GLU A 256 9.19 -0.09 -36.12
C GLU A 256 9.82 0.35 -34.80
N ASP A 257 9.30 1.40 -34.19
CA ASP A 257 9.87 1.87 -32.93
C ASP A 257 8.85 2.51 -32.03
N PRO A 258 8.24 1.72 -31.15
CA PRO A 258 7.21 2.21 -30.21
C PRO A 258 7.75 3.28 -29.29
N ASP A 259 9.07 3.32 -29.13
CA ASP A 259 9.65 4.31 -28.24
C ASP A 259 10.44 5.37 -28.99
N TYR A 260 9.93 5.73 -30.17
CA TYR A 260 10.56 6.75 -30.99
C TYR A 260 10.81 8.00 -30.19
N GLY A 261 9.74 8.61 -29.67
CA GLY A 261 9.88 9.82 -28.90
C GLY A 261 10.91 9.77 -27.80
N ILE A 262 11.12 8.61 -27.21
CA ILE A 262 12.11 8.51 -26.13
C ILE A 262 13.53 8.55 -26.66
N ARG A 263 13.79 7.73 -27.67
CA ARG A 263 15.11 7.65 -28.29
C ARG A 263 15.54 9.00 -28.87
N ASP A 264 14.64 9.66 -29.58
CA ASP A 264 14.92 10.96 -30.19
C ASP A 264 15.36 12.01 -29.17
N LEU A 265 14.59 12.14 -28.09
CA LEU A 265 14.92 13.11 -27.06
C LEU A 265 16.27 12.74 -26.45
N PHE A 266 16.37 11.50 -26.00
CA PHE A 266 17.61 11.03 -25.40
C PHE A 266 18.83 11.22 -26.31
N ASN A 267 18.73 10.83 -27.58
CA ASN A 267 19.90 10.96 -28.42
C ASN A 267 20.32 12.39 -28.60
N ALA A 268 19.36 13.29 -28.81
CA ALA A 268 19.69 14.70 -28.98
C ALA A 268 20.54 15.17 -27.82
N ILE A 269 20.04 15.00 -26.61
CA ILE A 269 20.78 15.44 -25.44
C ILE A 269 22.10 14.70 -25.29
N ALA A 270 22.11 13.42 -25.62
CA ALA A 270 23.33 12.65 -25.50
C ALA A 270 24.45 13.17 -26.38
N THR A 271 24.08 13.72 -27.54
CA THR A 271 25.05 14.26 -28.49
C THR A 271 25.21 15.77 -28.38
N GLY A 272 24.59 16.36 -27.36
CA GLY A 272 24.73 17.79 -27.20
C GLY A 272 23.69 18.63 -27.90
N LYS A 273 22.92 18.08 -28.85
CA LYS A 273 21.89 18.88 -29.52
C LYS A 273 20.80 19.19 -28.49
N TYR A 274 21.14 19.99 -27.48
CA TYR A 274 20.18 20.34 -26.44
C TYR A 274 18.97 21.09 -26.96
N PRO A 275 17.76 20.58 -26.68
CA PRO A 275 16.57 21.26 -27.16
C PRO A 275 16.23 22.43 -26.22
N SER A 276 15.63 23.48 -26.78
CA SER A 276 15.26 24.64 -25.98
C SER A 276 13.88 25.14 -26.37
N TRP A 277 13.35 26.04 -25.56
CA TRP A 277 12.04 26.63 -25.79
C TRP A 277 12.04 28.10 -25.30
N THR A 278 11.43 28.98 -26.08
CA THR A 278 11.34 30.38 -25.71
C THR A 278 10.05 30.49 -24.90
N PHE A 279 10.18 30.96 -23.67
CA PHE A 279 9.07 31.08 -22.75
C PHE A 279 8.43 32.46 -22.80
N TYR A 280 7.12 32.52 -23.10
CA TYR A 280 6.41 33.78 -23.16
C TYR A 280 5.16 33.72 -22.27
N ILE A 281 4.52 34.87 -22.09
CA ILE A 281 3.28 34.95 -21.34
C ILE A 281 2.38 35.92 -22.07
N GLN A 282 1.07 35.68 -21.98
CA GLN A 282 0.09 36.59 -22.56
C GLN A 282 -0.52 37.19 -21.31
N VAL A 283 -0.78 38.48 -21.32
CA VAL A 283 -1.36 39.11 -20.14
C VAL A 283 -2.75 39.67 -20.44
N MET A 284 -3.62 39.57 -19.45
CA MET A 284 -4.98 40.08 -19.57
C MET A 284 -5.33 40.71 -18.23
N THR A 285 -5.49 42.04 -18.20
CA THR A 285 -5.83 42.74 -16.97
C THR A 285 -7.23 42.33 -16.53
N PHE A 286 -7.58 42.61 -15.28
CA PHE A 286 -8.91 42.24 -14.82
C PHE A 286 -9.98 43.02 -15.58
N ASN A 287 -9.67 44.25 -16.00
CA ASN A 287 -10.64 45.01 -16.77
C ASN A 287 -10.92 44.27 -18.06
N GLN A 288 -9.84 43.88 -18.74
CA GLN A 288 -9.94 43.16 -20.01
C GLN A 288 -10.68 41.84 -19.83
N ALA A 289 -10.48 41.25 -18.66
CA ALA A 289 -11.13 39.97 -18.34
C ALA A 289 -12.65 40.08 -18.40
N GLU A 290 -13.18 41.24 -17.98
CA GLU A 290 -14.63 41.46 -17.98
C GLU A 290 -15.15 41.64 -19.40
N THR A 291 -14.45 42.43 -20.19
CA THR A 291 -14.88 42.70 -21.55
C THR A 291 -14.71 41.50 -22.48
N PHE A 292 -13.89 40.52 -22.09
CA PHE A 292 -13.67 39.35 -22.96
C PHE A 292 -14.98 38.73 -23.47
N PRO A 293 -15.07 38.45 -24.79
CA PRO A 293 -16.20 37.87 -25.51
C PRO A 293 -16.69 36.53 -24.99
N PHE A 294 -15.75 35.76 -24.43
CA PHE A 294 -16.04 34.44 -23.87
C PHE A 294 -15.69 34.45 -22.39
N ASN A 295 -15.66 33.27 -21.80
CA ASN A 295 -15.26 33.16 -20.41
C ASN A 295 -13.74 33.01 -20.47
N PRO A 296 -13.00 34.02 -19.99
CA PRO A 296 -11.53 33.95 -20.01
C PRO A 296 -10.91 32.75 -19.25
N PHE A 297 -11.74 31.99 -18.53
CA PHE A 297 -11.25 30.85 -17.79
C PHE A 297 -11.82 29.55 -18.35
N ASP A 298 -12.34 29.65 -19.57
CA ASP A 298 -12.92 28.51 -20.25
C ASP A 298 -11.73 27.81 -20.92
N LEU A 299 -11.48 26.56 -20.54
CA LEU A 299 -10.35 25.82 -21.10
C LEU A 299 -10.48 25.53 -22.60
N THR A 300 -11.68 25.64 -23.16
CA THR A 300 -11.85 25.39 -24.59
C THR A 300 -11.58 26.63 -25.45
N LYS A 301 -11.04 27.68 -24.85
CA LYS A 301 -10.77 28.89 -25.60
C LYS A 301 -9.41 29.53 -25.44
N VAL A 302 -8.98 30.18 -26.52
CA VAL A 302 -7.70 30.86 -26.55
C VAL A 302 -7.87 32.36 -26.42
N TRP A 303 -6.76 33.05 -26.19
CA TRP A 303 -6.76 34.50 -26.12
C TRP A 303 -6.05 34.86 -27.43
N PRO A 304 -6.77 35.46 -28.40
CA PRO A 304 -6.13 35.82 -29.68
C PRO A 304 -4.84 36.64 -29.55
N HIS A 305 -3.78 36.11 -30.14
CA HIS A 305 -2.45 36.74 -30.12
C HIS A 305 -2.55 38.19 -30.58
N LYS A 306 -3.48 38.44 -31.48
CA LYS A 306 -3.72 39.76 -32.06
C LYS A 306 -4.14 40.76 -31.00
N ASP A 307 -4.93 40.29 -30.04
CA ASP A 307 -5.43 41.18 -29.00
C ASP A 307 -4.60 41.07 -27.71
N TYR A 308 -3.93 39.94 -27.52
CA TYR A 308 -3.10 39.71 -26.33
C TYR A 308 -1.81 39.05 -26.79
N PRO A 309 -0.82 39.87 -27.22
CA PRO A 309 0.48 39.40 -27.69
C PRO A 309 1.38 38.74 -26.65
N LEU A 310 2.20 37.80 -27.11
CA LEU A 310 3.13 37.08 -26.26
C LEU A 310 4.23 38.02 -25.78
N ILE A 311 4.54 37.97 -24.49
CA ILE A 311 5.61 38.78 -23.96
C ILE A 311 6.74 37.81 -23.67
N PRO A 312 7.94 38.06 -24.22
CA PRO A 312 9.08 37.16 -23.99
C PRO A 312 9.43 37.18 -22.50
N VAL A 313 9.81 36.02 -21.96
CA VAL A 313 10.15 35.94 -20.55
C VAL A 313 11.50 35.29 -20.32
N GLY A 314 11.65 34.06 -20.81
CA GLY A 314 12.90 33.36 -20.62
C GLY A 314 13.14 32.25 -21.61
N LYS A 315 13.89 31.26 -21.17
CA LYS A 315 14.24 30.12 -22.00
C LYS A 315 14.27 28.81 -21.23
N LEU A 316 13.81 27.75 -21.88
CA LEU A 316 13.82 26.42 -21.30
C LEU A 316 14.84 25.63 -22.11
N VAL A 317 15.77 25.01 -21.40
CA VAL A 317 16.85 24.24 -22.02
C VAL A 317 17.02 22.91 -21.32
N LEU A 318 16.99 21.84 -22.10
CA LEU A 318 17.15 20.50 -21.53
C LEU A 318 18.53 20.00 -21.94
N ASN A 319 19.43 19.88 -20.96
CA ASN A 319 20.80 19.45 -21.23
C ASN A 319 21.34 18.22 -20.52
N ARG A 320 20.48 17.40 -19.93
CA ARG A 320 20.90 16.19 -19.25
C ARG A 320 19.82 15.10 -19.27
N ASN A 321 20.17 13.93 -19.75
CA ASN A 321 19.22 12.81 -19.79
C ASN A 321 19.21 12.14 -18.42
N PRO A 322 18.20 11.30 -18.16
CA PRO A 322 18.20 10.63 -16.85
C PRO A 322 19.29 9.57 -16.81
N VAL A 323 19.73 9.22 -15.62
CA VAL A 323 20.75 8.21 -15.46
C VAL A 323 20.05 6.86 -15.18
N ASN A 324 18.95 6.93 -14.46
CA ASN A 324 18.12 5.77 -14.13
C ASN A 324 16.70 6.25 -14.39
N TYR A 325 16.06 5.73 -15.43
CA TYR A 325 14.73 6.15 -15.81
C TYR A 325 13.66 5.99 -14.74
N PHE A 326 13.58 4.80 -14.14
CA PHE A 326 12.58 4.55 -13.12
C PHE A 326 12.64 5.55 -11.97
N ALA A 327 13.84 5.94 -11.58
CA ALA A 327 14.00 6.86 -10.46
C ALA A 327 13.80 8.33 -10.78
N GLU A 328 14.16 8.73 -12.00
CA GLU A 328 14.04 10.13 -12.36
C GLU A 328 12.88 10.49 -13.23
N VAL A 329 12.31 9.51 -13.93
CA VAL A 329 11.19 9.79 -14.80
C VAL A 329 9.90 9.12 -14.30
N GLU A 330 9.90 7.79 -14.24
CA GLU A 330 8.70 7.09 -13.80
C GLU A 330 8.21 7.63 -12.46
N GLN A 331 9.12 7.75 -11.49
CA GLN A 331 8.77 8.23 -10.17
C GLN A 331 8.54 9.74 -10.04
N ILE A 332 8.82 10.52 -11.09
CA ILE A 332 8.62 11.96 -10.95
C ILE A 332 7.17 12.32 -10.78
N ALA A 333 6.93 13.45 -10.12
CA ALA A 333 5.57 13.90 -9.87
C ALA A 333 5.37 15.41 -9.94
N PHE A 334 4.50 15.86 -10.85
CA PHE A 334 4.22 17.28 -10.95
C PHE A 334 2.83 17.56 -10.38
N ASP A 335 2.69 18.61 -9.58
CA ASP A 335 1.39 18.97 -9.01
C ASP A 335 1.04 20.38 -9.41
N PRO A 336 0.01 20.57 -10.25
CA PRO A 336 -0.35 21.94 -10.64
C PRO A 336 -0.48 22.87 -9.42
N SER A 337 -0.85 22.33 -8.28
CA SER A 337 -1.01 23.17 -7.09
C SER A 337 0.31 23.66 -6.54
N ASN A 338 1.42 23.22 -7.12
CA ASN A 338 2.74 23.66 -6.69
C ASN A 338 3.05 24.99 -7.38
N MET A 339 2.71 26.08 -6.71
CA MET A 339 2.92 27.42 -7.24
C MET A 339 3.47 28.29 -6.12
N PRO A 340 4.57 29.00 -6.39
CA PRO A 340 5.23 29.88 -5.43
C PRO A 340 4.59 31.25 -5.47
N PRO A 341 4.89 32.09 -4.47
CA PRO A 341 4.34 33.45 -4.40
C PRO A 341 4.60 34.22 -5.71
N GLY A 342 3.58 34.90 -6.22
CA GLY A 342 3.74 35.62 -7.47
C GLY A 342 3.01 34.88 -8.58
N ILE A 343 2.67 33.62 -8.30
CA ILE A 343 1.96 32.75 -9.23
C ILE A 343 0.81 32.06 -8.48
N GLU A 344 -0.41 32.29 -8.95
CA GLU A 344 -1.59 31.69 -8.33
C GLU A 344 -2.55 31.14 -9.39
N ALA A 345 -3.59 30.45 -8.92
CA ALA A 345 -4.56 29.85 -9.80
C ALA A 345 -5.67 30.81 -10.18
N SER A 346 -6.27 30.57 -11.34
CA SER A 346 -7.38 31.39 -11.77
C SER A 346 -8.59 30.52 -11.45
N PRO A 347 -9.80 31.07 -11.63
CA PRO A 347 -11.01 30.28 -11.35
C PRO A 347 -11.42 29.19 -12.36
N ASP A 348 -10.58 28.93 -13.38
CA ASP A 348 -10.85 27.90 -14.39
C ASP A 348 -11.28 26.61 -13.68
N LYS A 349 -12.51 26.16 -13.92
CA LYS A 349 -13.00 24.96 -13.24
C LYS A 349 -12.05 23.76 -13.42
N MET A 350 -11.50 23.61 -14.63
CA MET A 350 -10.58 22.49 -14.87
C MET A 350 -9.35 22.61 -13.96
N LEU A 351 -8.64 23.73 -14.08
CA LEU A 351 -7.45 23.95 -13.27
C LEU A 351 -7.82 23.72 -11.80
N GLN A 352 -8.95 24.26 -11.40
CA GLN A 352 -9.41 24.12 -10.03
C GLN A 352 -9.43 22.68 -9.54
N GLY A 353 -9.95 21.78 -10.37
CA GLY A 353 -10.01 20.39 -9.96
C GLY A 353 -8.64 19.72 -9.94
N ARG A 354 -7.77 20.14 -10.86
CA ARG A 354 -6.44 19.57 -10.94
C ARG A 354 -5.65 19.90 -9.69
N LEU A 355 -6.04 20.99 -9.03
CA LEU A 355 -5.36 21.39 -7.81
C LEU A 355 -5.46 20.25 -6.79
N PHE A 356 -6.52 19.47 -6.87
CA PHE A 356 -6.70 18.38 -5.94
C PHE A 356 -6.23 17.03 -6.46
N ALA A 357 -6.60 16.73 -7.70
CA ALA A 357 -6.30 15.45 -8.30
C ALA A 357 -4.86 14.95 -8.33
N TYR A 358 -3.90 15.83 -8.55
CA TYR A 358 -2.53 15.39 -8.63
C TYR A 358 -1.89 14.94 -7.31
N PRO A 359 -1.84 15.82 -6.32
CA PRO A 359 -1.22 15.36 -5.07
C PRO A 359 -1.95 14.13 -4.53
N ASP A 360 -3.22 14.01 -4.90
CA ASP A 360 -4.04 12.89 -4.48
C ASP A 360 -3.60 11.59 -5.15
N THR A 361 -3.57 11.62 -6.48
CA THR A 361 -3.16 10.45 -7.22
C THR A 361 -1.69 10.14 -6.90
N HIS A 362 -0.89 11.18 -6.61
CA HIS A 362 0.52 10.94 -6.30
C HIS A 362 0.69 10.22 -4.98
N ARG A 363 -0.17 10.51 -4.01
CA ARG A 363 -0.05 9.83 -2.74
C ARG A 363 -0.42 8.35 -2.94
N HIS A 364 -1.15 8.07 -4.01
CA HIS A 364 -1.55 6.70 -4.31
C HIS A 364 -0.52 5.98 -5.17
N ARG A 365 -0.10 6.59 -6.28
CA ARG A 365 0.87 5.99 -7.19
C ARG A 365 2.27 5.87 -6.56
N LEU A 366 2.70 6.91 -5.88
CA LEU A 366 4.02 6.91 -5.26
C LEU A 366 3.98 6.65 -3.77
N GLY A 367 3.09 7.32 -3.05
CA GLY A 367 3.01 7.11 -1.62
C GLY A 367 2.98 8.39 -0.81
N PRO A 368 2.49 8.34 0.44
CA PRO A 368 2.41 9.53 1.30
C PRO A 368 3.59 10.49 1.21
N ASN A 369 4.82 9.99 1.19
CA ASN A 369 6.00 10.85 1.12
C ASN A 369 6.67 10.93 -0.27
N TYR A 370 5.87 10.89 -1.33
CA TYR A 370 6.44 10.96 -2.68
C TYR A 370 7.29 12.21 -2.89
N LEU A 371 7.11 13.21 -2.03
CA LEU A 371 7.89 14.44 -2.19
C LEU A 371 9.32 14.28 -1.67
N HIS A 372 9.61 13.14 -1.03
CA HIS A 372 10.94 12.85 -0.51
C HIS A 372 11.77 12.21 -1.61
N ILE A 373 11.09 11.64 -2.61
CA ILE A 373 11.84 11.05 -3.70
C ILE A 373 12.71 12.18 -4.25
N PRO A 374 14.00 11.92 -4.44
CA PRO A 374 14.88 12.97 -4.97
C PRO A 374 14.38 13.88 -6.09
N VAL A 375 13.90 13.34 -7.22
CA VAL A 375 13.48 14.26 -8.28
C VAL A 375 12.32 15.16 -7.92
N ASN A 376 11.63 14.81 -6.84
CA ASN A 376 10.46 15.58 -6.42
C ASN A 376 10.74 16.55 -5.27
N CYS A 377 11.86 16.35 -4.59
CA CYS A 377 12.22 17.18 -3.44
C CYS A 377 12.53 18.62 -3.84
N PRO A 378 11.98 19.60 -3.12
CA PRO A 378 12.28 20.98 -3.47
C PRO A 378 13.62 21.29 -2.81
N TYR A 379 14.69 20.81 -3.43
CA TYR A 379 16.03 20.93 -2.86
C TYR A 379 16.66 22.32 -2.81
N ARG A 380 16.20 23.23 -3.65
CA ARG A 380 16.76 24.58 -3.61
C ARG A 380 15.92 25.46 -2.69
N ALA A 381 15.02 24.82 -1.97
CA ALA A 381 14.14 25.50 -1.02
C ALA A 381 14.42 24.90 0.37
N ARG A 382 14.01 25.58 1.42
CA ARG A 382 14.23 25.05 2.74
C ARG A 382 12.88 24.69 3.35
N VAL A 383 12.52 23.42 3.18
CA VAL A 383 11.25 22.92 3.67
C VAL A 383 11.29 22.83 5.19
N ALA A 384 10.26 23.38 5.82
CA ALA A 384 10.11 23.35 7.27
C ALA A 384 8.64 23.52 7.59
N ASN A 385 8.10 22.62 8.39
CA ASN A 385 6.70 22.68 8.79
C ASN A 385 6.37 21.75 9.94
N TYR A 386 5.07 21.49 10.13
CA TYR A 386 4.62 20.66 11.24
C TYR A 386 4.08 19.31 10.80
N GLN A 387 4.49 18.88 9.62
CA GLN A 387 4.09 17.60 9.08
C GLN A 387 5.11 16.58 9.57
N ARG A 388 4.68 15.34 9.81
CA ARG A 388 5.60 14.32 10.31
C ARG A 388 5.18 12.90 9.93
N ASP A 389 6.07 11.95 10.19
CA ASP A 389 5.83 10.53 9.94
C ASP A 389 5.34 10.14 8.55
N GLY A 390 4.56 9.05 8.50
CA GLY A 390 4.04 8.54 7.25
C GLY A 390 4.90 7.40 6.73
N PRO A 391 4.35 6.52 5.86
CA PRO A 391 5.08 5.38 5.29
C PRO A 391 6.38 5.84 4.66
N MET A 392 7.46 5.13 4.95
CA MET A 392 8.75 5.46 4.37
C MET A 392 9.26 6.90 4.61
N CYS A 393 9.33 7.34 5.86
CA CYS A 393 9.85 8.67 6.14
C CYS A 393 11.35 8.54 5.91
N MET A 394 11.84 9.23 4.88
CA MET A 394 13.25 9.15 4.49
C MET A 394 14.24 10.14 5.06
N GLN A 395 13.79 11.12 5.81
CA GLN A 395 14.74 12.07 6.36
C GLN A 395 14.92 11.89 7.86
N ASP A 396 15.30 12.96 8.52
CA ASP A 396 15.49 12.95 9.95
C ASP A 396 14.11 13.27 10.54
N ASN A 397 13.12 13.38 9.65
CA ASN A 397 11.72 13.69 10.02
C ASN A 397 11.66 14.97 10.86
N GLN A 398 12.53 15.91 10.52
CA GLN A 398 12.64 17.20 11.21
C GLN A 398 13.02 17.08 12.70
N GLY A 399 13.79 16.02 13.00
CA GLY A 399 14.26 15.79 14.36
C GLY A 399 13.25 15.90 15.47
N GLY A 400 13.58 16.70 16.49
CA GLY A 400 12.69 16.87 17.62
C GLY A 400 11.98 18.22 17.65
N ALA A 401 12.13 18.99 16.59
CA ALA A 401 11.47 20.30 16.52
C ALA A 401 10.00 20.23 16.96
N PRO A 402 9.48 21.34 17.49
CA PRO A 402 8.08 21.36 17.94
C PRO A 402 7.20 20.95 16.76
N ASN A 403 6.33 19.97 16.97
CA ASN A 403 5.50 19.53 15.86
C ASN A 403 4.09 20.11 15.86
N TYR A 404 3.89 21.22 16.55
CA TYR A 404 2.58 21.87 16.61
C TYR A 404 2.73 23.37 16.43
N TYR A 405 1.70 23.97 15.84
CA TYR A 405 1.71 25.39 15.57
C TYR A 405 0.39 25.94 16.08
N PRO A 406 0.43 27.06 16.79
CA PRO A 406 1.64 27.82 17.13
C PRO A 406 2.36 27.15 18.28
N ASN A 407 3.58 27.60 18.56
CA ASN A 407 4.34 27.06 19.67
C ASN A 407 5.24 28.15 20.23
N SER A 408 5.70 27.97 21.46
CA SER A 408 6.56 28.95 22.08
C SER A 408 8.01 28.51 22.05
N PHE A 409 8.37 27.68 21.07
CA PHE A 409 9.73 27.16 20.99
C PHE A 409 10.47 27.37 19.66
N GLY A 410 10.32 28.55 19.08
CA GLY A 410 11.00 28.90 17.85
C GLY A 410 10.91 28.01 16.63
N ALA A 411 9.78 27.33 16.44
CA ALA A 411 9.63 26.49 15.28
C ALA A 411 9.24 27.40 14.11
N PRO A 412 9.23 26.87 12.87
CA PRO A 412 8.87 27.64 11.66
C PRO A 412 7.65 28.56 11.78
N GLU A 413 7.74 29.76 11.20
CA GLU A 413 6.65 30.74 11.24
C GLU A 413 6.18 31.16 9.85
N GLN A 414 4.87 31.33 9.72
CA GLN A 414 4.24 31.76 8.47
C GLN A 414 4.71 33.18 8.15
N GLN A 415 5.03 33.46 6.89
CA GLN A 415 5.46 34.81 6.50
C GLN A 415 4.36 35.49 5.69
N PRO A 416 3.72 36.52 6.28
CA PRO A 416 2.62 37.31 5.72
C PRO A 416 2.75 37.69 4.26
N SER A 417 3.97 37.97 3.80
CA SER A 417 4.15 38.34 2.41
C SER A 417 3.78 37.24 1.42
N ALA A 418 3.58 36.03 1.92
CA ALA A 418 3.24 34.90 1.04
C ALA A 418 1.74 34.67 0.98
N LEU A 419 1.01 35.61 1.57
CA LEU A 419 -0.44 35.51 1.60
C LEU A 419 -0.95 35.54 0.15
N GLU A 420 -2.12 34.92 -0.07
CA GLU A 420 -2.73 34.86 -1.39
C GLU A 420 -3.59 36.07 -1.74
N HIS A 421 -3.59 36.40 -3.03
CA HIS A 421 -4.37 37.52 -3.53
C HIS A 421 -5.87 37.38 -3.30
N SER A 422 -6.51 38.48 -2.87
CA SER A 422 -7.94 38.45 -2.56
C SER A 422 -8.90 39.08 -3.56
N ILE A 423 -9.88 38.29 -3.96
CA ILE A 423 -10.92 38.73 -4.91
C ILE A 423 -12.26 38.33 -4.33
N GLN A 424 -13.29 39.11 -4.64
CA GLN A 424 -14.63 38.84 -4.18
C GLN A 424 -15.44 38.44 -5.42
N TYR A 425 -16.10 37.29 -5.38
CA TYR A 425 -16.90 36.85 -6.53
C TYR A 425 -18.38 37.06 -6.31
N SER A 426 -19.14 37.13 -7.41
CA SER A 426 -20.58 37.34 -7.34
C SER A 426 -21.35 36.11 -7.78
N GLY A 427 -22.51 35.90 -7.18
CA GLY A 427 -23.33 34.75 -7.52
C GLY A 427 -23.50 33.76 -6.39
N GLU A 428 -24.44 32.83 -6.55
CA GLU A 428 -24.67 31.83 -5.54
C GLU A 428 -23.64 30.71 -5.67
N VAL A 429 -23.45 29.99 -4.58
CA VAL A 429 -22.54 28.85 -4.57
C VAL A 429 -23.40 27.68 -5.03
N ARG A 430 -23.21 27.26 -6.27
CA ARG A 430 -23.97 26.15 -6.84
C ARG A 430 -23.34 25.73 -8.13
N ARG A 431 -23.87 24.64 -8.68
CA ARG A 431 -23.38 24.12 -9.95
C ARG A 431 -24.00 24.98 -11.07
N PHE A 432 -23.17 25.55 -11.94
CA PHE A 432 -23.61 26.39 -13.06
C PHE A 432 -23.35 25.67 -14.37
N ASN A 433 -24.38 25.32 -15.10
CA ASN A 433 -24.18 24.63 -16.35
C ASN A 433 -23.35 25.47 -17.34
N THR A 434 -22.40 24.82 -18.00
CA THR A 434 -21.55 25.49 -18.98
C THR A 434 -21.50 24.66 -20.26
N ALA A 435 -22.31 23.61 -20.30
CA ALA A 435 -22.34 22.75 -21.47
C ALA A 435 -22.77 23.55 -22.70
N ASN A 436 -23.55 24.60 -22.47
CA ASN A 436 -24.04 25.42 -23.57
C ASN A 436 -23.30 26.72 -23.85
N ASP A 437 -22.06 26.82 -23.38
CA ASP A 437 -21.27 28.02 -23.64
C ASP A 437 -20.92 27.94 -25.12
N ASP A 438 -20.12 28.87 -25.63
CA ASP A 438 -19.79 28.81 -27.06
C ASP A 438 -18.95 27.59 -27.43
N ASN A 439 -19.45 26.78 -28.36
CA ASN A 439 -18.75 25.60 -28.80
C ASN A 439 -18.29 25.64 -30.25
N VAL A 440 -18.67 26.68 -30.98
CA VAL A 440 -18.32 26.77 -32.40
C VAL A 440 -17.50 27.98 -32.85
N THR A 441 -17.89 29.18 -32.43
CA THR A 441 -17.17 30.39 -32.86
C THR A 441 -15.65 30.25 -33.03
N GLN A 442 -14.91 30.09 -31.93
CA GLN A 442 -13.46 29.96 -32.04
C GLN A 442 -13.01 28.76 -32.85
N VAL A 443 -13.91 27.79 -33.04
CA VAL A 443 -13.55 26.62 -33.81
C VAL A 443 -13.67 26.98 -35.28
N ARG A 444 -14.71 27.74 -35.63
CA ARG A 444 -14.95 28.18 -37.00
C ARG A 444 -13.80 29.07 -37.44
N ALA A 445 -13.20 29.78 -36.48
CA ALA A 445 -12.08 30.66 -36.80
C ALA A 445 -10.83 29.83 -37.16
N PHE A 446 -10.61 28.77 -36.39
CA PHE A 446 -9.47 27.88 -36.57
C PHE A 446 -9.57 27.09 -37.86
N TYR A 447 -10.79 26.65 -38.16
CA TYR A 447 -11.05 25.86 -39.36
C TYR A 447 -10.94 26.69 -40.63
N VAL A 448 -11.48 27.90 -40.58
CA VAL A 448 -11.48 28.78 -41.73
C VAL A 448 -10.25 29.68 -41.89
N ASN A 449 -9.82 30.31 -40.80
CA ASN A 449 -8.68 31.22 -40.85
C ASN A 449 -7.29 30.59 -40.77
N VAL A 450 -7.04 29.87 -39.68
CA VAL A 450 -5.75 29.22 -39.48
C VAL A 450 -5.40 28.22 -40.57
N LEU A 451 -6.17 27.14 -40.65
CA LEU A 451 -5.93 26.10 -41.63
C LEU A 451 -6.14 26.52 -43.08
N ASN A 452 -5.25 26.08 -43.95
CA ASN A 452 -5.37 26.35 -45.38
C ASN A 452 -6.16 25.17 -45.89
N GLU A 453 -6.28 25.02 -47.21
CA GLU A 453 -7.08 23.94 -47.76
C GLU A 453 -6.43 22.55 -47.61
N GLU A 454 -5.13 22.44 -47.84
CA GLU A 454 -4.45 21.13 -47.70
C GLU A 454 -4.76 20.55 -46.33
N GLN A 455 -4.70 21.42 -45.33
CA GLN A 455 -4.94 21.10 -43.95
C GLN A 455 -6.40 20.71 -43.69
N ARG A 456 -7.35 21.53 -44.15
CA ARG A 456 -8.75 21.21 -43.94
C ARG A 456 -9.07 19.84 -44.51
N LYS A 457 -8.61 19.59 -45.74
CA LYS A 457 -8.84 18.31 -46.38
C LYS A 457 -8.37 17.22 -45.42
N ARG A 458 -7.07 17.20 -45.16
CA ARG A 458 -6.41 16.25 -44.27
C ARG A 458 -7.10 16.10 -42.91
N LEU A 459 -7.58 17.21 -42.36
CA LEU A 459 -8.30 17.17 -41.09
C LEU A 459 -9.58 16.32 -41.23
N CYS A 460 -10.39 16.62 -42.24
CA CYS A 460 -11.60 15.86 -42.46
C CYS A 460 -11.30 14.40 -42.76
N GLU A 461 -10.21 14.14 -43.48
CA GLU A 461 -9.85 12.77 -43.80
C GLU A 461 -9.48 12.02 -42.50
N ASN A 462 -8.62 12.64 -41.69
CA ASN A 462 -8.19 12.05 -40.42
C ASN A 462 -9.36 11.79 -39.48
N ILE A 463 -10.28 12.74 -39.37
CA ILE A 463 -11.43 12.59 -38.49
C ILE A 463 -12.33 11.42 -38.92
N ALA A 464 -12.77 11.49 -40.18
CA ALA A 464 -13.64 10.48 -40.77
C ALA A 464 -13.03 9.10 -40.68
N GLY A 465 -11.71 9.02 -40.88
CA GLY A 465 -11.04 7.74 -40.82
C GLY A 465 -11.18 7.03 -39.48
N HIS A 466 -11.49 7.80 -38.45
CA HIS A 466 -11.65 7.24 -37.11
C HIS A 466 -13.12 7.20 -36.75
N LEU A 467 -13.86 8.24 -37.14
CA LEU A 467 -15.28 8.34 -36.84
C LEU A 467 -16.11 7.28 -37.52
N LYS A 468 -15.58 6.70 -38.60
CA LYS A 468 -16.32 5.68 -39.33
C LYS A 468 -16.48 4.35 -38.63
N ASP A 469 -15.67 4.08 -37.60
CA ASP A 469 -15.82 2.82 -36.88
C ASP A 469 -16.99 2.92 -35.89
N ALA A 470 -17.50 4.13 -35.72
CA ALA A 470 -18.59 4.36 -34.80
C ALA A 470 -19.94 4.04 -35.43
N GLN A 471 -20.89 3.58 -34.62
CA GLN A 471 -22.24 3.29 -35.10
C GLN A 471 -22.79 4.54 -35.77
N ILE A 472 -23.71 4.35 -36.71
CA ILE A 472 -24.26 5.49 -37.45
C ILE A 472 -24.93 6.59 -36.64
N PHE A 473 -25.73 6.24 -35.64
CA PHE A 473 -26.37 7.30 -34.87
C PHE A 473 -25.28 8.14 -34.21
N ILE A 474 -24.19 7.49 -33.80
CA ILE A 474 -23.09 8.23 -33.21
C ILE A 474 -22.52 9.13 -34.29
N GLN A 475 -22.30 8.56 -35.47
CA GLN A 475 -21.76 9.35 -36.58
C GLN A 475 -22.66 10.56 -36.86
N LYS A 476 -23.96 10.31 -36.98
CA LYS A 476 -24.91 11.38 -37.25
C LYS A 476 -24.69 12.58 -36.35
N LYS A 477 -24.88 12.39 -35.04
CA LYS A 477 -24.75 13.48 -34.10
C LYS A 477 -23.43 14.20 -34.23
N ALA A 478 -22.37 13.44 -34.50
CA ALA A 478 -21.03 14.04 -34.66
C ALA A 478 -21.02 15.02 -35.81
N VAL A 479 -21.41 14.52 -37.00
CA VAL A 479 -21.44 15.33 -38.21
C VAL A 479 -22.35 16.53 -38.02
N LYS A 480 -23.32 16.38 -37.11
CA LYS A 480 -24.26 17.46 -36.83
C LYS A 480 -23.54 18.65 -36.17
N ASN A 481 -22.60 18.33 -35.28
CA ASN A 481 -21.83 19.37 -34.58
C ASN A 481 -20.78 20.00 -35.49
N PHE A 482 -20.10 19.18 -36.28
CA PHE A 482 -19.10 19.71 -37.21
C PHE A 482 -19.81 20.68 -38.14
N THR A 483 -21.02 20.32 -38.58
CA THR A 483 -21.78 21.18 -39.48
C THR A 483 -22.12 22.52 -38.81
N GLU A 484 -22.27 22.47 -37.49
CA GLU A 484 -22.56 23.64 -36.68
C GLU A 484 -21.39 24.62 -36.72
N VAL A 485 -20.19 24.07 -36.87
CA VAL A 485 -18.98 24.87 -36.93
C VAL A 485 -18.93 25.53 -38.30
N HIS A 486 -19.31 24.76 -39.31
CA HIS A 486 -19.33 25.22 -40.68
C HIS A 486 -19.94 24.12 -41.54
N PRO A 487 -20.83 24.50 -42.47
CA PRO A 487 -21.49 23.53 -43.36
C PRO A 487 -20.54 22.69 -44.20
N ASP A 488 -19.37 23.23 -44.52
CA ASP A 488 -18.38 22.50 -45.31
C ASP A 488 -17.63 21.46 -44.48
N TYR A 489 -17.35 21.84 -43.24
CA TYR A 489 -16.65 20.97 -42.29
C TYR A 489 -17.49 19.72 -42.08
N GLY A 490 -18.74 19.92 -41.67
CA GLY A 490 -19.62 18.80 -41.46
C GLY A 490 -19.91 18.00 -42.73
N SER A 491 -20.28 18.69 -43.81
CA SER A 491 -20.61 17.99 -45.05
C SER A 491 -19.49 17.16 -45.68
N HIS A 492 -18.26 17.67 -45.67
CA HIS A 492 -17.14 16.95 -46.25
C HIS A 492 -16.88 15.62 -45.52
N ILE A 493 -16.92 15.67 -44.19
CA ILE A 493 -16.71 14.49 -43.35
C ILE A 493 -17.78 13.47 -43.73
N GLN A 494 -19.01 13.93 -43.79
CA GLN A 494 -20.14 13.08 -44.16
C GLN A 494 -19.82 12.37 -45.45
N ALA A 495 -19.36 13.14 -46.45
CA ALA A 495 -19.02 12.59 -47.75
C ALA A 495 -18.04 11.43 -47.57
N LEU A 496 -16.91 11.71 -46.91
CA LEU A 496 -15.90 10.70 -46.68
C LEU A 496 -16.50 9.49 -45.97
N LEU A 497 -17.25 9.74 -44.89
CA LEU A 497 -17.90 8.67 -44.16
C LEU A 497 -18.72 7.78 -45.09
N ASP A 498 -19.52 8.41 -45.95
CA ASP A 498 -20.35 7.67 -46.88
C ASP A 498 -19.55 6.62 -47.65
N LYS A 499 -18.33 6.97 -48.04
CA LYS A 499 -17.51 6.02 -48.76
C LYS A 499 -17.14 4.85 -47.85
N TYR A 500 -16.81 5.15 -46.59
CA TYR A 500 -16.44 4.14 -45.62
C TYR A 500 -17.60 3.20 -45.30
N ASN A 501 -18.79 3.75 -45.15
CA ASN A 501 -19.95 2.92 -44.85
C ASN A 501 -20.40 2.15 -46.08
N ALA A 502 -19.94 2.56 -47.25
CA ALA A 502 -20.28 1.89 -48.49
C ALA A 502 -19.48 0.58 -48.61
N ASP B 25 -14.69 -30.19 10.22
CA ASP B 25 -14.21 -29.10 9.33
C ASP B 25 -12.76 -29.38 8.90
N VAL B 26 -12.50 -29.35 7.59
CA VAL B 26 -11.15 -29.63 7.09
C VAL B 26 -10.24 -28.40 7.02
N LEU B 27 -9.12 -28.45 7.73
CA LEU B 27 -8.17 -27.36 7.77
C LEU B 27 -7.49 -27.16 6.40
N THR B 28 -7.68 -25.99 5.81
CA THR B 28 -7.11 -25.73 4.49
C THR B 28 -6.13 -24.57 4.39
N THR B 29 -5.55 -24.44 3.20
CA THR B 29 -4.64 -23.34 2.91
C THR B 29 -5.58 -22.27 2.37
N GLY B 30 -5.06 -21.05 2.21
CA GLY B 30 -5.87 -19.97 1.69
C GLY B 30 -6.56 -20.32 0.39
N ALA B 31 -5.98 -21.23 -0.39
CA ALA B 31 -6.55 -21.62 -1.66
C ALA B 31 -7.46 -22.86 -1.55
N GLY B 32 -7.73 -23.27 -0.31
CA GLY B 32 -8.60 -24.40 -0.07
C GLY B 32 -8.02 -25.79 -0.19
N ASN B 33 -6.70 -25.90 -0.22
CA ASN B 33 -6.09 -27.21 -0.32
C ASN B 33 -6.01 -27.83 1.07
N PRO B 34 -6.56 -29.02 1.24
CA PRO B 34 -6.51 -29.67 2.56
C PRO B 34 -5.08 -29.74 3.07
N VAL B 35 -4.91 -29.59 4.38
CA VAL B 35 -3.58 -29.64 5.01
C VAL B 35 -3.42 -30.98 5.71
N GLY B 36 -2.26 -31.60 5.55
CA GLY B 36 -2.04 -32.90 6.17
C GLY B 36 -1.68 -32.76 7.64
N ASP B 37 -0.74 -31.87 7.90
CA ASP B 37 -0.27 -31.62 9.26
C ASP B 37 0.15 -30.17 9.35
N LYS B 38 -0.46 -29.42 10.26
CA LYS B 38 -0.12 -28.02 10.42
C LYS B 38 0.43 -27.75 11.81
N LEU B 39 1.11 -28.76 12.36
CA LEU B 39 1.72 -28.65 13.67
C LEU B 39 3.23 -28.82 13.60
N ASN B 40 3.73 -29.32 12.47
CA ASN B 40 5.16 -29.53 12.24
C ASN B 40 5.50 -29.14 10.80
N VAL B 41 6.61 -28.45 10.61
CA VAL B 41 7.03 -27.99 9.28
C VAL B 41 7.88 -29.03 8.56
N ILE B 42 7.97 -28.93 7.24
CA ILE B 42 8.77 -29.87 6.45
C ILE B 42 10.26 -29.59 6.60
N THR B 43 11.01 -30.64 6.88
CA THR B 43 12.45 -30.53 7.09
C THR B 43 13.18 -31.69 6.41
N VAL B 44 14.48 -31.49 6.13
CA VAL B 44 15.28 -32.55 5.51
C VAL B 44 15.95 -33.31 6.66
N GLY B 45 15.24 -34.32 7.12
CA GLY B 45 15.67 -35.13 8.25
C GLY B 45 15.02 -34.55 9.49
N PRO B 46 14.97 -35.30 10.58
CA PRO B 46 14.35 -34.78 11.80
C PRO B 46 15.04 -33.55 12.39
N ARG B 47 16.36 -33.41 12.19
CA ARG B 47 17.09 -32.25 12.69
C ARG B 47 17.75 -31.44 11.56
N GLY B 48 17.09 -31.43 10.40
CA GLY B 48 17.59 -30.69 9.25
C GLY B 48 16.81 -29.40 9.01
N PRO B 49 17.28 -28.56 8.07
CA PRO B 49 16.62 -27.29 7.75
C PRO B 49 15.25 -27.33 7.05
N LEU B 50 14.59 -26.17 7.07
CA LEU B 50 13.25 -25.93 6.52
C LEU B 50 13.21 -25.80 5.00
N LEU B 51 12.25 -26.45 4.35
CA LEU B 51 12.15 -26.37 2.89
C LEU B 51 11.08 -25.46 2.33
N VAL B 52 11.43 -24.76 1.26
CA VAL B 52 10.51 -23.86 0.59
C VAL B 52 9.22 -24.57 0.16
N GLN B 53 9.29 -25.87 -0.14
CA GLN B 53 8.07 -26.55 -0.58
C GLN B 53 7.02 -26.68 0.52
N ASP B 54 7.36 -26.31 1.74
CA ASP B 54 6.38 -26.35 2.82
C ASP B 54 5.47 -25.13 2.65
N VAL B 55 4.77 -25.06 1.53
CA VAL B 55 3.90 -23.92 1.25
C VAL B 55 2.81 -23.72 2.30
N VAL B 56 2.46 -24.76 3.05
CA VAL B 56 1.44 -24.63 4.08
C VAL B 56 1.94 -23.57 5.08
N PHE B 57 3.18 -23.77 5.54
CA PHE B 57 3.78 -22.84 6.49
C PHE B 57 3.84 -21.40 5.96
N THR B 58 4.39 -21.24 4.76
CA THR B 58 4.52 -19.94 4.14
C THR B 58 3.15 -19.28 3.99
N ASP B 59 2.19 -20.00 3.42
CA ASP B 59 0.86 -19.45 3.21
C ASP B 59 0.29 -18.84 4.49
N GLU B 60 0.37 -19.58 5.58
CA GLU B 60 -0.13 -19.08 6.84
C GLU B 60 0.75 -17.97 7.38
N MET B 61 2.05 -18.21 7.41
CA MET B 61 2.97 -17.20 7.92
C MET B 61 2.88 -15.88 7.19
N ALA B 62 2.79 -15.92 5.86
CA ALA B 62 2.72 -14.69 5.07
C ALA B 62 1.49 -13.88 5.44
N HIS B 63 0.38 -14.57 5.73
CA HIS B 63 -0.83 -13.86 6.10
C HIS B 63 -0.68 -13.30 7.52
N PHE B 64 -0.12 -14.10 8.41
CA PHE B 64 0.10 -13.63 9.77
C PHE B 64 0.90 -12.35 9.69
N ASP B 65 1.91 -12.36 8.82
CA ASP B 65 2.78 -11.24 8.62
C ASP B 65 2.11 -9.96 8.12
N ARG B 66 0.90 -10.08 7.58
CA ARG B 66 0.20 -8.92 7.03
C ARG B 66 -1.11 -8.62 7.75
N GLU B 67 -1.26 -9.21 8.93
CA GLU B 67 -2.48 -9.01 9.69
C GLU B 67 -2.83 -7.58 10.05
N ARG B 68 -1.82 -6.75 10.31
CA ARG B 68 -2.03 -5.37 10.74
C ARG B 68 -2.13 -4.30 9.68
N ILE B 69 -3.02 -3.36 9.91
CA ILE B 69 -3.19 -2.22 9.03
C ILE B 69 -2.97 -1.02 9.95
N PRO B 70 -2.82 0.19 9.40
CA PRO B 70 -2.61 1.30 10.33
C PRO B 70 -3.84 1.66 11.15
N GLU B 71 -3.65 2.08 12.39
CA GLU B 71 -4.80 2.44 13.20
C GLU B 71 -5.25 3.84 12.83
N ARG B 72 -6.49 4.19 13.21
CA ARG B 72 -7.01 5.52 12.92
C ARG B 72 -6.03 6.55 13.46
N VAL B 73 -5.79 7.62 12.71
CA VAL B 73 -4.85 8.65 13.15
C VAL B 73 -5.26 9.26 14.50
N VAL B 74 -6.56 9.18 14.80
CA VAL B 74 -7.11 9.66 16.07
C VAL B 74 -8.30 8.76 16.35
N HIS B 75 -8.70 8.64 17.63
CA HIS B 75 -9.83 7.78 18.01
C HIS B 75 -9.50 6.34 17.64
N ALA B 76 -8.29 5.92 17.94
CA ALA B 76 -7.85 4.59 17.60
C ALA B 76 -8.46 3.52 18.47
N LYS B 77 -8.60 3.78 19.77
CA LYS B 77 -9.19 2.79 20.66
C LYS B 77 -10.70 2.88 20.55
N GLY B 78 -11.36 1.77 20.27
CA GLY B 78 -12.80 1.81 20.11
C GLY B 78 -13.61 0.58 20.43
N ALA B 79 -14.93 0.78 20.52
CA ALA B 79 -15.87 -0.28 20.81
C ALA B 79 -16.96 -0.12 19.78
N GLY B 80 -17.58 -1.24 19.36
CA GLY B 80 -18.62 -1.15 18.36
C GLY B 80 -19.81 -2.09 18.55
N ALA B 81 -20.97 -1.65 18.09
CA ALA B 81 -22.19 -2.43 18.20
C ALA B 81 -23.14 -2.04 17.06
N PHE B 82 -24.25 -2.77 16.92
CA PHE B 82 -25.18 -2.49 15.86
C PHE B 82 -26.64 -2.42 16.32
N GLY B 83 -27.48 -1.79 15.52
CA GLY B 83 -28.89 -1.67 15.88
C GLY B 83 -29.71 -0.98 14.81
N TYR B 84 -30.56 -0.06 15.25
CA TYR B 84 -31.44 0.66 14.34
C TYR B 84 -31.80 2.02 14.89
N PHE B 85 -32.33 2.85 14.00
CA PHE B 85 -32.78 4.19 14.32
C PHE B 85 -34.27 4.17 14.04
N GLU B 86 -35.07 4.71 14.95
CA GLU B 86 -36.51 4.74 14.72
C GLU B 86 -37.09 6.13 14.90
N VAL B 87 -37.84 6.57 13.90
CA VAL B 87 -38.50 7.87 13.92
C VAL B 87 -39.67 7.85 14.87
N THR B 88 -39.78 8.89 15.68
CA THR B 88 -40.87 8.98 16.63
C THR B 88 -41.69 10.25 16.37
N HIS B 89 -41.10 11.24 15.72
CA HIS B 89 -41.82 12.46 15.47
C HIS B 89 -41.63 12.99 14.06
N ASP B 90 -42.57 13.81 13.61
CA ASP B 90 -42.51 14.37 12.29
C ASP B 90 -41.70 15.65 12.21
N ILE B 91 -40.63 15.60 11.40
CA ILE B 91 -39.78 16.77 11.20
C ILE B 91 -39.60 16.95 9.70
N THR B 92 -40.56 16.44 8.94
CA THR B 92 -40.48 16.56 7.49
C THR B 92 -40.61 18.01 7.05
N LYS B 93 -41.10 18.87 7.92
CA LYS B 93 -41.24 20.27 7.55
C LYS B 93 -39.83 20.87 7.40
N TYR B 94 -38.86 20.23 8.05
CA TYR B 94 -37.47 20.66 8.04
C TYR B 94 -36.59 19.88 7.07
N SER B 95 -36.73 18.56 7.07
CA SER B 95 -35.88 17.73 6.24
C SER B 95 -36.62 16.70 5.41
N LYS B 96 -36.28 16.66 4.13
CA LYS B 96 -36.87 15.72 3.20
C LYS B 96 -36.11 14.40 3.17
N ALA B 97 -35.08 14.26 4.00
CA ALA B 97 -34.30 13.03 4.04
C ALA B 97 -35.15 11.80 4.38
N LYS B 98 -35.03 10.75 3.57
CA LYS B 98 -35.78 9.52 3.77
C LYS B 98 -35.68 8.89 5.16
N VAL B 99 -34.52 9.04 5.79
CA VAL B 99 -34.31 8.47 7.11
C VAL B 99 -35.37 8.99 8.08
N PHE B 100 -35.92 10.18 7.80
CA PHE B 100 -36.96 10.83 8.64
C PHE B 100 -38.35 10.75 8.01
N GLU B 101 -38.39 10.27 6.77
CA GLU B 101 -39.57 10.13 5.92
C GLU B 101 -40.96 9.92 6.53
N HIS B 102 -41.07 9.13 7.59
CA HIS B 102 -42.36 8.92 8.22
C HIS B 102 -42.18 8.38 9.64
N ILE B 103 -43.15 8.67 10.52
CA ILE B 103 -43.08 8.22 11.91
C ILE B 103 -43.03 6.73 12.01
N GLY B 104 -42.19 6.23 12.92
CA GLY B 104 -42.06 4.80 13.11
C GLY B 104 -41.17 4.13 12.08
N LYS B 105 -40.53 4.89 11.19
CA LYS B 105 -39.64 4.28 10.21
C LYS B 105 -38.33 3.85 10.87
N LYS B 106 -37.93 2.62 10.59
CA LYS B 106 -36.71 2.08 11.15
C LYS B 106 -35.63 1.89 10.12
N THR B 107 -34.44 2.41 10.44
CA THR B 107 -33.27 2.31 9.57
C THR B 107 -32.12 1.71 10.39
N PRO B 108 -31.40 0.75 9.81
CA PRO B 108 -30.27 0.11 10.49
C PRO B 108 -29.10 1.05 10.72
N ILE B 109 -28.44 0.89 11.87
CA ILE B 109 -27.31 1.73 12.20
C ILE B 109 -26.13 0.92 12.69
N ALA B 110 -24.95 1.50 12.49
CA ALA B 110 -23.69 0.90 12.96
C ALA B 110 -23.09 2.01 13.83
N VAL B 111 -22.64 1.66 15.03
CA VAL B 111 -22.07 2.66 15.95
C VAL B 111 -20.66 2.32 16.44
N ARG B 112 -19.82 3.34 16.59
CA ARG B 112 -18.46 3.14 17.10
C ARG B 112 -18.08 4.17 18.16
N PHE B 113 -17.82 3.69 19.36
CA PHE B 113 -17.43 4.54 20.47
C PHE B 113 -15.90 4.54 20.53
N SER B 114 -15.30 5.54 21.17
CA SER B 114 -13.84 5.57 21.22
C SER B 114 -13.28 6.71 22.07
N THR B 115 -11.96 6.70 22.24
CA THR B 115 -11.32 7.79 22.96
C THR B 115 -10.64 8.61 21.85
N VAL B 116 -9.68 9.46 22.19
CA VAL B 116 -9.07 10.28 21.16
C VAL B 116 -7.59 10.17 20.94
N ALA B 117 -6.83 10.54 21.96
CA ALA B 117 -5.37 10.54 21.86
C ALA B 117 -4.69 9.18 21.84
N GLY B 118 -4.99 8.37 22.84
CA GLY B 118 -4.39 7.05 22.95
C GLY B 118 -4.48 6.20 21.70
N GLU B 119 -3.55 5.27 21.58
CA GLU B 119 -3.51 4.35 20.45
C GLU B 119 -4.11 2.99 20.84
N SER B 120 -4.17 2.08 19.88
CA SER B 120 -4.77 0.77 20.08
C SER B 120 -4.57 0.04 21.41
N GLY B 121 -3.44 0.21 22.07
CA GLY B 121 -3.29 -0.52 23.31
C GLY B 121 -3.67 0.23 24.59
N SER B 122 -4.07 1.49 24.45
CA SER B 122 -4.41 2.33 25.60
C SER B 122 -5.68 1.96 26.37
N ALA B 123 -5.82 2.53 27.56
CA ALA B 123 -6.97 2.26 28.42
C ALA B 123 -8.19 3.07 27.98
N ASP B 124 -9.39 2.58 28.30
CA ASP B 124 -10.60 3.28 27.93
C ASP B 124 -10.99 4.37 28.91
N THR B 125 -10.88 4.06 30.20
CA THR B 125 -11.28 4.99 31.26
C THR B 125 -10.26 6.06 31.61
N VAL B 126 -9.96 6.92 30.66
CA VAL B 126 -9.01 8.01 30.88
C VAL B 126 -9.74 9.29 30.48
N ARG B 127 -9.19 10.45 30.85
CA ARG B 127 -9.81 11.73 30.50
C ARG B 127 -9.56 12.00 29.02
N ASP B 128 -10.63 12.29 28.30
CA ASP B 128 -10.48 12.53 26.87
C ASP B 128 -11.88 12.72 26.34
N PRO B 129 -12.00 13.25 25.14
CA PRO B 129 -13.37 13.37 24.66
C PRO B 129 -13.72 11.93 24.25
N ARG B 130 -14.97 11.68 23.87
CA ARG B 130 -15.34 10.34 23.45
C ARG B 130 -16.01 10.39 22.08
N GLY B 131 -15.56 9.55 21.17
CA GLY B 131 -16.18 9.53 19.85
C GLY B 131 -17.47 8.76 19.96
N PHE B 132 -18.46 9.14 19.16
CA PHE B 132 -19.76 8.49 19.14
C PHE B 132 -20.27 8.60 17.70
N ALA B 133 -19.72 7.78 16.81
CA ALA B 133 -20.11 7.81 15.40
C ALA B 133 -21.30 6.90 15.12
N VAL B 134 -22.21 7.40 14.29
CA VAL B 134 -23.39 6.63 13.93
C VAL B 134 -23.59 6.55 12.42
N LYS B 135 -23.64 5.33 11.90
CA LYS B 135 -23.82 5.13 10.47
C LYS B 135 -25.24 4.66 10.17
N PHE B 136 -25.99 5.46 9.40
CA PHE B 136 -27.36 5.12 9.00
C PHE B 136 -27.38 4.58 7.57
N TYR B 137 -27.72 3.32 7.41
CA TYR B 137 -27.78 2.76 6.06
C TYR B 137 -29.17 3.04 5.46
N THR B 138 -29.33 4.20 4.83
CA THR B 138 -30.61 4.58 4.26
C THR B 138 -30.67 4.24 2.79
N GLU B 139 -31.87 4.28 2.22
CA GLU B 139 -32.05 3.96 0.81
C GLU B 139 -31.52 5.08 -0.06
N ASP B 140 -31.26 6.22 0.56
CA ASP B 140 -30.70 7.35 -0.17
C ASP B 140 -29.20 7.38 0.10
N GLY B 141 -28.64 6.20 0.36
CA GLY B 141 -27.23 6.10 0.64
C GLY B 141 -26.99 6.14 2.13
N ASN B 142 -25.73 5.96 2.52
CA ASN B 142 -25.41 5.99 3.93
C ASN B 142 -25.33 7.43 4.43
N TRP B 143 -25.67 7.62 5.69
CA TRP B 143 -25.59 8.92 6.32
C TRP B 143 -24.73 8.71 7.55
N ASP B 144 -23.53 9.24 7.53
CA ASP B 144 -22.62 9.08 8.66
C ASP B 144 -22.66 10.32 9.52
N LEU B 145 -23.08 10.17 10.77
CA LEU B 145 -23.12 11.28 11.69
C LEU B 145 -22.00 11.00 12.70
N VAL B 146 -20.82 11.53 12.39
CA VAL B 146 -19.63 11.33 13.21
C VAL B 146 -19.50 12.35 14.33
N GLY B 147 -20.13 12.09 15.47
CA GLY B 147 -20.04 13.05 16.55
C GLY B 147 -19.34 12.51 17.76
N ASN B 148 -19.37 13.29 18.84
CA ASN B 148 -18.78 12.86 20.10
C ASN B 148 -19.65 13.18 21.28
N ASN B 149 -19.10 13.09 22.48
CA ASN B 149 -19.88 13.32 23.68
C ASN B 149 -19.93 14.76 24.18
N THR B 150 -19.44 15.67 23.36
CA THR B 150 -19.45 17.10 23.70
C THR B 150 -20.07 17.88 22.54
N PRO B 151 -20.87 18.92 22.84
CA PRO B 151 -21.50 19.70 21.78
C PRO B 151 -20.52 20.61 21.07
N ILE B 152 -19.40 20.89 21.73
CA ILE B 152 -18.37 21.78 21.21
C ILE B 152 -17.03 21.09 21.01
N PHE B 153 -16.06 21.85 20.53
CA PHE B 153 -14.72 21.32 20.35
C PHE B 153 -13.68 22.36 20.82
N PHE B 154 -12.41 21.98 20.76
CA PHE B 154 -11.30 22.84 21.16
C PHE B 154 -10.92 24.00 20.25
N ILE B 155 -11.09 23.83 18.95
CA ILE B 155 -10.69 24.86 17.99
C ILE B 155 -11.77 25.08 16.94
N ARG B 156 -11.70 26.19 16.19
CA ARG B 156 -12.71 26.48 15.19
C ARG B 156 -12.23 26.59 13.75
N ASP B 157 -11.00 26.18 13.47
CA ASP B 157 -10.49 26.19 12.11
C ASP B 157 -9.78 24.87 11.91
N PRO B 158 -10.20 24.11 10.89
CA PRO B 158 -9.64 22.80 10.56
C PRO B 158 -8.11 22.77 10.38
N ILE B 159 -7.53 23.89 9.95
CA ILE B 159 -6.10 23.95 9.71
C ILE B 159 -5.22 23.81 10.97
N LEU B 160 -5.83 23.86 12.16
CA LEU B 160 -5.08 23.71 13.40
C LEU B 160 -5.28 22.32 13.98
N PHE B 161 -6.13 21.51 13.35
CA PHE B 161 -6.40 20.17 13.86
C PHE B 161 -5.20 19.25 13.91
N PRO B 162 -4.34 19.28 12.88
CA PRO B 162 -3.18 18.39 12.97
C PRO B 162 -2.28 18.82 14.12
N SER B 163 -2.04 20.13 14.23
CA SER B 163 -1.20 20.64 15.31
C SER B 163 -1.81 20.24 16.64
N PHE B 164 -3.10 20.52 16.83
CA PHE B 164 -3.76 20.18 18.08
C PHE B 164 -3.53 18.70 18.41
N ILE B 165 -3.85 17.84 17.46
CA ILE B 165 -3.68 16.42 17.66
C ILE B 165 -2.22 16.08 17.97
N HIS B 166 -1.29 16.69 17.26
CA HIS B 166 0.10 16.42 17.57
C HIS B 166 0.36 16.75 19.04
N SER B 167 -0.10 17.92 19.47
CA SER B 167 0.13 18.35 20.85
C SER B 167 -0.51 17.44 21.89
N GLN B 168 -1.55 16.73 21.48
CA GLN B 168 -2.26 15.82 22.37
C GLN B 168 -1.62 14.44 22.41
N LYS B 169 -0.79 14.16 21.40
CA LYS B 169 -0.11 12.88 21.26
C LYS B 169 1.26 12.86 21.94
N ARG B 170 2.17 12.04 21.42
CA ARG B 170 3.50 11.91 21.99
C ARG B 170 4.58 12.83 21.44
N ASN B 171 5.51 13.21 22.31
CA ASN B 171 6.63 14.06 21.95
C ASN B 171 7.39 13.33 20.82
N PRO B 172 7.71 14.05 19.72
CA PRO B 172 8.42 13.42 18.58
C PRO B 172 9.77 12.75 18.86
N GLN B 173 10.45 13.14 19.94
CA GLN B 173 11.72 12.54 20.29
C GLN B 173 11.63 11.53 21.43
N THR B 174 11.02 11.90 22.55
CA THR B 174 10.91 10.96 23.66
C THR B 174 9.80 9.94 23.51
N HIS B 175 8.80 10.27 22.70
CA HIS B 175 7.65 9.41 22.47
C HIS B 175 6.87 9.28 23.77
N LEU B 176 6.89 10.33 24.58
CA LEU B 176 6.19 10.32 25.85
C LEU B 176 5.13 11.41 25.79
N LYS B 177 4.11 11.32 26.66
CA LYS B 177 3.07 12.36 26.70
C LYS B 177 3.77 13.63 27.15
N ASP B 178 3.35 14.78 26.66
CA ASP B 178 4.04 16.01 27.02
C ASP B 178 3.15 17.19 27.44
N PRO B 179 3.01 17.39 28.76
CA PRO B 179 2.19 18.48 29.28
C PRO B 179 2.58 19.80 28.64
N ASP B 180 3.88 19.97 28.38
CA ASP B 180 4.33 21.20 27.76
C ASP B 180 3.68 21.37 26.40
N MET B 181 3.59 20.30 25.62
CA MET B 181 2.97 20.39 24.30
C MET B 181 1.49 20.72 24.40
N VAL B 182 0.81 19.99 25.28
CA VAL B 182 -0.61 20.16 25.53
C VAL B 182 -0.94 21.62 25.85
N TRP B 183 -0.38 22.13 26.94
CA TRP B 183 -0.68 23.48 27.37
C TRP B 183 -0.04 24.64 26.59
N ASP B 184 1.10 24.42 25.96
CA ASP B 184 1.66 25.53 25.21
C ASP B 184 0.64 25.82 24.11
N PHE B 185 0.15 24.76 23.46
CA PHE B 185 -0.82 24.93 22.40
C PHE B 185 -2.14 25.55 22.89
N TRP B 186 -2.69 25.01 23.98
CA TRP B 186 -3.93 25.53 24.52
C TRP B 186 -3.80 26.97 25.01
N SER B 187 -2.71 27.27 25.72
CA SER B 187 -2.53 28.62 26.23
C SER B 187 -2.36 29.60 25.06
N LEU B 188 -1.75 29.15 23.97
CA LEU B 188 -1.58 30.00 22.81
C LEU B 188 -2.87 30.13 22.02
N ARG B 189 -3.76 29.15 22.15
CA ARG B 189 -5.05 29.18 21.44
C ARG B 189 -6.17 29.11 22.48
N PRO B 190 -6.46 30.24 23.16
CA PRO B 190 -7.49 30.33 24.19
C PRO B 190 -8.91 29.99 23.76
N GLU B 191 -9.15 29.87 22.46
CA GLU B 191 -10.48 29.50 22.01
C GLU B 191 -10.78 28.11 22.53
N SER B 192 -9.73 27.41 22.97
CA SER B 192 -9.85 26.08 23.52
C SER B 192 -10.48 26.11 24.92
N LEU B 193 -10.70 27.30 25.46
CA LEU B 193 -11.27 27.44 26.80
C LEU B 193 -12.59 26.72 27.06
N HIS B 194 -13.56 26.95 26.20
CA HIS B 194 -14.86 26.32 26.38
C HIS B 194 -14.77 24.78 26.50
N GLN B 195 -14.14 24.13 25.53
CA GLN B 195 -14.03 22.68 25.55
C GLN B 195 -13.06 22.14 26.59
N VAL B 196 -12.04 22.91 26.92
CA VAL B 196 -11.08 22.48 27.93
C VAL B 196 -11.81 22.40 29.28
N SER B 197 -12.83 23.25 29.44
CA SER B 197 -13.62 23.27 30.67
C SER B 197 -14.53 22.06 30.71
N PHE B 198 -15.18 21.75 29.60
CA PHE B 198 -16.05 20.61 29.56
C PHE B 198 -15.25 19.33 29.77
N LEU B 199 -14.06 19.27 29.15
CA LEU B 199 -13.18 18.10 29.24
C LEU B 199 -12.64 17.79 30.62
N PHE B 200 -12.46 18.82 31.44
CA PHE B 200 -11.95 18.59 32.78
C PHE B 200 -13.05 18.54 33.84
N SER B 201 -14.30 18.71 33.42
CA SER B 201 -15.41 18.61 34.35
C SER B 201 -15.65 17.12 34.58
N ASP B 202 -16.62 16.75 35.40
CA ASP B 202 -16.87 15.35 35.65
C ASP B 202 -17.08 14.55 34.37
N ARG B 203 -17.66 15.18 33.35
CA ARG B 203 -17.90 14.47 32.11
C ARG B 203 -16.66 14.11 31.28
N GLY B 204 -15.49 14.44 31.79
CA GLY B 204 -14.27 14.12 31.06
C GLY B 204 -14.03 12.62 31.04
N ILE B 205 -14.62 11.91 32.00
CA ILE B 205 -14.47 10.46 32.05
C ILE B 205 -15.80 9.76 32.29
N PRO B 206 -16.56 9.49 31.23
CA PRO B 206 -17.86 8.81 31.40
C PRO B 206 -17.71 7.35 31.82
N ASP B 207 -18.69 6.83 32.54
CA ASP B 207 -18.62 5.45 32.98
C ASP B 207 -19.10 4.57 31.83
N GLY B 208 -18.21 4.29 30.91
CA GLY B 208 -18.57 3.46 29.77
C GLY B 208 -19.17 4.32 28.69
N HIS B 209 -19.59 3.66 27.60
CA HIS B 209 -20.16 4.38 26.47
C HIS B 209 -21.65 4.60 26.58
N ARG B 210 -22.33 3.77 27.34
CA ARG B 210 -23.78 3.87 27.50
C ARG B 210 -24.23 5.00 28.44
N HIS B 211 -23.30 5.60 29.18
CA HIS B 211 -23.69 6.67 30.08
C HIS B 211 -23.18 8.05 29.69
N MET B 212 -23.31 8.40 28.42
CA MET B 212 -22.91 9.69 27.87
C MET B 212 -23.87 10.09 26.76
N ASN B 213 -23.81 11.35 26.33
CA ASN B 213 -24.68 11.81 25.25
C ASN B 213 -23.88 11.95 23.99
N GLY B 214 -24.58 12.12 22.88
CA GLY B 214 -23.92 12.28 21.60
C GLY B 214 -24.35 13.60 20.99
N TYR B 215 -23.48 14.18 20.19
CA TYR B 215 -23.77 15.44 19.54
C TYR B 215 -23.09 15.40 18.19
N GLY B 216 -23.70 16.01 17.18
CA GLY B 216 -23.06 16.07 15.89
C GLY B 216 -22.04 17.19 16.02
N SER B 217 -22.25 18.00 17.05
CA SER B 217 -21.39 19.15 17.35
C SER B 217 -21.54 20.29 16.33
N HIS B 218 -21.15 20.05 15.08
CA HIS B 218 -21.30 21.07 14.04
C HIS B 218 -22.75 21.50 13.81
N THR B 219 -22.90 22.61 13.11
CA THR B 219 -24.21 23.06 12.73
C THR B 219 -24.35 22.44 11.34
N PHE B 220 -25.49 21.81 11.06
CA PHE B 220 -25.71 21.22 9.74
C PHE B 220 -26.88 21.94 9.12
N LYS B 221 -27.16 21.63 7.87
CA LYS B 221 -28.26 22.25 7.15
C LYS B 221 -29.36 21.23 6.78
N LEU B 222 -30.60 21.52 7.17
CA LEU B 222 -31.70 20.64 6.82
C LEU B 222 -32.48 21.28 5.67
N VAL B 223 -32.89 20.45 4.72
CA VAL B 223 -33.64 20.92 3.57
C VAL B 223 -34.93 20.09 3.38
N ASN B 224 -36.07 20.79 3.30
CA ASN B 224 -37.35 20.11 3.13
C ASN B 224 -37.76 19.98 1.66
N ALA B 225 -38.80 19.18 1.44
CA ALA B 225 -39.32 18.92 0.10
C ALA B 225 -39.56 20.19 -0.69
N ASN B 226 -39.79 21.29 0.01
CA ASN B 226 -40.06 22.55 -0.66
C ASN B 226 -38.83 23.31 -1.07
N GLY B 227 -37.68 22.83 -0.62
CA GLY B 227 -36.43 23.50 -0.96
C GLY B 227 -36.08 24.63 -0.02
N GLU B 228 -36.75 24.68 1.12
CA GLU B 228 -36.48 25.72 2.10
C GLU B 228 -35.47 25.08 3.04
N ALA B 229 -34.58 25.89 3.62
CA ALA B 229 -33.56 25.35 4.51
C ALA B 229 -33.50 25.97 5.91
N VAL B 230 -32.90 25.24 6.84
CA VAL B 230 -32.73 25.71 8.20
C VAL B 230 -31.46 25.08 8.70
N TYR B 231 -30.89 25.65 9.75
CA TYR B 231 -29.69 25.08 10.33
C TYR B 231 -30.09 24.29 11.56
N CYS B 232 -29.35 23.23 11.86
CA CYS B 232 -29.67 22.41 13.03
C CYS B 232 -28.45 21.88 13.75
N LYS B 233 -28.72 21.27 14.89
CA LYS B 233 -27.71 20.64 15.74
C LYS B 233 -28.32 19.28 15.98
N PHE B 234 -27.51 18.23 15.99
CA PHE B 234 -28.03 16.89 16.25
C PHE B 234 -27.69 16.52 17.69
N HIS B 235 -28.64 15.93 18.41
CA HIS B 235 -28.41 15.54 19.80
C HIS B 235 -29.04 14.19 20.03
N TYR B 236 -28.35 13.35 20.80
CA TYR B 236 -28.89 12.05 21.18
C TYR B 236 -28.48 11.79 22.63
N LYS B 237 -29.46 11.90 23.52
CA LYS B 237 -29.26 11.73 24.94
C LYS B 237 -29.39 10.28 25.42
N THR B 238 -28.48 9.87 26.29
CA THR B 238 -28.48 8.51 26.82
C THR B 238 -29.75 8.18 27.58
N ASP B 239 -30.43 7.14 27.13
CA ASP B 239 -31.66 6.70 27.79
C ASP B 239 -31.30 5.99 29.08
N GLN B 240 -30.01 5.70 29.26
CA GLN B 240 -29.54 5.02 30.46
C GLN B 240 -29.06 6.01 31.51
N GLY B 241 -29.06 7.29 31.14
CA GLY B 241 -28.64 8.35 32.06
C GLY B 241 -27.15 8.68 32.07
N ILE B 242 -26.82 9.90 32.50
CA ILE B 242 -25.42 10.28 32.57
C ILE B 242 -24.77 9.68 33.84
N LYS B 243 -23.60 9.09 33.68
CA LYS B 243 -22.89 8.52 34.81
C LYS B 243 -21.40 8.65 34.47
N ASN B 244 -20.61 9.14 35.42
CA ASN B 244 -19.17 9.33 35.20
C ASN B 244 -18.32 8.62 36.27
N LEU B 245 -17.04 8.39 35.95
CA LEU B 245 -16.11 7.73 36.87
C LEU B 245 -15.26 8.79 37.51
N SER B 246 -15.04 8.67 38.81
CA SER B 246 -14.20 9.63 39.53
C SER B 246 -12.79 9.34 39.03
N VAL B 247 -11.86 10.27 39.26
CA VAL B 247 -10.49 10.07 38.80
C VAL B 247 -9.82 8.90 39.50
N GLU B 248 -10.16 8.68 40.78
CA GLU B 248 -9.59 7.56 41.52
C GLU B 248 -9.96 6.28 40.79
N ASP B 249 -11.26 6.06 40.61
CA ASP B 249 -11.74 4.87 39.92
C ASP B 249 -11.19 4.73 38.50
N ALA B 250 -11.33 5.79 37.71
CA ALA B 250 -10.82 5.76 36.33
C ALA B 250 -9.39 5.24 36.30
N ALA B 251 -8.56 5.76 37.21
CA ALA B 251 -7.16 5.34 37.29
C ALA B 251 -7.06 3.87 37.62
N ARG B 252 -7.76 3.44 38.67
CA ARG B 252 -7.74 2.04 39.07
C ARG B 252 -8.16 1.16 37.90
N LEU B 253 -9.22 1.57 37.21
CA LEU B 253 -9.73 0.81 36.08
C LEU B 253 -8.78 0.83 34.88
N SER B 254 -8.05 1.92 34.69
CA SER B 254 -7.13 2.01 33.56
C SER B 254 -6.07 0.94 33.69
N GLN B 255 -5.98 0.35 34.87
CA GLN B 255 -4.99 -0.68 35.11
C GLN B 255 -5.57 -2.07 35.31
N GLU B 256 -6.77 -2.15 35.89
CA GLU B 256 -7.39 -3.45 36.10
C GLU B 256 -8.02 -3.98 34.83
N ASP B 257 -8.64 -3.08 34.08
CA ASP B 257 -9.29 -3.44 32.84
C ASP B 257 -9.17 -2.28 31.87
N PRO B 258 -8.13 -2.29 31.04
CA PRO B 258 -7.97 -1.21 30.08
C PRO B 258 -9.09 -1.19 29.04
N ASP B 259 -9.72 -2.34 28.81
CA ASP B 259 -10.79 -2.44 27.83
C ASP B 259 -12.18 -2.40 28.45
N TYR B 260 -12.27 -1.76 29.61
CA TYR B 260 -13.50 -1.61 30.36
C TYR B 260 -14.69 -1.16 29.47
N GLY B 261 -14.46 -0.15 28.64
CA GLY B 261 -15.53 0.33 27.77
C GLY B 261 -16.05 -0.72 26.80
N ILE B 262 -15.14 -1.50 26.25
CA ILE B 262 -15.52 -2.54 25.31
C ILE B 262 -16.32 -3.58 26.08
N ARG B 263 -15.75 -4.07 27.17
CA ARG B 263 -16.42 -5.09 27.95
C ARG B 263 -17.83 -4.66 28.33
N ASP B 264 -17.95 -3.51 28.95
CA ASP B 264 -19.24 -2.99 29.38
C ASP B 264 -20.27 -2.97 28.26
N LEU B 265 -19.88 -2.48 27.10
CA LEU B 265 -20.81 -2.40 25.99
C LEU B 265 -21.23 -3.78 25.52
N PHE B 266 -20.24 -4.63 25.26
CA PHE B 266 -20.52 -5.96 24.77
C PHE B 266 -21.32 -6.78 25.75
N ASN B 267 -21.05 -6.67 27.05
CA ASN B 267 -21.82 -7.47 28.00
C ASN B 267 -23.26 -7.00 28.13
N ALA B 268 -23.49 -5.70 27.99
CA ALA B 268 -24.86 -5.19 28.09
C ALA B 268 -25.68 -5.82 26.99
N ILE B 269 -25.30 -5.56 25.75
CA ILE B 269 -26.01 -6.11 24.62
C ILE B 269 -26.12 -7.63 24.73
N ALA B 270 -25.05 -8.28 25.18
CA ALA B 270 -25.06 -9.72 25.28
C ALA B 270 -26.11 -10.23 26.25
N THR B 271 -26.34 -9.48 27.31
CA THR B 271 -27.33 -9.87 28.32
C THR B 271 -28.71 -9.29 28.08
N GLY B 272 -28.92 -8.70 26.91
CA GLY B 272 -30.23 -8.13 26.59
C GLY B 272 -30.52 -6.74 27.08
N LYS B 273 -29.56 -6.12 27.78
CA LYS B 273 -29.74 -4.76 28.27
C LYS B 273 -29.38 -3.80 27.15
N TYR B 274 -30.08 -3.86 26.02
CA TYR B 274 -29.79 -3.00 24.88
C TYR B 274 -29.88 -1.51 25.21
N PRO B 275 -28.74 -0.78 25.11
CA PRO B 275 -28.75 0.66 25.41
C PRO B 275 -29.37 1.46 24.26
N SER B 276 -29.97 2.60 24.60
CA SER B 276 -30.59 3.46 23.60
C SER B 276 -30.39 4.94 23.94
N TRP B 277 -30.61 5.79 22.94
CA TRP B 277 -30.46 7.23 23.11
C TRP B 277 -31.68 7.85 22.47
N THR B 278 -32.14 8.98 23.02
CA THR B 278 -33.28 9.67 22.44
C THR B 278 -32.65 10.74 21.53
N PHE B 279 -33.08 10.75 20.28
CA PHE B 279 -32.55 11.65 19.26
C PHE B 279 -33.40 12.92 19.03
N TYR B 280 -32.79 14.08 19.25
CA TYR B 280 -33.46 15.38 19.02
C TYR B 280 -32.63 16.26 18.08
N ILE B 281 -33.16 17.44 17.80
CA ILE B 281 -32.45 18.43 16.99
C ILE B 281 -32.83 19.79 17.52
N GLN B 282 -32.03 20.78 17.13
CA GLN B 282 -32.24 22.18 17.47
C GLN B 282 -32.35 22.80 16.10
N VAL B 283 -33.31 23.72 15.95
CA VAL B 283 -33.49 24.39 14.68
C VAL B 283 -33.24 25.86 14.80
N MET B 284 -32.50 26.40 13.84
CA MET B 284 -32.20 27.82 13.81
C MET B 284 -32.48 28.28 12.39
N THR B 285 -33.38 29.23 12.21
CA THR B 285 -33.69 29.72 10.88
C THR B 285 -32.52 30.58 10.46
N PHE B 286 -32.38 30.82 9.16
CA PHE B 286 -31.28 31.64 8.69
C PHE B 286 -31.27 32.99 9.39
N ASN B 287 -32.44 33.57 9.60
CA ASN B 287 -32.52 34.86 10.32
C ASN B 287 -31.92 34.71 11.70
N GLN B 288 -32.35 33.69 12.44
CA GLN B 288 -31.85 33.46 13.79
C GLN B 288 -30.34 33.28 13.80
N ALA B 289 -29.81 32.68 12.75
CA ALA B 289 -28.38 32.46 12.65
C ALA B 289 -27.70 33.83 12.69
N GLU B 290 -28.39 34.83 12.17
CA GLU B 290 -27.89 36.20 12.14
C GLU B 290 -28.03 36.91 13.50
N THR B 291 -29.24 36.87 14.06
CA THR B 291 -29.44 37.51 15.35
C THR B 291 -28.68 36.81 16.46
N PHE B 292 -28.19 35.61 16.19
CA PHE B 292 -27.41 34.87 17.17
C PHE B 292 -26.16 35.72 17.51
N PRO B 293 -25.92 35.98 18.81
CA PRO B 293 -24.80 36.76 19.34
C PRO B 293 -23.47 36.50 18.62
N PHE B 294 -23.11 35.22 18.56
CA PHE B 294 -21.86 34.78 17.97
C PHE B 294 -22.02 34.20 16.57
N ASN B 295 -20.93 33.60 16.09
CA ASN B 295 -20.94 32.95 14.79
C ASN B 295 -21.63 31.62 15.05
N PRO B 296 -22.83 31.44 14.46
CA PRO B 296 -23.58 30.19 14.66
C PRO B 296 -22.81 28.96 14.21
N PHE B 297 -21.83 29.19 13.34
CA PHE B 297 -21.03 28.10 12.81
C PHE B 297 -19.70 27.91 13.51
N ASP B 298 -19.50 28.56 14.66
CA ASP B 298 -18.25 28.39 15.38
C ASP B 298 -18.35 27.17 16.33
N LEU B 299 -17.58 26.13 16.04
CA LEU B 299 -17.59 24.90 16.80
C LEU B 299 -17.35 25.03 18.31
N THR B 300 -16.83 26.18 18.75
CA THR B 300 -16.57 26.38 20.18
C THR B 300 -17.78 26.97 20.90
N LYS B 301 -18.89 27.11 20.18
CA LYS B 301 -20.12 27.67 20.74
C LYS B 301 -21.31 26.68 20.74
N VAL B 302 -22.25 26.88 21.66
CA VAL B 302 -23.43 26.02 21.69
C VAL B 302 -24.63 26.90 21.43
N TRP B 303 -25.76 26.28 21.16
CA TRP B 303 -26.99 27.01 20.97
C TRP B 303 -27.72 26.76 22.29
N PRO B 304 -27.80 27.79 23.15
CA PRO B 304 -28.48 27.59 24.44
C PRO B 304 -29.86 26.98 24.27
N HIS B 305 -30.10 25.87 24.96
CA HIS B 305 -31.39 25.16 24.90
C HIS B 305 -32.55 26.12 25.14
N LYS B 306 -32.43 26.93 26.18
CA LYS B 306 -33.43 27.91 26.55
C LYS B 306 -33.90 28.64 25.30
N ASP B 307 -32.94 29.10 24.53
CA ASP B 307 -33.22 29.85 23.32
C ASP B 307 -33.61 29.02 22.09
N TYR B 308 -32.98 27.86 21.93
CA TYR B 308 -33.28 26.96 20.81
C TYR B 308 -33.47 25.60 21.45
N PRO B 309 -34.70 25.28 21.87
CA PRO B 309 -35.08 24.03 22.53
C PRO B 309 -34.94 22.80 21.64
N LEU B 310 -34.72 21.65 22.27
CA LEU B 310 -34.57 20.39 21.55
C LEU B 310 -35.91 19.92 20.94
N ILE B 311 -35.85 19.33 19.75
CA ILE B 311 -37.06 18.82 19.08
C ILE B 311 -36.90 17.31 18.97
N PRO B 312 -37.86 16.54 19.49
CA PRO B 312 -37.77 15.07 19.43
C PRO B 312 -37.83 14.58 17.99
N VAL B 313 -37.02 13.58 17.66
CA VAL B 313 -37.01 13.03 16.31
C VAL B 313 -37.12 11.52 16.32
N GLY B 314 -36.37 10.86 17.19
CA GLY B 314 -36.44 9.41 17.23
C GLY B 314 -35.54 8.75 18.25
N LYS B 315 -35.30 7.46 18.06
CA LYS B 315 -34.45 6.69 18.97
C LYS B 315 -33.33 5.95 18.26
N LEU B 316 -32.26 5.72 19.00
CA LEU B 316 -31.10 4.97 18.52
C LEU B 316 -31.03 3.81 19.51
N VAL B 317 -31.12 2.59 19.00
CA VAL B 317 -31.08 1.38 19.83
C VAL B 317 -29.97 0.42 19.39
N LEU B 318 -29.09 0.06 20.30
CA LEU B 318 -28.02 -0.90 19.99
C LEU B 318 -28.44 -2.27 20.53
N ASN B 319 -28.78 -3.18 19.61
CA ASN B 319 -29.27 -4.52 19.97
C ASN B 319 -28.51 -5.71 19.36
N ARG B 320 -27.29 -5.49 18.87
CA ARG B 320 -26.53 -6.56 18.27
C ARG B 320 -25.03 -6.35 18.47
N ASN B 321 -24.35 -7.39 18.90
CA ASN B 321 -22.91 -7.30 19.11
C ASN B 321 -22.17 -7.68 17.84
N PRO B 322 -20.94 -7.20 17.67
CA PRO B 322 -20.25 -7.60 16.44
C PRO B 322 -19.87 -9.07 16.57
N VAL B 323 -19.69 -9.74 15.44
CA VAL B 323 -19.30 -11.15 15.46
C VAL B 323 -17.78 -11.23 15.36
N ASN B 324 -17.21 -10.41 14.48
CA ASN B 324 -15.78 -10.34 14.27
C ASN B 324 -15.35 -8.89 14.43
N TYR B 325 -14.64 -8.58 15.51
CA TYR B 325 -14.24 -7.20 15.76
C TYR B 325 -13.47 -6.50 14.66
N PHE B 326 -12.48 -7.17 14.08
CA PHE B 326 -11.68 -6.56 13.04
C PHE B 326 -12.54 -6.22 11.83
N ALA B 327 -13.38 -7.15 11.44
CA ALA B 327 -14.21 -6.94 10.27
C ALA B 327 -15.30 -5.91 10.46
N GLU B 328 -15.90 -5.88 11.65
CA GLU B 328 -17.00 -4.97 11.91
C GLU B 328 -16.68 -3.70 12.67
N VAL B 329 -15.58 -3.67 13.41
CA VAL B 329 -15.25 -2.47 14.15
C VAL B 329 -13.99 -1.76 13.66
N GLU B 330 -12.87 -2.46 13.59
CA GLU B 330 -11.64 -1.85 13.14
C GLU B 330 -11.76 -1.29 11.73
N GLN B 331 -12.38 -2.06 10.84
CA GLN B 331 -12.52 -1.63 9.45
C GLN B 331 -13.68 -0.69 9.13
N ILE B 332 -14.52 -0.36 10.10
CA ILE B 332 -15.64 0.53 9.79
C ILE B 332 -15.10 1.92 9.50
N ALA B 333 -15.78 2.64 8.62
CA ALA B 333 -15.33 3.98 8.24
C ALA B 333 -16.48 4.97 8.14
N PHE B 334 -16.40 6.06 8.90
CA PHE B 334 -17.43 7.08 8.87
C PHE B 334 -16.92 8.35 8.19
N ASP B 335 -17.68 8.87 7.24
CA ASP B 335 -17.32 10.07 6.52
C ASP B 335 -18.39 11.13 6.71
N PRO B 336 -18.08 12.23 7.41
CA PRO B 336 -19.07 13.28 7.63
C PRO B 336 -19.70 13.70 6.31
N SER B 337 -18.96 13.57 5.22
CA SER B 337 -19.46 13.95 3.91
C SER B 337 -20.56 13.05 3.38
N ASN B 338 -20.80 11.93 4.07
CA ASN B 338 -21.88 11.03 3.67
C ASN B 338 -23.18 11.62 4.18
N MET B 339 -23.82 12.40 3.32
CA MET B 339 -25.07 13.06 3.63
C MET B 339 -26.03 12.93 2.47
N PRO B 340 -27.22 12.38 2.75
CA PRO B 340 -28.28 12.18 1.76
C PRO B 340 -29.15 13.41 1.59
N PRO B 341 -29.97 13.44 0.53
CA PRO B 341 -30.84 14.60 0.32
C PRO B 341 -31.64 14.92 1.59
N GLY B 342 -31.66 16.19 1.95
CA GLY B 342 -32.38 16.62 3.14
C GLY B 342 -31.41 17.03 4.23
N ILE B 343 -30.16 16.56 4.13
CA ILE B 343 -29.13 16.90 5.10
C ILE B 343 -27.90 17.39 4.35
N GLU B 344 -27.40 18.56 4.72
CA GLU B 344 -26.22 19.15 4.06
C GLU B 344 -25.32 19.80 5.09
N ALA B 345 -24.14 20.21 4.65
CA ALA B 345 -23.20 20.84 5.57
C ALA B 345 -23.43 22.34 5.69
N SER B 346 -22.98 22.91 6.81
CA SER B 346 -23.09 24.35 7.04
C SER B 346 -21.72 24.96 6.72
N PRO B 347 -21.60 26.29 6.84
CA PRO B 347 -20.30 26.88 6.56
C PRO B 347 -19.25 26.61 7.63
N ASP B 348 -19.61 25.89 8.67
CA ASP B 348 -18.64 25.62 9.74
C ASP B 348 -17.29 25.13 9.17
N LYS B 349 -16.27 25.96 9.32
CA LYS B 349 -14.94 25.64 8.82
C LYS B 349 -14.45 24.27 9.26
N MET B 350 -14.59 23.94 10.55
CA MET B 350 -14.17 22.65 11.02
C MET B 350 -14.81 21.53 10.19
N LEU B 351 -16.13 21.57 10.05
CA LEU B 351 -16.84 20.55 9.30
C LEU B 351 -16.40 20.55 7.85
N GLN B 352 -16.19 21.74 7.29
CA GLN B 352 -15.77 21.87 5.90
C GLN B 352 -14.49 21.08 5.68
N GLY B 353 -13.59 21.14 6.66
CA GLY B 353 -12.34 20.42 6.54
C GLY B 353 -12.52 18.91 6.71
N ARG B 354 -13.51 18.52 7.51
CA ARG B 354 -13.78 17.12 7.75
C ARG B 354 -14.42 16.47 6.53
N LEU B 355 -14.92 17.29 5.62
CA LEU B 355 -15.54 16.74 4.42
C LEU B 355 -14.49 16.09 3.54
N PHE B 356 -13.26 16.57 3.67
CA PHE B 356 -12.17 16.04 2.88
C PHE B 356 -11.33 15.01 3.63
N ALA B 357 -11.02 15.30 4.88
CA ALA B 357 -10.18 14.42 5.69
C ALA B 357 -10.56 12.94 5.81
N TYR B 358 -11.83 12.66 6.10
CA TYR B 358 -12.22 11.28 6.30
C TYR B 358 -12.10 10.36 5.07
N PRO B 359 -12.72 10.73 3.93
CA PRO B 359 -12.53 9.79 2.80
C PRO B 359 -11.03 9.66 2.48
N ASP B 360 -10.33 10.78 2.55
CA ASP B 360 -8.90 10.83 2.29
C ASP B 360 -8.15 9.82 3.15
N THR B 361 -8.30 9.95 4.47
CA THR B 361 -7.63 9.04 5.38
C THR B 361 -8.13 7.58 5.25
N HIS B 362 -9.38 7.40 4.84
CA HIS B 362 -9.92 6.06 4.70
C HIS B 362 -9.30 5.34 3.50
N ARG B 363 -9.06 6.06 2.42
CA ARG B 363 -8.44 5.43 1.28
C ARG B 363 -7.02 5.05 1.66
N HIS B 364 -6.51 5.63 2.75
CA HIS B 364 -5.16 5.32 3.20
C HIS B 364 -5.15 4.18 4.20
N ARG B 365 -5.87 4.37 5.30
CA ARG B 365 -5.95 3.36 6.34
C ARG B 365 -6.52 2.05 5.85
N LEU B 366 -7.61 2.13 5.09
CA LEU B 366 -8.29 0.94 4.60
C LEU B 366 -8.04 0.58 3.15
N GLY B 367 -8.13 1.54 2.25
CA GLY B 367 -7.89 1.22 0.87
C GLY B 367 -8.80 1.95 -0.08
N PRO B 368 -8.34 2.20 -1.30
CA PRO B 368 -9.13 2.90 -2.32
C PRO B 368 -10.61 2.46 -2.36
N ASN B 369 -10.86 1.16 -2.23
CA ASN B 369 -12.21 0.64 -2.27
C ASN B 369 -12.79 0.28 -0.90
N TYR B 370 -12.40 1.00 0.15
CA TYR B 370 -12.92 0.67 1.48
C TYR B 370 -14.45 0.63 1.58
N LEU B 371 -15.15 1.30 0.67
CA LEU B 371 -16.60 1.30 0.72
C LEU B 371 -17.20 -0.05 0.31
N HIS B 372 -16.36 -0.97 -0.20
CA HIS B 372 -16.82 -2.31 -0.59
C HIS B 372 -16.76 -3.24 0.62
N ILE B 373 -16.12 -2.79 1.70
CA ILE B 373 -16.03 -3.59 2.89
C ILE B 373 -17.44 -3.70 3.46
N PRO B 374 -17.91 -4.93 3.69
CA PRO B 374 -19.26 -5.13 4.23
C PRO B 374 -19.82 -4.03 5.15
N VAL B 375 -19.16 -3.71 6.26
CA VAL B 375 -19.75 -2.68 7.12
C VAL B 375 -19.82 -1.29 6.53
N ASN B 376 -18.99 -0.98 5.55
CA ASN B 376 -19.04 0.36 4.99
C ASN B 376 -19.90 0.43 3.75
N CYS B 377 -20.36 -0.71 3.27
CA CYS B 377 -21.18 -0.77 2.07
C CYS B 377 -22.56 -0.13 2.27
N PRO B 378 -23.04 0.64 1.29
CA PRO B 378 -24.36 1.25 1.44
C PRO B 378 -25.39 0.25 0.90
N TYR B 379 -25.60 -0.81 1.67
CA TYR B 379 -26.48 -1.90 1.27
C TYR B 379 -27.98 -1.67 1.10
N ARG B 380 -28.55 -0.68 1.77
CA ARG B 380 -29.98 -0.43 1.57
C ARG B 380 -30.14 0.41 0.29
N ALA B 381 -29.01 0.78 -0.33
CA ALA B 381 -29.04 1.60 -1.53
C ALA B 381 -28.50 0.92 -2.78
N ARG B 382 -28.90 1.44 -3.93
CA ARG B 382 -28.47 0.91 -5.22
C ARG B 382 -27.31 1.79 -5.71
N VAL B 383 -26.08 1.29 -5.60
CA VAL B 383 -24.93 2.05 -6.03
C VAL B 383 -24.64 1.93 -7.51
N ALA B 384 -24.88 3.00 -8.25
CA ALA B 384 -24.64 3.00 -9.69
C ALA B 384 -24.00 4.31 -10.09
N ASN B 385 -22.87 4.22 -10.79
CA ASN B 385 -22.14 5.41 -11.23
C ASN B 385 -21.15 5.04 -12.34
N TYR B 386 -20.10 5.84 -12.48
CA TYR B 386 -19.13 5.61 -13.53
C TYR B 386 -17.74 5.42 -13.00
N GLN B 387 -17.69 4.92 -11.77
CA GLN B 387 -16.42 4.66 -11.11
C GLN B 387 -16.06 3.19 -11.40
N ARG B 388 -14.77 2.91 -11.58
CA ARG B 388 -14.34 1.56 -11.90
C ARG B 388 -12.94 1.24 -11.39
N ASP B 389 -12.67 -0.05 -11.22
CA ASP B 389 -11.36 -0.54 -10.80
C ASP B 389 -10.86 -0.18 -9.41
N GLY B 390 -9.55 -0.03 -9.31
CA GLY B 390 -8.93 0.28 -8.03
C GLY B 390 -8.49 -1.02 -7.38
N PRO B 391 -7.48 -1.00 -6.49
CA PRO B 391 -7.05 -2.24 -5.83
C PRO B 391 -8.15 -2.93 -5.05
N MET B 392 -8.09 -4.26 -5.02
CA MET B 392 -9.08 -5.07 -4.31
C MET B 392 -10.51 -4.74 -4.72
N CYS B 393 -10.78 -4.72 -6.03
CA CYS B 393 -12.13 -4.47 -6.52
C CYS B 393 -12.90 -5.76 -6.29
N MET B 394 -13.84 -5.75 -5.36
CA MET B 394 -14.57 -6.96 -5.03
C MET B 394 -15.84 -7.30 -5.78
N GLN B 395 -16.66 -6.31 -6.08
CA GLN B 395 -17.89 -6.64 -6.78
C GLN B 395 -17.57 -7.00 -8.21
N ASP B 396 -18.61 -7.02 -9.03
CA ASP B 396 -18.49 -7.33 -10.44
C ASP B 396 -17.85 -6.13 -11.17
N ASN B 397 -17.57 -5.06 -10.42
CA ASN B 397 -16.98 -3.84 -10.98
C ASN B 397 -18.01 -3.25 -11.94
N GLN B 398 -19.28 -3.51 -11.64
CA GLN B 398 -20.41 -3.03 -12.44
C GLN B 398 -20.43 -3.58 -13.86
N GLY B 399 -19.97 -4.83 -13.99
CA GLY B 399 -19.95 -5.50 -15.29
C GLY B 399 -19.44 -4.67 -16.45
N GLY B 400 -20.12 -4.81 -17.60
CA GLY B 400 -19.72 -4.09 -18.79
C GLY B 400 -20.54 -2.84 -19.04
N ALA B 401 -21.25 -2.39 -18.01
CA ALA B 401 -22.07 -1.20 -18.12
C ALA B 401 -21.19 -0.06 -18.65
N PRO B 402 -21.74 0.75 -19.59
CA PRO B 402 -20.92 1.86 -20.12
C PRO B 402 -20.31 2.68 -18.97
N ASN B 403 -19.02 3.01 -19.09
CA ASN B 403 -18.31 3.73 -18.03
C ASN B 403 -18.07 5.23 -18.17
N TYR B 404 -18.68 5.86 -19.17
CA TYR B 404 -18.50 7.30 -19.32
C TYR B 404 -19.85 7.98 -19.25
N TYR B 405 -19.89 9.22 -18.76
CA TYR B 405 -21.14 9.96 -18.66
C TYR B 405 -20.91 11.33 -19.30
N PRO B 406 -21.85 11.78 -20.15
CA PRO B 406 -23.11 11.16 -20.57
C PRO B 406 -22.90 10.12 -21.66
N ASN B 407 -23.89 9.26 -21.84
CA ASN B 407 -23.80 8.21 -22.85
C ASN B 407 -25.16 7.91 -23.41
N SER B 408 -25.17 7.31 -24.58
CA SER B 408 -26.40 6.96 -25.26
C SER B 408 -26.75 5.50 -25.09
N PHE B 409 -26.37 4.91 -23.95
CA PHE B 409 -26.65 3.50 -23.74
C PHE B 409 -27.34 3.19 -22.42
N GLY B 410 -28.22 4.10 -22.02
CA GLY B 410 -29.01 3.92 -20.82
C GLY B 410 -28.30 3.68 -19.49
N ALA B 411 -27.07 4.17 -19.33
CA ALA B 411 -26.39 3.97 -18.06
C ALA B 411 -27.04 4.88 -17.00
N PRO B 412 -26.65 4.73 -15.72
CA PRO B 412 -27.23 5.56 -14.67
C PRO B 412 -27.26 7.06 -15.01
N GLU B 413 -28.40 7.71 -14.74
CA GLU B 413 -28.56 9.14 -15.00
C GLU B 413 -28.67 9.90 -13.68
N GLN B 414 -28.30 11.18 -13.69
CA GLN B 414 -28.38 11.99 -12.49
C GLN B 414 -29.83 12.37 -12.22
N GLN B 415 -30.16 12.66 -10.96
CA GLN B 415 -31.53 13.03 -10.68
C GLN B 415 -31.64 14.37 -9.95
N PRO B 416 -32.16 15.39 -10.66
CA PRO B 416 -32.37 16.77 -10.19
C PRO B 416 -32.83 16.91 -8.75
N SER B 417 -33.80 16.09 -8.38
CA SER B 417 -34.36 16.10 -7.03
C SER B 417 -33.29 16.19 -5.95
N ALA B 418 -32.14 15.56 -6.18
CA ALA B 418 -31.06 15.55 -5.21
C ALA B 418 -30.01 16.65 -5.38
N LEU B 419 -30.41 17.76 -6.00
CA LEU B 419 -29.50 18.88 -6.21
C LEU B 419 -29.31 19.60 -4.86
N GLU B 420 -28.13 20.15 -4.61
CA GLU B 420 -27.87 20.85 -3.34
C GLU B 420 -28.54 22.23 -3.26
N HIS B 421 -28.92 22.60 -2.03
CA HIS B 421 -29.55 23.88 -1.76
C HIS B 421 -28.50 24.98 -1.94
N SER B 422 -28.75 25.93 -2.83
CA SER B 422 -27.76 26.98 -3.07
C SER B 422 -27.99 28.26 -2.26
N ILE B 423 -26.88 28.87 -1.84
CA ILE B 423 -26.90 30.09 -1.03
C ILE B 423 -25.99 31.12 -1.64
N GLN B 424 -26.26 32.40 -1.39
CA GLN B 424 -25.36 33.43 -1.90
C GLN B 424 -24.54 34.00 -0.75
N TYR B 425 -23.22 33.89 -0.84
CA TYR B 425 -22.38 34.41 0.22
C TYR B 425 -21.70 35.64 -0.31
N SER B 426 -21.38 36.54 0.62
CA SER B 426 -20.72 37.79 0.30
C SER B 426 -19.35 37.87 0.97
N GLY B 427 -18.44 38.58 0.32
CA GLY B 427 -17.11 38.73 0.85
C GLY B 427 -16.08 38.25 -0.16
N GLU B 428 -14.82 38.50 0.15
CA GLU B 428 -13.73 38.09 -0.72
C GLU B 428 -13.38 36.66 -0.35
N VAL B 429 -12.74 35.95 -1.29
CA VAL B 429 -12.30 34.59 -1.06
C VAL B 429 -10.88 34.70 -0.48
N ARG B 430 -10.79 34.74 0.84
CA ARG B 430 -9.50 34.85 1.51
C ARG B 430 -9.53 34.19 2.88
N ARG B 431 -8.44 34.34 3.62
CA ARG B 431 -8.35 33.75 4.94
C ARG B 431 -8.79 34.75 6.00
N PHE B 432 -9.90 34.44 6.66
CA PHE B 432 -10.41 35.33 7.70
C PHE B 432 -10.02 34.74 9.04
N ASN B 433 -9.35 35.54 9.86
CA ASN B 433 -8.90 35.09 11.18
C ASN B 433 -10.06 35.00 12.16
N THR B 434 -10.19 33.87 12.84
CA THR B 434 -11.25 33.71 13.82
C THR B 434 -10.66 33.45 15.20
N ALA B 435 -9.36 33.74 15.33
CA ALA B 435 -8.68 33.54 16.60
C ALA B 435 -9.27 34.43 17.67
N ASN B 436 -9.80 35.58 17.25
CA ASN B 436 -10.36 36.54 18.20
C ASN B 436 -11.87 36.60 18.32
N ASP B 437 -12.56 35.56 17.85
CA ASP B 437 -14.01 35.52 17.99
C ASP B 437 -14.16 35.32 19.50
N ASP B 438 -15.36 35.49 20.04
CA ASP B 438 -15.48 35.36 21.49
C ASP B 438 -14.86 34.08 22.03
N ASN B 439 -13.91 34.22 22.94
CA ASN B 439 -13.27 33.03 23.51
C ASN B 439 -13.66 32.78 24.95
N VAL B 440 -14.39 33.69 25.58
CA VAL B 440 -14.72 33.46 26.98
C VAL B 440 -16.15 33.60 27.46
N THR B 441 -17.00 34.27 26.71
CA THR B 441 -18.36 34.46 27.22
C THR B 441 -19.08 33.19 27.63
N GLN B 442 -19.37 32.31 26.68
CA GLN B 442 -20.08 31.08 27.00
C GLN B 442 -19.36 30.29 28.06
N VAL B 443 -18.03 30.41 28.09
CA VAL B 443 -17.23 29.69 29.06
C VAL B 443 -17.59 30.19 30.46
N ARG B 444 -17.87 31.48 30.57
CA ARG B 444 -18.24 32.08 31.84
C ARG B 444 -19.58 31.50 32.29
N ALA B 445 -20.57 31.58 31.41
CA ALA B 445 -21.91 31.06 31.70
C ALA B 445 -21.88 29.58 32.11
N PHE B 446 -20.95 28.82 31.56
CA PHE B 446 -20.85 27.41 31.91
C PHE B 446 -20.17 27.28 33.27
N TYR B 447 -19.16 28.12 33.50
CA TYR B 447 -18.44 28.06 34.76
C TYR B 447 -19.28 28.49 35.94
N VAL B 448 -19.91 29.65 35.85
CA VAL B 448 -20.69 30.13 36.98
C VAL B 448 -22.17 29.72 37.03
N ASN B 449 -22.75 29.38 35.89
CA ASN B 449 -24.15 28.99 35.91
C ASN B 449 -24.35 27.48 35.85
N VAL B 450 -23.94 26.88 34.74
CA VAL B 450 -24.09 25.43 34.51
C VAL B 450 -23.50 24.53 35.59
N LEU B 451 -22.33 24.88 36.10
CA LEU B 451 -21.69 24.07 37.15
C LEU B 451 -22.09 24.59 38.53
N ASN B 452 -21.79 23.81 39.57
CA ASN B 452 -22.08 24.22 40.93
C ASN B 452 -20.71 24.32 41.59
N GLU B 453 -20.67 24.57 42.91
CA GLU B 453 -19.38 24.69 43.58
C GLU B 453 -18.52 23.43 43.56
N GLU B 454 -19.10 22.26 43.82
CA GLU B 454 -18.31 21.02 43.81
C GLU B 454 -17.64 20.84 42.46
N GLN B 455 -18.48 20.80 41.42
CA GLN B 455 -18.04 20.63 40.05
C GLN B 455 -17.00 21.68 39.72
N ARG B 456 -17.25 22.90 40.16
CA ARG B 456 -16.35 24.00 39.94
C ARG B 456 -15.02 23.73 40.65
N LYS B 457 -15.06 23.26 41.89
CA LYS B 457 -13.82 22.96 42.62
C LYS B 457 -13.04 21.85 41.92
N ARG B 458 -13.74 20.76 41.59
CA ARG B 458 -13.11 19.64 40.91
C ARG B 458 -12.54 20.11 39.59
N LEU B 459 -13.33 20.83 38.82
CA LEU B 459 -12.85 21.32 37.55
C LEU B 459 -11.47 21.92 37.75
N CYS B 460 -11.32 22.80 38.75
CA CYS B 460 -10.05 23.43 39.02
C CYS B 460 -8.95 22.45 39.41
N GLU B 461 -9.28 21.45 40.22
CA GLU B 461 -8.30 20.46 40.65
C GLU B 461 -7.80 19.56 39.53
N ASN B 462 -8.71 19.15 38.65
CA ASN B 462 -8.33 18.30 37.52
C ASN B 462 -7.41 19.04 36.56
N ILE B 463 -7.69 20.32 36.33
CA ILE B 463 -6.85 21.13 35.46
C ILE B 463 -5.51 21.33 36.13
N ALA B 464 -5.55 21.79 37.38
CA ALA B 464 -4.34 22.02 38.13
C ALA B 464 -3.43 20.79 38.17
N GLY B 465 -4.02 19.63 38.43
CA GLY B 465 -3.23 18.42 38.51
C GLY B 465 -2.52 18.03 37.23
N HIS B 466 -2.99 18.55 36.10
CA HIS B 466 -2.38 18.21 34.82
C HIS B 466 -1.48 19.32 34.32
N LEU B 467 -1.91 20.56 34.53
CA LEU B 467 -1.14 21.73 34.11
C LEU B 467 0.14 21.89 34.91
N LYS B 468 0.11 21.44 36.17
CA LYS B 468 1.28 21.57 37.03
C LYS B 468 2.55 20.93 36.50
N ASP B 469 2.41 20.03 35.55
CA ASP B 469 3.58 19.38 34.96
C ASP B 469 4.17 20.22 33.83
N ALA B 470 3.46 21.27 33.44
CA ALA B 470 3.94 22.13 32.35
C ALA B 470 4.94 23.14 32.89
N GLN B 471 5.72 23.73 31.99
CA GLN B 471 6.69 24.71 32.41
C GLN B 471 5.93 25.92 32.93
N ILE B 472 6.52 26.61 33.88
CA ILE B 472 5.86 27.77 34.47
C ILE B 472 5.41 28.86 33.50
N PHE B 473 6.26 29.24 32.55
CA PHE B 473 5.84 30.29 31.62
C PHE B 473 4.57 29.87 30.88
N ILE B 474 4.41 28.56 30.73
CA ILE B 474 3.21 28.04 30.08
C ILE B 474 2.09 28.11 31.11
N GLN B 475 2.39 27.73 32.36
CA GLN B 475 1.42 27.79 33.44
C GLN B 475 0.85 29.22 33.56
N LYS B 476 1.71 30.22 33.40
CA LYS B 476 1.27 31.60 33.50
C LYS B 476 0.28 32.02 32.43
N LYS B 477 0.58 31.75 31.17
CA LYS B 477 -0.36 32.16 30.13
C LYS B 477 -1.67 31.38 30.24
N ALA B 478 -1.56 30.14 30.68
CA ALA B 478 -2.74 29.30 30.85
C ALA B 478 -3.66 30.01 31.82
N VAL B 479 -3.13 30.33 33.00
CA VAL B 479 -3.91 31.00 34.02
C VAL B 479 -4.47 32.35 33.57
N LYS B 480 -3.70 33.14 32.83
CA LYS B 480 -4.24 34.40 32.39
C LYS B 480 -5.54 34.16 31.64
N ASN B 481 -5.53 33.16 30.76
CA ASN B 481 -6.71 32.80 29.98
C ASN B 481 -7.92 32.46 30.86
N PHE B 482 -7.70 31.60 31.85
CA PHE B 482 -8.78 31.20 32.75
C PHE B 482 -9.30 32.40 33.54
N THR B 483 -8.43 33.36 33.81
CA THR B 483 -8.78 34.57 34.54
C THR B 483 -9.71 35.42 33.70
N GLU B 484 -9.55 35.33 32.38
CA GLU B 484 -10.41 36.09 31.48
C GLU B 484 -11.82 35.53 31.51
N VAL B 485 -11.95 34.24 31.80
CA VAL B 485 -13.28 33.69 31.88
C VAL B 485 -13.89 34.19 33.19
N HIS B 486 -13.13 34.05 34.28
CA HIS B 486 -13.56 34.49 35.60
C HIS B 486 -12.37 34.50 36.56
N PRO B 487 -12.08 35.66 37.17
CA PRO B 487 -10.94 35.73 38.09
C PRO B 487 -10.84 34.61 39.12
N ASP B 488 -11.98 34.03 39.49
CA ASP B 488 -11.99 32.94 40.46
C ASP B 488 -11.47 31.66 39.82
N TYR B 489 -11.81 31.47 38.55
CA TYR B 489 -11.40 30.32 37.79
C TYR B 489 -9.87 30.27 37.83
N GLY B 490 -9.26 31.32 37.31
CA GLY B 490 -7.82 31.40 37.28
C GLY B 490 -7.15 31.38 38.65
N SER B 491 -7.57 32.28 39.54
CA SER B 491 -6.96 32.36 40.86
C SER B 491 -7.00 31.06 41.66
N HIS B 492 -8.12 30.34 41.60
CA HIS B 492 -8.18 29.09 42.35
C HIS B 492 -7.21 28.07 41.73
N ILE B 493 -7.18 28.01 40.39
CA ILE B 493 -6.27 27.10 39.72
C ILE B 493 -4.84 27.50 40.10
N GLN B 494 -4.56 28.79 40.06
CA GLN B 494 -3.24 29.29 40.41
C GLN B 494 -2.84 28.86 41.81
N ALA B 495 -3.80 28.81 42.71
CA ALA B 495 -3.55 28.41 44.10
C ALA B 495 -3.03 26.98 44.13
N LEU B 496 -3.79 26.07 43.54
CA LEU B 496 -3.37 24.68 43.50
C LEU B 496 -2.02 24.56 42.81
N LEU B 497 -1.84 25.27 41.69
CA LEU B 497 -0.55 25.20 41.00
C LEU B 497 0.57 25.55 41.97
N ASP B 498 0.40 26.64 42.74
CA ASP B 498 1.42 27.05 43.70
C ASP B 498 1.73 25.89 44.63
N LYS B 499 0.68 25.26 45.11
CA LYS B 499 0.84 24.14 46.02
C LYS B 499 1.73 23.12 45.32
N TYR B 500 1.37 22.76 44.09
CA TYR B 500 2.15 21.78 43.33
C TYR B 500 3.61 22.17 43.10
N ASN B 501 3.83 23.38 42.62
CA ASN B 501 5.19 23.83 42.37
C ASN B 501 5.96 24.04 43.66
N ALA B 502 5.27 24.06 44.79
CA ALA B 502 5.92 24.25 46.08
C ALA B 502 6.80 23.03 46.37
N GLU B 503 6.48 21.93 45.70
CA GLU B 503 7.21 20.68 45.87
C GLU B 503 8.18 20.42 44.69
N ALA C 24 13.96 32.28 13.22
CA ALA C 24 12.89 31.26 12.93
C ALA C 24 12.76 31.01 11.43
N ASP C 25 12.84 29.75 11.02
CA ASP C 25 12.73 29.43 9.61
C ASP C 25 11.34 29.75 9.09
N VAL C 26 11.24 29.89 7.76
CA VAL C 26 9.98 30.19 7.10
C VAL C 26 9.16 28.91 6.98
N LEU C 27 7.90 28.98 7.41
CA LEU C 27 7.00 27.83 7.38
C LEU C 27 6.51 27.59 5.96
N THR C 28 6.63 26.34 5.49
CA THR C 28 6.21 26.01 4.11
C THR C 28 5.36 24.75 3.97
N THR C 29 4.86 24.58 2.74
CA THR C 29 4.08 23.42 2.37
C THR C 29 5.14 22.33 2.13
N GLY C 30 4.71 21.14 1.75
CA GLY C 30 5.66 20.07 1.51
C GLY C 30 6.51 20.29 0.27
N ALA C 31 6.07 21.19 -0.60
CA ALA C 31 6.79 21.49 -1.83
C ALA C 31 7.70 22.70 -1.61
N GLY C 32 7.78 23.15 -0.37
CA GLY C 32 8.65 24.26 -0.04
C GLY C 32 8.12 25.66 -0.31
N ASN C 33 6.84 25.75 -0.62
CA ASN C 33 6.26 27.04 -0.90
C ASN C 33 5.91 27.71 0.41
N PRO C 34 6.34 28.97 0.59
CA PRO C 34 6.09 29.76 1.79
C PRO C 34 4.60 29.89 2.10
N VAL C 35 4.25 29.78 3.39
CA VAL C 35 2.85 29.87 3.83
C VAL C 35 2.56 31.22 4.48
N GLY C 36 1.67 32.00 3.90
CA GLY C 36 1.34 33.28 4.47
C GLY C 36 0.61 33.15 5.82
N ASP C 37 -0.45 32.33 5.84
CA ASP C 37 -1.25 32.12 7.05
C ASP C 37 -1.61 30.64 7.13
N LYS C 38 -1.19 29.99 8.22
CA LYS C 38 -1.48 28.57 8.43
C LYS C 38 -2.31 28.41 9.70
N LEU C 39 -3.09 29.44 10.02
CA LEU C 39 -3.97 29.44 11.20
C LEU C 39 -5.42 29.68 10.77
N ASN C 40 -5.60 29.96 9.49
CA ASN C 40 -6.93 30.21 8.95
C ASN C 40 -7.05 29.65 7.53
N VAL C 41 -8.20 29.07 7.24
CA VAL C 41 -8.46 28.48 5.94
C VAL C 41 -9.15 29.48 4.99
N ILE C 42 -9.07 29.24 3.68
CA ILE C 42 -9.71 30.13 2.70
C ILE C 42 -11.19 29.81 2.51
N THR C 43 -12.04 30.79 2.75
CA THR C 43 -13.46 30.61 2.61
C THR C 43 -14.05 31.71 1.75
N VAL C 44 -15.23 31.45 1.18
CA VAL C 44 -15.89 32.48 0.38
C VAL C 44 -16.65 33.36 1.39
N GLY C 45 -15.95 34.40 1.82
CA GLY C 45 -16.49 35.35 2.80
C GLY C 45 -16.15 34.86 4.20
N PRO C 46 -16.39 35.68 5.22
CA PRO C 46 -16.08 35.26 6.60
C PRO C 46 -16.96 34.12 7.10
N ARG C 47 -18.13 33.96 6.50
CA ARG C 47 -19.07 32.90 6.88
C ARG C 47 -19.41 32.00 5.71
N GLY C 48 -18.47 31.81 4.79
CA GLY C 48 -18.71 30.97 3.64
C GLY C 48 -18.00 29.62 3.68
N PRO C 49 -18.28 28.73 2.73
CA PRO C 49 -17.64 27.41 2.69
C PRO C 49 -16.16 27.44 2.32
N LEU C 50 -15.51 26.30 2.51
CA LEU C 50 -14.08 26.11 2.25
C LEU C 50 -13.70 25.88 0.80
N LEU C 51 -12.60 26.47 0.37
CA LEU C 51 -12.15 26.34 -1.01
C LEU C 51 -11.09 25.28 -1.30
N VAL C 52 -11.21 24.67 -2.45
CA VAL C 52 -10.27 23.64 -2.86
C VAL C 52 -8.91 24.26 -3.14
N GLN C 53 -8.88 25.53 -3.57
CA GLN C 53 -7.61 26.18 -3.86
C GLN C 53 -6.77 26.50 -2.63
N ASP C 54 -7.31 26.26 -1.45
CA ASP C 54 -6.53 26.45 -0.25
C ASP C 54 -5.73 25.13 -0.18
N VAL C 55 -4.66 25.04 -0.97
CA VAL C 55 -3.86 23.81 -0.99
C VAL C 55 -2.88 23.76 0.17
N VAL C 56 -2.66 24.88 0.83
CA VAL C 56 -1.80 24.87 2.00
C VAL C 56 -2.46 23.89 2.97
N PHE C 57 -3.77 24.09 3.19
CA PHE C 57 -4.57 23.26 4.07
C PHE C 57 -4.60 21.81 3.66
N THR C 58 -4.93 21.56 2.38
CA THR C 58 -4.99 20.19 1.88
C THR C 58 -3.66 19.48 1.97
N ASP C 59 -2.60 20.20 1.62
CA ASP C 59 -1.28 19.63 1.67
C ASP C 59 -0.92 19.17 3.09
N GLU C 60 -1.23 19.96 4.10
CA GLU C 60 -0.91 19.55 5.46
C GLU C 60 -1.92 18.52 5.98
N MET C 61 -3.18 18.70 5.61
CA MET C 61 -4.21 17.79 6.07
C MET C 61 -3.97 16.41 5.45
N ALA C 62 -3.69 16.38 4.15
CA ALA C 62 -3.46 15.13 3.47
C ALA C 62 -2.35 14.31 4.13
N HIS C 63 -1.29 14.97 4.56
CA HIS C 63 -0.18 14.27 5.19
C HIS C 63 -0.58 13.77 6.57
N PHE C 64 -1.28 14.61 7.32
CA PHE C 64 -1.75 14.24 8.67
C PHE C 64 -2.50 12.94 8.57
N ASP C 65 -3.37 12.87 7.55
CA ASP C 65 -4.19 11.71 7.28
C ASP C 65 -3.39 10.45 6.95
N ARG C 66 -2.07 10.54 6.89
CA ARG C 66 -1.30 9.37 6.51
C ARG C 66 -0.13 9.04 7.41
N GLU C 67 0.02 9.74 8.53
CA GLU C 67 1.18 9.47 9.35
C GLU C 67 1.25 8.15 10.11
N ARG C 68 0.28 7.28 9.88
CA ARG C 68 0.28 5.99 10.56
C ARG C 68 0.57 4.85 9.59
N ILE C 69 1.44 3.94 10.03
CA ILE C 69 1.80 2.77 9.24
C ILE C 69 1.32 1.63 10.12
N PRO C 70 1.39 0.37 9.64
CA PRO C 70 0.94 -0.72 10.50
C PRO C 70 1.96 -0.94 11.62
N GLU C 71 1.50 -1.28 12.83
CA GLU C 71 2.44 -1.55 13.91
C GLU C 71 2.93 -2.97 13.72
N ARG C 72 4.02 -3.32 14.36
CA ARG C 72 4.55 -4.67 14.23
C ARG C 72 3.47 -5.64 14.67
N VAL C 73 3.40 -6.82 14.06
CA VAL C 73 2.37 -7.78 14.42
C VAL C 73 2.55 -8.31 15.85
N VAL C 74 3.77 -8.23 16.36
CA VAL C 74 4.11 -8.60 17.75
C VAL C 74 5.23 -7.65 18.14
N HIS C 75 5.50 -7.53 19.44
CA HIS C 75 6.55 -6.63 19.93
C HIS C 75 6.25 -5.18 19.50
N ALA C 76 4.97 -4.87 19.38
CA ALA C 76 4.53 -3.55 18.97
C ALA C 76 5.03 -2.39 19.82
N LYS C 77 4.87 -2.49 21.14
CA LYS C 77 5.28 -1.43 22.06
C LYS C 77 6.80 -1.45 22.28
N GLY C 78 7.48 -0.35 21.93
CA GLY C 78 8.93 -0.35 22.09
C GLY C 78 9.68 0.90 22.52
N ALA C 79 10.97 0.71 22.74
CA ALA C 79 11.90 1.76 23.16
C ALA C 79 13.21 1.56 22.41
N GLY C 80 13.77 2.67 21.90
CA GLY C 80 15.02 2.58 21.16
C GLY C 80 16.20 3.38 21.70
N ALA C 81 17.39 2.95 21.30
CA ALA C 81 18.63 3.60 21.71
C ALA C 81 19.74 3.11 20.79
N PHE C 82 20.84 3.86 20.74
CA PHE C 82 21.96 3.51 19.88
C PHE C 82 23.30 3.60 20.60
N GLY C 83 24.29 2.93 20.05
CA GLY C 83 25.60 2.95 20.65
C GLY C 83 26.59 2.12 19.86
N TYR C 84 27.38 1.34 20.57
CA TYR C 84 28.37 0.54 19.89
C TYR C 84 28.63 -0.79 20.55
N PHE C 85 29.27 -1.66 19.78
CA PHE C 85 29.69 -2.96 20.24
C PHE C 85 31.22 -2.92 20.14
N GLU C 86 31.89 -3.34 21.22
CA GLU C 86 33.36 -3.35 21.23
C GLU C 86 33.89 -4.74 21.56
N VAL C 87 34.84 -5.21 20.77
CA VAL C 87 35.44 -6.53 21.00
C VAL C 87 36.43 -6.45 22.15
N THR C 88 36.32 -7.39 23.10
CA THR C 88 37.20 -7.40 24.25
C THR C 88 38.08 -8.64 24.31
N HIS C 89 37.63 -9.73 23.68
CA HIS C 89 38.41 -10.95 23.67
C HIS C 89 38.47 -11.51 22.26
N ASP C 90 39.46 -12.34 21.99
CA ASP C 90 39.64 -12.90 20.66
C ASP C 90 38.93 -14.22 20.47
N ILE C 91 37.95 -14.25 19.57
CA ILE C 91 37.21 -15.49 19.29
C ILE C 91 37.31 -15.84 17.80
N THR C 92 38.35 -15.32 17.15
CA THR C 92 38.59 -15.54 15.73
C THR C 92 38.76 -17.01 15.34
N LYS C 93 39.07 -17.87 16.33
CA LYS C 93 39.25 -19.29 16.03
C LYS C 93 37.89 -19.93 15.78
N TYR C 94 36.84 -19.22 16.18
CA TYR C 94 35.47 -19.71 16.00
C TYR C 94 34.74 -18.99 14.86
N SER C 95 34.98 -17.70 14.68
CA SER C 95 34.29 -16.97 13.63
C SER C 95 35.17 -15.97 12.90
N LYS C 96 35.09 -15.97 11.57
CA LYS C 96 35.85 -15.05 10.74
C LYS C 96 35.12 -13.73 10.55
N ALA C 97 33.98 -13.58 11.21
CA ALA C 97 33.17 -12.37 11.08
C ALA C 97 33.94 -11.10 11.43
N LYS C 98 33.99 -10.18 10.48
CA LYS C 98 34.69 -8.91 10.69
C LYS C 98 34.29 -8.22 11.99
N VAL C 99 33.00 -8.25 12.33
CA VAL C 99 32.54 -7.61 13.57
C VAL C 99 33.40 -8.06 14.76
N PHE C 100 34.07 -9.21 14.60
CA PHE C 100 34.93 -9.76 15.65
C PHE C 100 36.42 -9.66 15.26
N GLU C 101 36.65 -9.34 14.00
CA GLU C 101 37.98 -9.19 13.39
C GLU C 101 39.16 -9.05 14.35
N HIS C 102 39.04 -8.19 15.36
CA HIS C 102 40.12 -7.99 16.33
C HIS C 102 39.73 -7.24 17.61
N ILE C 103 40.52 -7.49 18.67
CA ILE C 103 40.27 -6.87 19.96
C ILE C 103 40.34 -5.36 19.87
N GLY C 104 39.32 -4.72 20.45
CA GLY C 104 39.27 -3.28 20.45
C GLY C 104 38.40 -2.71 19.35
N LYS C 105 38.08 -3.54 18.36
CA LYS C 105 37.26 -3.11 17.23
C LYS C 105 35.84 -2.71 17.69
N LYS C 106 35.42 -1.50 17.32
CA LYS C 106 34.09 -1.01 17.68
C LYS C 106 33.17 -1.00 16.45
N THR C 107 31.93 -1.41 16.65
CA THR C 107 30.94 -1.41 15.59
C THR C 107 29.68 -0.71 16.08
N PRO C 108 29.23 0.34 15.37
CA PRO C 108 28.03 1.02 15.83
C PRO C 108 26.82 0.09 15.87
N ILE C 109 25.93 0.30 16.82
CA ILE C 109 24.73 -0.52 16.94
C ILE C 109 23.45 0.27 17.20
N ALA C 110 22.32 -0.39 16.95
CA ALA C 110 20.99 0.16 17.16
C ALA C 110 20.26 -0.91 17.97
N VAL C 111 19.51 -0.49 18.98
CA VAL C 111 18.76 -1.46 19.80
C VAL C 111 17.32 -1.03 19.99
N ARG C 112 16.43 -2.01 20.05
CA ARG C 112 15.02 -1.74 20.31
C ARG C 112 14.52 -2.77 21.31
N PHE C 113 14.02 -2.29 22.44
CA PHE C 113 13.48 -3.17 23.47
C PHE C 113 11.98 -3.19 23.25
N SER C 114 11.30 -4.16 23.83
CA SER C 114 9.86 -4.23 23.65
C SER C 114 9.20 -5.31 24.48
N THR C 115 7.88 -5.31 24.43
CA THR C 115 7.06 -6.31 25.08
C THR C 115 6.55 -7.15 23.91
N VAL C 116 5.64 -8.10 24.16
CA VAL C 116 5.21 -8.96 23.07
C VAL C 116 3.79 -8.81 22.56
N ALA C 117 2.83 -9.07 23.46
CA ALA C 117 1.41 -9.07 23.14
C ALA C 117 0.73 -7.71 22.93
N GLY C 118 0.88 -6.83 23.91
CA GLY C 118 0.26 -5.52 23.84
C GLY C 118 0.61 -4.72 22.61
N GLU C 119 -0.36 -3.94 22.11
CA GLU C 119 -0.13 -3.11 20.94
C GLU C 119 0.43 -1.74 21.33
N SER C 120 0.60 -0.87 20.34
CA SER C 120 1.19 0.44 20.55
C SER C 120 0.83 1.33 21.75
N GLY C 121 -0.32 1.13 22.37
CA GLY C 121 -0.62 2.01 23.50
C GLY C 121 -0.55 1.30 24.84
N SER C 122 -0.25 0.00 24.82
CA SER C 122 -0.18 -0.82 26.03
C SER C 122 0.85 -0.34 27.04
N ALA C 123 0.76 -0.86 28.26
CA ALA C 123 1.69 -0.48 29.33
C ALA C 123 3.00 -1.27 29.25
N ASP C 124 4.09 -0.64 29.64
CA ASP C 124 5.40 -1.27 29.61
C ASP C 124 5.60 -2.29 30.69
N THR C 125 5.10 -2.02 31.88
CA THR C 125 5.29 -2.91 33.02
C THR C 125 4.22 -4.00 33.19
N VAL C 126 4.31 -5.04 32.38
CA VAL C 126 3.37 -6.14 32.45
C VAL C 126 4.10 -7.45 32.22
N ARG C 127 3.60 -8.54 32.79
CA ARG C 127 4.26 -9.84 32.61
C ARG C 127 4.26 -10.16 31.12
N ASP C 128 5.42 -10.49 30.57
CA ASP C 128 5.53 -10.77 29.14
C ASP C 128 7.03 -10.79 28.81
N PRO C 129 7.43 -11.57 27.80
CA PRO C 129 8.86 -11.58 27.49
C PRO C 129 9.27 -10.16 27.07
N ARG C 130 10.54 -9.94 26.79
CA ARG C 130 10.98 -8.64 26.33
C ARG C 130 11.89 -8.80 25.13
N GLY C 131 11.56 -8.10 24.05
CA GLY C 131 12.39 -8.18 22.85
C GLY C 131 13.67 -7.42 23.15
N PHE C 132 14.77 -7.82 22.50
CA PHE C 132 16.05 -7.17 22.71
C PHE C 132 16.82 -7.31 21.37
N ALA C 133 16.44 -6.47 20.41
CA ALA C 133 17.06 -6.49 19.08
C ALA C 133 18.33 -5.64 18.97
N VAL C 134 19.34 -6.19 18.32
CA VAL C 134 20.59 -5.49 18.13
C VAL C 134 21.02 -5.53 16.67
N LYS C 135 21.19 -4.36 16.09
CA LYS C 135 21.63 -4.26 14.70
C LYS C 135 23.07 -3.77 14.70
N PHE C 136 24.00 -4.62 14.29
CA PHE C 136 25.40 -4.22 14.21
C PHE C 136 25.66 -3.83 12.76
N TYR C 137 26.00 -2.57 12.51
CA TYR C 137 26.27 -2.14 11.15
C TYR C 137 27.70 -2.51 10.85
N THR C 138 27.92 -3.72 10.36
CA THR C 138 29.27 -4.18 10.07
C THR C 138 29.70 -3.84 8.65
N GLU C 139 30.98 -4.03 8.35
CA GLU C 139 31.52 -3.76 7.02
C GLU C 139 31.02 -4.80 6.02
N ASP C 140 30.64 -5.97 6.55
CA ASP C 140 30.12 -7.04 5.74
C ASP C 140 28.61 -7.03 5.78
N GLY C 141 28.04 -5.84 5.97
CA GLY C 141 26.60 -5.73 6.03
C GLY C 141 26.09 -5.72 7.45
N ASN C 142 24.79 -5.51 7.61
CA ASN C 142 24.24 -5.46 8.93
C ASN C 142 24.08 -6.87 9.46
N TRP C 143 24.17 -7.00 10.78
CA TRP C 143 23.99 -8.28 11.43
C TRP C 143 22.97 -8.03 12.53
N ASP C 144 21.78 -8.59 12.36
CA ASP C 144 20.72 -8.42 13.33
C ASP C 144 20.66 -9.60 14.27
N LEU C 145 20.76 -9.34 15.56
CA LEU C 145 20.65 -10.38 16.57
C LEU C 145 19.36 -10.03 17.32
N VAL C 146 18.25 -10.53 16.80
CA VAL C 146 16.93 -10.26 17.35
C VAL C 146 16.59 -11.21 18.50
N GLY C 147 17.04 -10.90 19.71
CA GLY C 147 16.76 -11.80 20.82
C GLY C 147 15.87 -11.27 21.92
N ASN C 148 15.53 -12.11 22.90
CA ASN C 148 14.70 -11.64 24.01
C ASN C 148 15.52 -11.70 25.28
N ASN C 149 14.82 -11.48 26.39
CA ASN C 149 15.44 -11.51 27.71
C ASN C 149 15.27 -12.89 28.31
N THR C 150 15.23 -13.89 27.46
CA THR C 150 15.13 -15.27 27.90
C THR C 150 15.87 -16.13 26.90
N PRO C 151 16.49 -17.21 27.38
CA PRO C 151 17.25 -18.12 26.51
C PRO C 151 16.33 -19.08 25.75
N ILE C 152 15.07 -19.18 26.18
CA ILE C 152 14.14 -20.11 25.56
C ILE C 152 12.77 -19.53 25.16
N PHE C 153 11.96 -20.36 24.52
CA PHE C 153 10.62 -19.93 24.09
C PHE C 153 9.52 -20.96 24.35
N PHE C 154 8.28 -20.57 24.07
CA PHE C 154 7.11 -21.42 24.30
C PHE C 154 6.92 -22.62 23.38
N ILE C 155 7.33 -22.48 22.12
CA ILE C 155 7.14 -23.57 21.17
C ILE C 155 8.41 -23.82 20.38
N ARG C 156 8.51 -24.99 19.74
CA ARG C 156 9.70 -25.33 18.98
C ARG C 156 9.51 -25.57 17.49
N ASP C 157 8.38 -25.16 16.95
CA ASP C 157 8.15 -25.30 15.52
C ASP C 157 7.41 -24.05 15.08
N PRO C 158 7.97 -23.31 14.11
CA PRO C 158 7.40 -22.07 13.58
C PRO C 158 5.95 -22.12 13.12
N ILE C 159 5.44 -23.29 12.75
CA ILE C 159 4.06 -23.36 12.28
C ILE C 159 3.01 -23.14 13.39
N LEU C 160 3.47 -23.08 14.64
CA LEU C 160 2.56 -22.82 15.76
C LEU C 160 2.66 -21.38 16.24
N PHE C 161 3.62 -20.62 15.70
CA PHE C 161 3.80 -19.26 16.15
C PHE C 161 2.59 -18.37 15.91
N PRO C 162 1.95 -18.48 14.73
CA PRO C 162 0.80 -17.58 14.60
C PRO C 162 -0.28 -17.95 15.61
N SER C 163 -0.50 -19.25 15.79
CA SER C 163 -1.51 -19.71 16.73
C SER C 163 -1.18 -19.19 18.12
N PHE C 164 0.05 -19.42 18.55
CA PHE C 164 0.48 -18.97 19.86
C PHE C 164 0.25 -17.48 20.03
N ILE C 165 0.56 -16.72 19.00
CA ILE C 165 0.41 -15.28 19.09
C ILE C 165 -1.06 -14.92 19.21
N HIS C 166 -1.90 -15.54 18.37
CA HIS C 166 -3.31 -15.25 18.44
C HIS C 166 -3.83 -15.50 19.86
N SER C 167 -3.44 -16.62 20.45
CA SER C 167 -3.90 -16.97 21.79
C SER C 167 -3.46 -16.00 22.88
N GLN C 168 -2.35 -15.29 22.64
CA GLN C 168 -1.82 -14.34 23.60
C GLN C 168 -2.48 -12.98 23.47
N LYS C 169 -3.13 -12.75 22.33
CA LYS C 169 -3.80 -11.47 22.08
C LYS C 169 -5.30 -11.49 22.33
N ARG C 170 -6.00 -10.52 21.76
CA ARG C 170 -7.44 -10.35 21.91
C ARG C 170 -8.37 -11.37 21.26
N ASN C 171 -9.50 -11.63 21.92
CA ASN C 171 -10.52 -12.53 21.40
C ASN C 171 -10.92 -11.94 20.03
N PRO C 172 -11.11 -12.79 19.02
CA PRO C 172 -11.49 -12.24 17.71
C PRO C 172 -12.87 -11.60 17.61
N GLN C 173 -13.71 -11.85 18.62
CA GLN C 173 -15.05 -11.29 18.64
C GLN C 173 -15.28 -10.17 19.66
N THR C 174 -14.88 -10.41 20.91
CA THR C 174 -15.06 -9.41 21.96
C THR C 174 -13.94 -8.38 21.98
N HIS C 175 -12.79 -8.78 21.45
CA HIS C 175 -11.61 -7.93 21.37
C HIS C 175 -11.04 -7.75 22.78
N LEU C 176 -11.31 -8.70 23.65
CA LEU C 176 -10.83 -8.66 25.03
C LEU C 176 -9.76 -9.72 25.26
N LYS C 177 -8.91 -9.53 26.27
CA LYS C 177 -7.90 -10.53 26.55
C LYS C 177 -8.69 -11.77 26.94
N ASP C 178 -8.16 -12.95 26.64
CA ASP C 178 -8.88 -14.18 26.90
C ASP C 178 -8.05 -15.33 27.49
N PRO C 179 -8.16 -15.54 28.81
CA PRO C 179 -7.45 -16.59 29.56
C PRO C 179 -7.72 -18.01 29.03
N ASP C 180 -8.93 -18.26 28.55
CA ASP C 180 -9.23 -19.57 28.02
C ASP C 180 -8.35 -19.76 26.78
N MET C 181 -8.16 -18.70 26.02
CA MET C 181 -7.31 -18.77 24.83
C MET C 181 -5.86 -18.99 25.24
N VAL C 182 -5.41 -18.23 26.22
CA VAL C 182 -4.04 -18.33 26.70
C VAL C 182 -3.71 -19.76 27.14
N TRP C 183 -4.46 -20.25 28.11
CA TRP C 183 -4.24 -21.58 28.66
C TRP C 183 -4.68 -22.77 27.83
N ASP C 184 -5.71 -22.63 27.01
CA ASP C 184 -6.09 -23.76 26.18
C ASP C 184 -4.85 -24.10 25.34
N PHE C 185 -4.25 -23.08 24.74
CA PHE C 185 -3.06 -23.31 23.93
C PHE C 185 -1.91 -23.92 24.75
N TRP C 186 -1.54 -23.26 25.84
CA TRP C 186 -0.44 -23.77 26.67
C TRP C 186 -0.67 -25.13 27.30
N SER C 187 -1.94 -25.52 27.48
CA SER C 187 -2.22 -26.83 28.08
C SER C 187 -2.24 -27.92 27.02
N LEU C 188 -2.54 -27.55 25.77
CA LEU C 188 -2.56 -28.53 24.68
C LEU C 188 -1.15 -28.63 24.12
N ARG C 189 -0.30 -27.66 24.47
CA ARG C 189 1.09 -27.65 24.01
C ARG C 189 1.98 -27.47 25.23
N PRO C 190 2.19 -28.55 26.00
CA PRO C 190 3.00 -28.61 27.22
C PRO C 190 4.48 -28.32 27.04
N GLU C 191 4.96 -28.36 25.81
CA GLU C 191 6.37 -28.09 25.55
C GLU C 191 6.70 -26.71 26.11
N SER C 192 5.66 -25.89 26.23
CA SER C 192 5.75 -24.54 26.73
C SER C 192 6.17 -24.42 28.20
N LEU C 193 5.98 -25.49 28.97
CA LEU C 193 6.30 -25.51 30.40
C LEU C 193 7.58 -24.79 30.81
N HIS C 194 8.64 -24.98 30.05
CA HIS C 194 9.91 -24.34 30.38
C HIS C 194 9.83 -22.82 30.40
N GLN C 195 9.55 -22.23 29.24
CA GLN C 195 9.47 -20.77 29.12
C GLN C 195 8.32 -20.18 29.91
N VAL C 196 7.29 -20.98 30.17
CA VAL C 196 6.16 -20.49 30.95
C VAL C 196 6.62 -20.34 32.40
N SER C 197 7.41 -21.30 32.87
CA SER C 197 7.93 -21.30 34.23
C SER C 197 8.83 -20.10 34.42
N PHE C 198 9.43 -19.64 33.33
CA PHE C 198 10.31 -18.49 33.37
C PHE C 198 9.48 -17.21 33.31
N LEU C 199 8.48 -17.18 32.42
CA LEU C 199 7.61 -16.02 32.23
C LEU C 199 6.85 -15.64 33.48
N PHE C 200 6.57 -16.63 34.32
CA PHE C 200 5.85 -16.37 35.56
C PHE C 200 6.74 -16.26 36.78
N SER C 201 8.05 -16.24 36.56
CA SER C 201 9.00 -16.12 37.67
C SER C 201 9.21 -14.62 37.89
N ASP C 202 10.05 -14.26 38.85
CA ASP C 202 10.29 -12.85 39.09
C ASP C 202 10.75 -12.13 37.83
N ARG C 203 11.43 -12.86 36.95
CA ARG C 203 11.94 -12.26 35.73
C ARG C 203 10.89 -11.98 34.64
N GLY C 204 9.62 -12.21 34.98
CA GLY C 204 8.54 -11.94 34.04
C GLY C 204 8.31 -10.45 33.88
N ILE C 205 8.63 -9.68 34.90
CA ILE C 205 8.47 -8.24 34.84
C ILE C 205 9.74 -7.50 35.24
N PRO C 206 10.69 -7.36 34.29
CA PRO C 206 11.94 -6.66 34.59
C PRO C 206 11.72 -5.18 34.91
N ASP C 207 12.58 -4.60 35.76
CA ASP C 207 12.46 -3.19 36.11
C ASP C 207 13.20 -2.37 35.06
N GLY C 208 12.52 -2.05 33.96
CA GLY C 208 13.16 -1.29 32.91
C GLY C 208 13.91 -2.24 31.99
N HIS C 209 14.40 -1.74 30.87
CA HIS C 209 15.14 -2.56 29.93
C HIS C 209 16.60 -2.68 30.30
N ARG C 210 17.06 -1.78 31.16
CA ARG C 210 18.46 -1.77 31.56
C ARG C 210 18.85 -2.81 32.61
N HIS C 211 17.87 -3.51 33.18
CA HIS C 211 18.19 -4.50 34.20
C HIS C 211 17.77 -5.91 33.87
N MET C 212 17.86 -6.27 32.58
CA MET C 212 17.53 -7.62 32.13
C MET C 212 18.64 -8.10 31.23
N ASN C 213 18.78 -9.42 31.06
CA ASN C 213 19.80 -9.99 30.18
C ASN C 213 19.29 -10.08 28.74
N GLY C 214 20.19 -10.36 27.82
CA GLY C 214 19.81 -10.48 26.42
C GLY C 214 20.26 -11.82 25.90
N TYR C 215 19.43 -12.50 25.12
CA TYR C 215 19.79 -13.80 24.58
C TYR C 215 19.42 -13.92 23.11
N GLY C 216 20.29 -14.54 22.32
CA GLY C 216 19.98 -14.75 20.92
C GLY C 216 19.00 -15.91 20.93
N SER C 217 19.02 -16.65 22.04
CA SER C 217 18.17 -17.82 22.29
C SER C 217 18.43 -19.02 21.37
N HIS C 218 18.31 -18.78 20.06
CA HIS C 218 18.54 -19.83 19.09
C HIS C 218 19.98 -20.28 19.10
N THR C 219 20.19 -21.44 18.49
CA THR C 219 21.52 -21.96 18.35
C THR C 219 21.93 -21.52 16.96
N PHE C 220 23.05 -20.79 16.85
CA PHE C 220 23.52 -20.35 15.55
C PHE C 220 24.80 -21.11 15.23
N LYS C 221 25.37 -20.85 14.06
CA LYS C 221 26.61 -21.51 13.66
C LYS C 221 27.71 -20.48 13.41
N LEU C 222 28.89 -20.75 13.97
CA LEU C 222 30.05 -19.87 13.78
C LEU C 222 31.00 -20.57 12.82
N VAL C 223 31.66 -19.80 11.96
CA VAL C 223 32.58 -20.36 10.97
C VAL C 223 33.89 -19.57 10.97
N ASN C 224 35.03 -20.26 10.99
CA ASN C 224 36.33 -19.57 10.97
C ASN C 224 36.96 -19.49 9.59
N ALA C 225 38.09 -18.79 9.51
CA ALA C 225 38.79 -18.62 8.25
C ALA C 225 39.17 -19.95 7.58
N ASN C 226 39.11 -21.04 8.33
CA ASN C 226 39.45 -22.36 7.82
C ASN C 226 38.25 -23.12 7.23
N GLY C 227 37.05 -22.63 7.53
CA GLY C 227 35.85 -23.29 7.03
C GLY C 227 35.31 -24.21 8.11
N GLU C 228 36.01 -24.24 9.24
CA GLU C 228 35.60 -25.05 10.38
C GLU C 228 34.40 -24.36 11.03
N ALA C 229 33.40 -25.13 11.42
CA ALA C 229 32.21 -24.56 12.03
C ALA C 229 31.90 -25.11 13.41
N VAL C 230 31.22 -24.29 14.21
CA VAL C 230 30.80 -24.69 15.54
C VAL C 230 29.41 -24.10 15.76
N TYR C 231 28.71 -24.63 16.76
CA TYR C 231 27.39 -24.14 17.08
C TYR C 231 27.52 -23.26 18.30
N CYS C 232 26.62 -22.31 18.48
CA CYS C 232 26.73 -21.42 19.62
C CYS C 232 25.44 -20.80 20.07
N LYS C 233 25.57 -20.07 21.17
CA LYS C 233 24.47 -19.35 21.79
C LYS C 233 25.06 -17.99 22.14
N PHE C 234 24.33 -16.92 21.82
CA PHE C 234 24.80 -15.57 22.13
C PHE C 234 24.10 -15.15 23.42
N HIS C 235 24.84 -14.47 24.28
CA HIS C 235 24.27 -13.96 25.54
C HIS C 235 24.87 -12.60 25.81
N TYR C 236 24.06 -11.69 26.32
CA TYR C 236 24.57 -10.39 26.69
C TYR C 236 23.99 -10.11 28.06
N LYS C 237 24.82 -10.27 29.10
CA LYS C 237 24.39 -10.06 30.47
C LYS C 237 24.40 -8.59 30.86
N THR C 238 23.37 -8.17 31.60
CA THR C 238 23.24 -6.78 32.02
C THR C 238 24.27 -6.33 33.04
N ASP C 239 25.11 -5.38 32.65
CA ASP C 239 26.10 -4.88 33.56
C ASP C 239 25.40 -4.10 34.67
N GLN C 240 24.23 -3.55 34.37
CA GLN C 240 23.47 -2.79 35.35
C GLN C 240 22.84 -3.75 36.38
N GLY C 241 23.09 -5.04 36.20
CA GLY C 241 22.55 -6.04 37.10
C GLY C 241 21.08 -6.38 36.91
N ILE C 242 20.70 -7.61 37.26
CA ILE C 242 19.32 -8.05 37.16
C ILE C 242 18.52 -7.28 38.19
N LYS C 243 17.25 -7.04 37.90
CA LYS C 243 16.35 -6.31 38.78
C LYS C 243 14.93 -6.42 38.24
N ASN C 244 13.98 -6.83 39.07
CA ASN C 244 12.58 -6.97 38.63
C ASN C 244 11.59 -6.18 39.47
N LEU C 245 10.41 -5.95 38.90
CA LEU C 245 9.33 -5.23 39.56
C LEU C 245 8.36 -6.22 40.21
N SER C 246 7.91 -5.93 41.44
CA SER C 246 6.95 -6.82 42.10
C SER C 246 5.62 -6.67 41.36
N VAL C 247 4.74 -7.66 41.47
CA VAL C 247 3.47 -7.58 40.76
C VAL C 247 2.73 -6.27 41.06
N GLU C 248 2.76 -5.85 42.32
CA GLU C 248 2.07 -4.65 42.74
C GLU C 248 2.63 -3.39 42.10
N ASP C 249 3.95 -3.21 42.15
CA ASP C 249 4.53 -2.01 41.55
C ASP C 249 4.28 -2.03 40.05
N ALA C 250 4.40 -3.21 39.47
CA ALA C 250 4.19 -3.39 38.05
C ALA C 250 2.79 -2.89 37.63
N ALA C 251 1.82 -3.10 38.50
CA ALA C 251 0.46 -2.67 38.21
C ALA C 251 0.27 -1.19 38.51
N ARG C 252 0.73 -0.76 39.68
CA ARG C 252 0.62 0.65 40.05
C ARG C 252 1.28 1.45 38.95
N LEU C 253 2.35 0.88 38.37
CA LEU C 253 3.07 1.56 37.31
C LEU C 253 2.36 1.52 35.97
N SER C 254 1.74 0.39 35.64
CA SER C 254 1.04 0.27 34.36
C SER C 254 -0.03 1.35 34.28
N GLN C 255 -0.39 1.91 35.43
CA GLN C 255 -1.40 2.96 35.48
C GLN C 255 -0.80 4.37 35.62
N GLU C 256 0.26 4.49 36.41
CA GLU C 256 0.90 5.79 36.61
C GLU C 256 1.75 6.20 35.43
N ASP C 257 2.42 5.23 34.82
CA ASP C 257 3.27 5.53 33.68
C ASP C 257 3.38 4.32 32.76
N PRO C 258 2.43 4.20 31.82
CA PRO C 258 2.46 3.09 30.89
C PRO C 258 3.68 3.11 29.96
N ASP C 259 4.43 4.19 29.98
CA ASP C 259 5.60 4.28 29.12
C ASP C 259 6.89 4.27 29.93
N TYR C 260 6.78 3.78 31.15
CA TYR C 260 7.89 3.67 32.10
C TYR C 260 9.20 3.22 31.47
N GLY C 261 9.16 2.10 30.77
CA GLY C 261 10.36 1.59 30.13
C GLY C 261 11.05 2.58 29.20
N ILE C 262 10.26 3.29 28.41
CA ILE C 262 10.82 4.27 27.50
C ILE C 262 11.48 5.42 28.24
N ARG C 263 10.77 5.93 29.24
CA ARG C 263 11.25 7.06 30.04
C ARG C 263 12.54 6.72 30.78
N ASP C 264 12.59 5.53 31.38
CA ASP C 264 13.77 5.12 32.13
C ASP C 264 14.99 5.09 31.21
N LEU C 265 14.90 4.32 30.14
CA LEU C 265 16.02 4.23 29.21
C LEU C 265 16.44 5.61 28.68
N PHE C 266 15.47 6.46 28.35
CA PHE C 266 15.79 7.78 27.81
C PHE C 266 16.49 8.69 28.82
N ASN C 267 15.93 8.81 30.02
CA ASN C 267 16.57 9.66 31.01
C ASN C 267 17.95 9.12 31.36
N ALA C 268 18.03 7.81 31.57
CA ALA C 268 19.31 7.19 31.88
C ALA C 268 20.37 7.70 30.92
N ILE C 269 20.16 7.50 29.63
CA ILE C 269 21.11 7.94 28.62
C ILE C 269 21.29 9.44 28.60
N ALA C 270 20.18 10.17 28.72
CA ALA C 270 20.28 11.62 28.69
C ALA C 270 21.03 12.16 29.90
N THR C 271 21.13 11.38 30.97
CA THR C 271 21.86 11.85 32.15
C THR C 271 23.20 11.14 32.36
N GLY C 272 23.77 10.59 31.28
CA GLY C 272 25.05 9.91 31.37
C GLY C 272 25.08 8.49 31.90
N LYS C 273 23.94 7.95 32.32
CA LYS C 273 23.91 6.59 32.83
C LYS C 273 23.82 5.56 31.71
N TYR C 274 24.68 5.73 30.72
CA TYR C 274 24.72 4.82 29.61
C TYR C 274 24.76 3.38 30.09
N PRO C 275 23.74 2.58 29.73
CA PRO C 275 23.68 1.17 30.14
C PRO C 275 24.54 0.29 29.25
N SER C 276 25.06 -0.80 29.83
CA SER C 276 25.91 -1.71 29.07
C SER C 276 25.64 -3.17 29.37
N TRP C 277 26.03 -4.02 28.43
CA TRP C 277 25.87 -5.46 28.55
C TRP C 277 27.20 -6.05 28.13
N THR C 278 27.54 -7.22 28.70
CA THR C 278 28.77 -7.93 28.35
C THR C 278 28.38 -9.09 27.41
N PHE C 279 29.03 -9.13 26.25
CA PHE C 279 28.72 -10.12 25.24
C PHE C 279 29.50 -11.44 25.30
N TYR C 280 28.80 -12.54 25.57
CA TYR C 280 29.41 -13.87 25.62
C TYR C 280 28.85 -14.76 24.52
N ILE C 281 29.38 -15.98 24.45
CA ILE C 281 28.92 -17.00 23.51
C ILE C 281 29.21 -18.31 24.17
N GLN C 282 28.45 -19.33 23.80
CA GLN C 282 28.66 -20.68 24.30
C GLN C 282 28.97 -21.44 23.02
N VAL C 283 29.94 -22.34 23.08
CA VAL C 283 30.30 -23.09 21.91
C VAL C 283 30.08 -24.57 22.15
N MET C 284 29.49 -25.23 21.15
CA MET C 284 29.22 -26.65 21.18
C MET C 284 29.78 -27.13 19.84
N THR C 285 30.70 -28.08 19.87
CA THR C 285 31.27 -28.59 18.64
C THR C 285 30.27 -29.52 18.00
N PHE C 286 30.52 -29.89 16.75
CA PHE C 286 29.61 -30.79 16.06
C PHE C 286 29.59 -32.15 16.75
N ASN C 287 30.75 -32.55 17.27
CA ASN C 287 30.82 -33.83 17.96
C ASN C 287 29.94 -33.77 19.21
N GLN C 288 30.14 -32.73 20.02
CA GLN C 288 29.35 -32.58 21.23
C GLN C 288 27.87 -32.56 20.89
N ALA C 289 27.54 -31.93 19.77
CA ALA C 289 26.16 -31.81 19.35
C ALA C 289 25.46 -33.15 19.16
N GLU C 290 26.16 -34.14 18.63
CA GLU C 290 25.53 -35.45 18.43
C GLU C 290 25.31 -36.22 19.72
N THR C 291 25.87 -35.72 20.82
CA THR C 291 25.71 -36.38 22.10
C THR C 291 24.94 -35.58 23.14
N PHE C 292 24.38 -34.45 22.73
CA PHE C 292 23.60 -33.64 23.66
C PHE C 292 22.37 -34.49 24.02
N PRO C 293 22.03 -34.57 25.31
CA PRO C 293 20.88 -35.36 25.75
C PRO C 293 19.56 -34.93 25.13
N PHE C 294 19.56 -33.76 24.50
CA PHE C 294 18.35 -33.23 23.86
C PHE C 294 18.70 -32.78 22.45
N ASN C 295 17.71 -32.25 21.74
CA ASN C 295 17.97 -31.73 20.41
C ASN C 295 18.60 -30.37 20.66
N PRO C 296 19.91 -30.23 20.40
CA PRO C 296 20.54 -28.93 20.66
C PRO C 296 19.84 -27.74 19.97
N PHE C 297 19.07 -28.02 18.92
CA PHE C 297 18.39 -26.99 18.18
C PHE C 297 16.95 -26.84 18.62
N ASP C 298 16.67 -27.25 19.86
CA ASP C 298 15.33 -27.15 20.42
C ASP C 298 15.30 -25.83 21.16
N LEU C 299 14.44 -24.92 20.71
CA LEU C 299 14.31 -23.60 21.33
C LEU C 299 13.76 -23.64 22.76
N THR C 300 13.30 -24.81 23.19
CA THR C 300 12.78 -24.96 24.56
C THR C 300 13.84 -25.50 25.53
N LYS C 301 15.05 -25.72 25.02
CA LYS C 301 16.17 -26.20 25.83
C LYS C 301 17.28 -25.16 25.95
N VAL C 302 18.13 -25.35 26.96
CA VAL C 302 19.26 -24.46 27.17
C VAL C 302 20.50 -25.33 27.23
N TRP C 303 21.67 -24.72 27.04
CA TRP C 303 22.92 -25.47 27.15
C TRP C 303 23.42 -25.10 28.54
N PRO C 304 23.41 -26.07 29.47
CA PRO C 304 23.88 -25.78 30.83
C PRO C 304 25.28 -25.18 30.87
N HIS C 305 25.41 -24.04 31.53
CA HIS C 305 26.68 -23.33 31.63
C HIS C 305 27.81 -24.20 32.17
N LYS C 306 27.45 -25.20 32.96
CA LYS C 306 28.40 -26.13 33.55
C LYS C 306 29.11 -26.90 32.46
N ASP C 307 28.33 -27.47 31.54
CA ASP C 307 28.88 -28.25 30.43
C ASP C 307 29.34 -27.39 29.25
N TYR C 308 28.84 -26.16 29.19
CA TYR C 308 29.21 -25.25 28.12
C TYR C 308 29.36 -23.89 28.73
N PRO C 309 30.57 -23.58 29.24
CA PRO C 309 30.87 -22.30 29.88
C PRO C 309 30.76 -21.11 28.93
N LEU C 310 30.26 -20.00 29.46
CA LEU C 310 30.12 -18.80 28.66
C LEU C 310 31.51 -18.25 28.36
N ILE C 311 31.76 -18.00 27.07
CA ILE C 311 33.04 -17.46 26.59
C ILE C 311 32.86 -15.96 26.37
N PRO C 312 33.61 -15.11 27.09
CA PRO C 312 33.47 -13.66 26.91
C PRO C 312 33.94 -13.23 25.52
N VAL C 313 33.22 -12.29 24.92
CA VAL C 313 33.56 -11.81 23.58
C VAL C 313 33.72 -10.30 23.50
N GLY C 314 32.69 -9.59 23.93
CA GLY C 314 32.76 -8.14 23.85
C GLY C 314 31.88 -7.40 24.83
N LYS C 315 31.39 -6.25 24.39
CA LYS C 315 30.57 -5.42 25.22
C LYS C 315 29.63 -4.58 24.37
N LEU C 316 28.44 -4.32 24.91
CA LEU C 316 27.43 -3.52 24.22
C LEU C 316 27.19 -2.28 25.06
N VAL C 317 27.24 -1.13 24.41
CA VAL C 317 27.05 0.13 25.10
C VAL C 317 26.01 1.01 24.41
N LEU C 318 25.03 1.50 25.17
CA LEU C 318 24.01 2.37 24.59
C LEU C 318 24.25 3.76 25.15
N ASN C 319 24.78 4.65 24.33
CA ASN C 319 25.09 6.00 24.77
C ASN C 319 24.36 7.12 24.04
N ARG C 320 23.44 6.79 23.15
CA ARG C 320 22.70 7.83 22.43
C ARG C 320 21.22 7.52 22.26
N ASN C 321 20.40 8.53 22.53
CA ASN C 321 18.96 8.42 22.40
C ASN C 321 18.55 8.78 20.99
N PRO C 322 17.33 8.39 20.59
CA PRO C 322 16.92 8.75 19.23
C PRO C 322 16.60 10.25 19.15
N VAL C 323 16.66 10.82 17.97
CA VAL C 323 16.36 12.25 17.82
C VAL C 323 14.87 12.40 17.50
N ASN C 324 14.39 11.45 16.71
CA ASN C 324 13.00 11.38 16.29
C ASN C 324 12.66 9.92 16.43
N TYR C 325 11.64 9.62 17.23
CA TYR C 325 11.26 8.25 17.50
C TYR C 325 10.73 7.52 16.28
N PHE C 326 9.84 8.17 15.55
CA PHE C 326 9.27 7.51 14.37
C PHE C 326 10.32 7.06 13.37
N ALA C 327 11.24 7.97 13.06
CA ALA C 327 12.29 7.70 12.08
C ALA C 327 13.28 6.64 12.50
N GLU C 328 13.71 6.72 13.75
CA GLU C 328 14.70 5.81 14.27
C GLU C 328 14.22 4.60 15.04
N VAL C 329 13.00 4.63 15.55
CA VAL C 329 12.53 3.49 16.34
C VAL C 329 11.36 2.73 15.74
N GLU C 330 10.25 3.42 15.50
CA GLU C 330 9.07 2.75 14.94
C GLU C 330 9.39 2.18 13.56
N GLN C 331 10.21 2.89 12.79
CA GLN C 331 10.58 2.43 11.47
C GLN C 331 11.76 1.47 11.43
N ILE C 332 12.37 1.18 12.57
CA ILE C 332 13.53 0.29 12.55
C ILE C 332 13.07 -1.13 12.29
N ALA C 333 13.86 -1.87 11.51
CA ALA C 333 13.54 -3.23 11.15
C ALA C 333 14.71 -4.19 11.35
N PHE C 334 14.48 -5.27 12.08
CA PHE C 334 15.55 -6.24 12.29
C PHE C 334 15.21 -7.57 11.61
N ASP C 335 16.14 -8.12 10.83
CA ASP C 335 15.90 -9.41 10.18
C ASP C 335 16.93 -10.42 10.64
N PRO C 336 16.51 -11.46 11.37
CA PRO C 336 17.44 -12.48 11.84
C PRO C 336 18.29 -13.02 10.69
N SER C 337 17.73 -13.04 9.49
CA SER C 337 18.42 -13.53 8.29
C SER C 337 19.58 -12.63 7.88
N ASN C 338 19.72 -11.49 8.54
CA ASN C 338 20.83 -10.60 8.22
C ASN C 338 22.04 -11.07 9.00
N MET C 339 22.84 -11.93 8.38
CA MET C 339 24.05 -12.46 9.02
C MET C 339 25.21 -12.37 8.05
N PRO C 340 26.34 -11.82 8.50
CA PRO C 340 27.52 -11.70 7.65
C PRO C 340 28.37 -12.96 7.78
N PRO C 341 29.30 -13.16 6.84
CA PRO C 341 30.18 -14.33 6.87
C PRO C 341 30.78 -14.56 8.26
N GLY C 342 30.77 -15.81 8.69
CA GLY C 342 31.30 -16.14 10.01
C GLY C 342 30.15 -16.53 10.91
N ILE C 343 28.99 -15.95 10.63
CA ILE C 343 27.78 -16.22 11.39
C ILE C 343 26.72 -16.78 10.48
N GLU C 344 26.13 -17.90 10.87
CA GLU C 344 25.09 -18.52 10.08
C GLU C 344 24.03 -19.16 10.96
N ALA C 345 22.94 -19.58 10.35
CA ALA C 345 21.84 -20.18 11.08
C ALA C 345 22.05 -21.68 11.31
N SER C 346 21.36 -22.22 12.31
CA SER C 346 21.42 -23.64 12.58
C SER C 346 20.09 -24.18 12.08
N PRO C 347 19.94 -25.50 12.03
CA PRO C 347 18.67 -26.06 11.54
C PRO C 347 17.50 -25.95 12.52
N ASP C 348 17.66 -25.11 13.56
CA ASP C 348 16.61 -24.89 14.55
C ASP C 348 15.36 -24.49 13.80
N LYS C 349 14.35 -25.35 13.87
CA LYS C 349 13.08 -25.12 13.17
C LYS C 349 12.51 -23.72 13.34
N MET C 350 12.48 -23.24 14.58
CA MET C 350 11.98 -21.91 14.90
C MET C 350 12.75 -20.80 14.17
N LEU C 351 14.09 -20.83 14.27
CA LEU C 351 14.94 -19.85 13.62
C LEU C 351 14.77 -19.93 12.09
N GLN C 352 14.72 -21.15 11.56
CA GLN C 352 14.56 -21.34 10.14
C GLN C 352 13.29 -20.61 9.66
N GLY C 353 12.24 -20.63 10.49
CA GLY C 353 11.01 -19.95 10.15
C GLY C 353 11.17 -18.43 10.11
N ARG C 354 11.81 -17.88 11.14
CA ARG C 354 12.06 -16.45 11.22
C ARG C 354 12.93 -15.95 10.07
N LEU C 355 13.73 -16.83 9.47
CA LEU C 355 14.56 -16.42 8.35
C LEU C 355 13.65 -15.86 7.28
N PHE C 356 12.39 -16.26 7.31
CA PHE C 356 11.44 -15.78 6.34
C PHE C 356 10.46 -14.72 6.84
N ALA C 357 9.94 -14.91 8.04
CA ALA C 357 8.96 -13.99 8.57
C ALA C 357 9.31 -12.50 8.57
N TYR C 358 10.46 -12.13 9.11
CA TYR C 358 10.82 -10.72 9.20
C TYR C 358 10.93 -9.94 7.86
N PRO C 359 11.82 -10.35 6.96
CA PRO C 359 11.85 -9.54 5.73
C PRO C 359 10.45 -9.47 5.10
N ASP C 360 9.69 -10.56 5.21
CA ASP C 360 8.36 -10.62 4.65
C ASP C 360 7.44 -9.60 5.30
N THR C 361 7.38 -9.62 6.63
CA THR C 361 6.53 -8.71 7.36
C THR C 361 7.02 -7.27 7.14
N HIS C 362 8.32 -7.08 7.12
CA HIS C 362 8.85 -5.73 6.93
C HIS C 362 8.40 -5.13 5.60
N ARG C 363 8.33 -5.96 4.57
CA ARG C 363 7.92 -5.50 3.27
C ARG C 363 6.50 -4.97 3.37
N HIS C 364 5.74 -5.57 4.27
CA HIS C 364 4.35 -5.17 4.49
C HIS C 364 4.30 -3.92 5.36
N ARG C 365 4.89 -4.01 6.55
CA ARG C 365 4.89 -2.90 7.50
C ARG C 365 5.56 -1.63 7.00
N LEU C 366 6.75 -1.75 6.43
CA LEU C 366 7.45 -0.57 5.97
C LEU C 366 7.33 -0.38 4.48
N GLY C 367 7.71 -1.39 3.71
CA GLY C 367 7.59 -1.25 2.27
C GLY C 367 8.66 -2.02 1.57
N PRO C 368 8.47 -2.31 0.29
CA PRO C 368 9.47 -3.06 -0.48
C PRO C 368 10.88 -2.58 -0.16
N ASN C 369 11.10 -1.27 -0.32
CA ASN C 369 12.43 -0.69 -0.06
C ASN C 369 12.66 -0.21 1.37
N TYR C 370 12.16 -0.95 2.36
CA TYR C 370 12.33 -0.55 3.75
C TYR C 370 13.80 -0.52 4.16
N LEU C 371 14.66 -1.09 3.34
CA LEU C 371 16.08 -1.09 3.66
C LEU C 371 16.75 0.23 3.38
N HIS C 372 16.05 1.14 2.71
CA HIS C 372 16.57 2.47 2.39
C HIS C 372 16.34 3.42 3.56
N ILE C 373 15.37 3.11 4.41
CA ILE C 373 15.12 3.95 5.56
C ILE C 373 16.47 4.01 6.29
N PRO C 374 16.97 5.22 6.55
CA PRO C 374 18.24 5.45 7.23
C PRO C 374 18.72 4.45 8.30
N VAL C 375 17.93 4.18 9.35
CA VAL C 375 18.34 3.26 10.42
C VAL C 375 18.42 1.80 10.01
N ASN C 376 17.91 1.49 8.83
CA ASN C 376 17.94 0.12 8.34
C ASN C 376 19.06 -0.07 7.33
N CYS C 377 19.45 1.04 6.70
CA CYS C 377 20.51 1.06 5.69
C CYS C 377 21.82 0.55 6.28
N PRO C 378 22.51 -0.35 5.55
CA PRO C 378 23.79 -0.87 6.02
C PRO C 378 24.84 0.15 5.56
N TYR C 379 24.84 1.28 6.25
CA TYR C 379 25.70 2.41 5.91
C TYR C 379 27.21 2.19 6.08
N ARG C 380 27.60 1.17 6.82
CA ARG C 380 29.03 0.89 7.02
C ARG C 380 29.45 -0.11 5.95
N ALA C 381 28.51 -0.57 5.16
CA ALA C 381 28.80 -1.53 4.11
C ALA C 381 28.59 -0.87 2.74
N ARG C 382 28.96 -1.59 1.69
CA ARG C 382 28.83 -1.07 0.34
C ARG C 382 27.87 -1.95 -0.46
N VAL C 383 26.60 -1.55 -0.49
CA VAL C 383 25.56 -2.30 -1.17
C VAL C 383 25.62 -2.20 -2.69
N ALA C 384 25.78 -3.34 -3.34
CA ALA C 384 25.85 -3.39 -4.79
C ALA C 384 25.27 -4.72 -5.28
N ASN C 385 24.29 -4.65 -6.17
CA ASN C 385 23.68 -5.86 -6.68
C ASN C 385 22.86 -5.65 -7.94
N TYR C 386 21.92 -6.56 -8.20
CA TYR C 386 21.08 -6.48 -9.39
C TYR C 386 19.61 -6.25 -9.13
N GLN C 387 19.31 -5.84 -7.90
CA GLN C 387 17.95 -5.53 -7.49
C GLN C 387 17.70 -4.07 -7.92
N ARG C 388 16.49 -3.80 -8.41
CA ARG C 388 16.12 -2.44 -8.86
C ARG C 388 14.68 -2.08 -8.56
N ASP C 389 14.35 -0.82 -8.84
CA ASP C 389 13.01 -0.26 -8.69
C ASP C 389 12.26 -0.50 -7.40
N GLY C 390 10.94 -0.69 -7.52
CA GLY C 390 10.09 -0.87 -6.36
C GLY C 390 9.55 0.47 -5.88
N PRO C 391 8.46 0.51 -5.11
CA PRO C 391 7.94 1.81 -4.64
C PRO C 391 8.91 2.56 -3.73
N MET C 392 8.78 3.89 -3.72
CA MET C 392 9.62 4.75 -2.91
C MET C 392 11.11 4.43 -3.03
N CYS C 393 11.61 4.32 -4.27
CA CYS C 393 13.03 4.05 -4.47
C CYS C 393 13.70 5.38 -4.16
N MET C 394 14.45 5.41 -3.06
CA MET C 394 15.10 6.63 -2.60
C MET C 394 16.46 6.97 -3.19
N GLN C 395 17.32 5.98 -3.32
CA GLN C 395 18.64 6.26 -3.84
C GLN C 395 18.62 6.57 -5.34
N ASP C 396 19.79 6.49 -5.97
CA ASP C 396 19.95 6.72 -7.39
C ASP C 396 19.51 5.45 -8.17
N ASN C 397 19.08 4.44 -7.41
CA ASN C 397 18.64 3.15 -7.97
C ASN C 397 19.80 2.49 -8.70
N GLN C 398 21.00 2.75 -8.20
CA GLN C 398 22.24 2.21 -8.76
C GLN C 398 22.44 2.62 -10.22
N GLY C 399 22.00 3.84 -10.51
CA GLY C 399 22.13 4.45 -11.83
C GLY C 399 21.92 3.65 -13.09
N GLY C 400 22.90 3.68 -13.98
CA GLY C 400 22.77 2.94 -15.23
C GLY C 400 23.54 1.63 -15.26
N ALA C 401 24.12 1.26 -14.12
CA ALA C 401 24.86 0.01 -14.02
C ALA C 401 24.05 -1.14 -14.62
N PRO C 402 24.74 -2.13 -15.24
CA PRO C 402 24.05 -3.28 -15.84
C PRO C 402 23.22 -4.00 -14.79
N ASN C 403 21.95 -4.22 -15.07
CA ASN C 403 21.06 -4.83 -14.09
C ASN C 403 20.85 -6.33 -14.16
N TYR C 404 21.66 -7.01 -14.97
CA TYR C 404 21.53 -8.46 -15.11
C TYR C 404 22.84 -9.16 -14.85
N TYR C 405 22.76 -10.34 -14.25
CA TYR C 405 23.93 -11.11 -13.89
C TYR C 405 23.83 -12.53 -14.42
N PRO C 406 24.90 -13.04 -15.05
CA PRO C 406 26.15 -12.32 -15.29
C PRO C 406 26.08 -11.37 -16.47
N ASN C 407 27.14 -10.59 -16.63
CA ASN C 407 27.23 -9.63 -17.73
C ASN C 407 28.70 -9.38 -18.05
N SER C 408 28.97 -8.96 -19.27
CA SER C 408 30.33 -8.69 -19.67
C SER C 408 30.63 -7.20 -19.53
N PHE C 409 30.08 -6.58 -18.49
CA PHE C 409 30.28 -5.15 -18.30
C PHE C 409 30.78 -4.68 -16.95
N GLY C 410 31.38 -5.57 -16.18
CA GLY C 410 31.95 -5.18 -14.89
C GLY C 410 31.12 -5.08 -13.62
N ALA C 411 29.81 -4.90 -13.74
CA ALA C 411 28.93 -4.80 -12.58
C ALA C 411 29.36 -5.77 -11.45
N PRO C 412 28.92 -5.48 -10.20
CA PRO C 412 29.23 -6.27 -9.01
C PRO C 412 29.41 -7.79 -9.22
N GLU C 413 30.32 -8.37 -8.46
CA GLU C 413 30.61 -9.81 -8.57
C GLU C 413 30.61 -10.54 -7.24
N GLN C 414 30.25 -11.81 -7.28
CA GLN C 414 30.23 -12.63 -6.08
C GLN C 414 31.65 -12.94 -5.60
N GLN C 415 31.88 -12.90 -4.29
CA GLN C 415 33.20 -13.24 -3.76
C GLN C 415 33.03 -14.60 -3.08
N PRO C 416 33.66 -15.65 -3.65
CA PRO C 416 33.58 -17.01 -3.12
C PRO C 416 33.83 -17.19 -1.63
N SER C 417 34.67 -16.33 -1.05
CA SER C 417 34.95 -16.42 0.38
C SER C 417 33.68 -16.30 1.24
N ALA C 418 32.62 -15.71 0.68
CA ALA C 418 31.36 -15.50 1.39
C ALA C 418 30.41 -16.68 1.36
N LEU C 419 30.79 -17.73 0.63
CA LEU C 419 29.98 -18.93 0.50
C LEU C 419 29.63 -19.56 1.87
N GLU C 420 28.40 -20.05 2.00
CA GLU C 420 27.94 -20.64 3.26
C GLU C 420 28.62 -21.97 3.57
N HIS C 421 28.65 -22.32 4.86
CA HIS C 421 29.23 -23.58 5.32
C HIS C 421 28.27 -24.73 5.00
N SER C 422 28.77 -25.80 4.40
CA SER C 422 27.89 -26.91 4.04
C SER C 422 28.02 -28.19 4.89
N ILE C 423 26.85 -28.73 5.26
CA ILE C 423 26.73 -29.94 6.04
C ILE C 423 25.79 -30.87 5.28
N GLN C 424 25.71 -32.11 5.71
CA GLN C 424 24.82 -33.05 5.04
C GLN C 424 23.93 -33.64 6.11
N TYR C 425 22.65 -33.80 5.79
CA TYR C 425 21.73 -34.31 6.78
C TYR C 425 21.15 -35.65 6.41
N SER C 426 20.80 -36.45 7.42
CA SER C 426 20.22 -37.76 7.18
C SER C 426 18.73 -37.72 7.42
N GLY C 427 17.99 -38.57 6.72
CA GLY C 427 16.54 -38.61 6.88
C GLY C 427 15.82 -38.13 5.64
N GLU C 428 14.52 -38.38 5.57
CA GLU C 428 13.75 -37.95 4.41
C GLU C 428 13.17 -36.54 4.61
N VAL C 429 12.71 -35.93 3.51
CA VAL C 429 12.12 -34.61 3.55
C VAL C 429 10.63 -34.77 3.85
N ARG C 430 10.24 -34.37 5.06
CA ARG C 430 8.86 -34.48 5.52
C ARG C 430 8.69 -33.73 6.84
N ARG C 431 7.50 -33.83 7.41
CA ARG C 431 7.21 -33.18 8.68
C ARG C 431 7.51 -34.21 9.76
N PHE C 432 8.34 -33.83 10.71
CA PHE C 432 8.69 -34.74 11.81
C PHE C 432 8.07 -34.17 13.07
N ASN C 433 7.15 -34.89 13.68
CA ASN C 433 6.53 -34.39 14.91
C ASN C 433 7.59 -34.23 16.01
N THR C 434 7.46 -33.15 16.78
CA THR C 434 8.38 -32.89 17.90
C THR C 434 7.57 -32.53 19.13
N ALA C 435 6.26 -32.64 19.02
CA ALA C 435 5.37 -32.30 20.12
C ALA C 435 5.72 -33.16 21.33
N ASN C 436 6.34 -34.31 21.06
CA ASN C 436 6.69 -35.24 22.12
C ASN C 436 8.14 -35.34 22.56
N ASP C 437 8.95 -34.36 22.21
CA ASP C 437 10.33 -34.38 22.66
C ASP C 437 10.23 -34.09 24.15
N ASP C 438 11.34 -34.15 24.88
CA ASP C 438 11.29 -33.90 26.31
C ASP C 438 10.63 -32.56 26.67
N ASN C 439 9.62 -32.57 27.55
CA ASN C 439 8.96 -31.33 27.92
C ASN C 439 9.12 -30.98 29.38
N VAL C 440 9.59 -31.92 30.19
CA VAL C 440 9.69 -31.66 31.62
C VAL C 440 11.09 -31.64 32.25
N THR C 441 11.97 -32.47 31.72
CA THR C 441 13.31 -32.59 32.28
C THR C 441 13.99 -31.27 32.63
N GLN C 442 14.36 -30.48 31.63
CA GLN C 442 15.02 -29.21 31.91
C GLN C 442 14.19 -28.33 32.85
N VAL C 443 12.86 -28.43 32.75
CA VAL C 443 11.96 -27.63 33.58
C VAL C 443 12.08 -28.01 35.05
N ARG C 444 12.17 -29.30 35.33
CA ARG C 444 12.29 -29.75 36.71
C ARG C 444 13.54 -29.13 37.32
N ALA C 445 14.62 -29.11 36.54
CA ALA C 445 15.88 -28.52 36.99
C ALA C 445 15.63 -27.09 37.46
N PHE C 446 15.06 -26.28 36.57
CA PHE C 446 14.76 -24.90 36.90
C PHE C 446 13.93 -24.79 38.18
N TYR C 447 12.85 -25.57 38.26
CA TYR C 447 11.95 -25.53 39.42
C TYR C 447 12.58 -25.90 40.76
N VAL C 448 13.36 -26.96 40.77
CA VAL C 448 13.98 -27.39 42.01
C VAL C 448 15.37 -26.81 42.26
N ASN C 449 16.29 -27.02 41.31
CA ASN C 449 17.65 -26.51 41.48
C ASN C 449 17.75 -24.98 41.46
N VAL C 450 17.50 -24.40 40.30
CA VAL C 450 17.57 -22.94 40.08
C VAL C 450 16.83 -22.02 41.05
N LEU C 451 15.55 -22.31 41.29
CA LEU C 451 14.75 -21.47 42.18
C LEU C 451 14.80 -21.87 43.65
N ASN C 452 14.78 -20.87 44.53
CA ASN C 452 14.77 -21.14 45.95
C ASN C 452 13.30 -21.29 46.32
N GLU C 453 13.02 -21.69 47.56
CA GLU C 453 11.63 -21.86 47.99
C GLU C 453 10.78 -20.62 47.75
N GLU C 454 11.31 -19.45 48.11
CA GLU C 454 10.62 -18.18 47.92
C GLU C 454 10.09 -18.07 46.51
N GLN C 455 10.99 -18.22 45.55
CA GLN C 455 10.67 -18.14 44.13
C GLN C 455 9.54 -19.07 43.71
N ARG C 456 9.66 -20.36 44.01
CA ARG C 456 8.63 -21.32 43.61
C ARG C 456 7.23 -20.87 44.05
N LYS C 457 7.11 -20.42 45.30
CA LYS C 457 5.82 -19.99 45.83
C LYS C 457 5.26 -18.83 45.02
N ARG C 458 6.12 -17.88 44.69
CA ARG C 458 5.73 -16.72 43.93
C ARG C 458 5.32 -17.20 42.53
N LEU C 459 6.05 -18.18 42.02
CA LEU C 459 5.77 -18.74 40.72
C LEU C 459 4.37 -19.35 40.70
N CYS C 460 4.12 -20.28 41.62
CA CYS C 460 2.82 -20.92 41.69
C CYS C 460 1.72 -19.87 41.79
N GLU C 461 1.94 -18.85 42.62
CA GLU C 461 0.98 -17.77 42.80
C GLU C 461 0.68 -16.97 41.54
N ASN C 462 1.73 -16.56 40.83
CA ASN C 462 1.54 -15.80 39.61
C ASN C 462 0.86 -16.64 38.54
N ILE C 463 1.02 -17.96 38.61
CA ILE C 463 0.38 -18.82 37.62
C ILE C 463 -1.09 -18.92 37.97
N ALA C 464 -1.38 -19.37 39.19
CA ALA C 464 -2.74 -19.53 39.66
C ALA C 464 -3.56 -18.25 39.46
N GLY C 465 -2.98 -17.11 39.79
CA GLY C 465 -3.69 -15.85 39.64
C GLY C 465 -4.18 -15.56 38.23
N HIS C 466 -3.48 -16.08 37.23
CA HIS C 466 -3.86 -15.83 35.85
C HIS C 466 -4.66 -17.00 35.28
N LEU C 467 -4.23 -18.20 35.62
CA LEU C 467 -4.91 -19.41 35.14
C LEU C 467 -6.30 -19.61 35.76
N LYS C 468 -6.52 -19.10 36.98
CA LYS C 468 -7.81 -19.28 37.64
C LYS C 468 -9.00 -18.69 36.88
N ASP C 469 -8.72 -17.87 35.88
CA ASP C 469 -9.81 -17.29 35.11
C ASP C 469 -10.22 -18.17 33.94
N ALA C 470 -9.36 -19.13 33.62
CA ALA C 470 -9.62 -20.05 32.51
C ALA C 470 -10.64 -21.05 32.99
N GLN C 471 -11.29 -21.73 32.03
CA GLN C 471 -12.29 -22.72 32.39
C GLN C 471 -11.65 -23.87 33.18
N ILE C 472 -12.47 -24.62 33.89
CA ILE C 472 -11.96 -25.70 34.73
C ILE C 472 -11.28 -26.84 33.97
N PHE C 473 -11.87 -27.25 32.84
CA PHE C 473 -11.24 -28.34 32.11
C PHE C 473 -9.87 -27.89 31.65
N ILE C 474 -9.76 -26.62 31.29
CA ILE C 474 -8.49 -26.08 30.85
C ILE C 474 -7.55 -26.07 32.05
N GLN C 475 -8.10 -25.81 33.23
CA GLN C 475 -7.31 -25.81 34.44
C GLN C 475 -6.74 -27.20 34.71
N LYS C 476 -7.61 -28.22 34.65
CA LYS C 476 -7.18 -29.59 34.90
C LYS C 476 -5.94 -29.95 34.08
N LYS C 477 -6.08 -29.82 32.76
CA LYS C 477 -4.99 -30.17 31.85
C LYS C 477 -3.73 -29.38 32.12
N ALA C 478 -3.87 -28.11 32.49
CA ALA C 478 -2.71 -27.30 32.78
C ALA C 478 -2.00 -27.84 34.02
N VAL C 479 -2.76 -28.06 35.10
CA VAL C 479 -2.17 -28.57 36.33
C VAL C 479 -1.54 -29.94 36.04
N LYS C 480 -2.24 -30.73 35.24
CA LYS C 480 -1.77 -32.05 34.88
C LYS C 480 -0.30 -31.98 34.49
N ASN C 481 0.01 -31.10 33.53
CA ASN C 481 1.37 -30.93 33.04
C ASN C 481 2.34 -30.43 34.11
N PHE C 482 1.94 -29.41 34.87
CA PHE C 482 2.82 -28.91 35.90
C PHE C 482 3.24 -30.03 36.83
N THR C 483 2.35 -31.00 36.99
CA THR C 483 2.62 -32.14 37.84
C THR C 483 3.72 -33.00 37.22
N GLU C 484 3.68 -33.15 35.89
CA GLU C 484 4.70 -33.91 35.17
C GLU C 484 6.09 -33.34 35.49
N VAL C 485 6.17 -32.03 35.63
CA VAL C 485 7.45 -31.40 35.94
C VAL C 485 7.76 -31.73 37.40
N HIS C 486 6.75 -31.67 38.26
CA HIS C 486 6.97 -31.97 39.66
C HIS C 486 5.68 -31.93 40.48
N PRO C 487 5.35 -33.04 41.15
CA PRO C 487 4.14 -33.13 41.97
C PRO C 487 3.89 -31.87 42.80
N ASP C 488 4.93 -31.35 43.42
CA ASP C 488 4.77 -30.14 44.23
C ASP C 488 4.26 -28.99 43.37
N TYR C 489 4.89 -28.82 42.22
CA TYR C 489 4.53 -27.76 41.27
C TYR C 489 3.01 -27.76 41.04
N GLY C 490 2.49 -28.86 40.49
CA GLY C 490 1.07 -28.97 40.22
C GLY C 490 0.14 -28.87 41.41
N SER C 491 0.52 -29.48 42.53
CA SER C 491 -0.34 -29.44 43.71
C SER C 491 -0.43 -28.05 44.32
N HIS C 492 0.68 -27.34 44.34
CA HIS C 492 0.67 -26.01 44.92
C HIS C 492 -0.21 -25.06 44.11
N ILE C 493 -0.28 -25.29 42.80
CA ILE C 493 -1.09 -24.45 41.92
C ILE C 493 -2.55 -24.82 42.11
N GLN C 494 -2.84 -26.12 42.08
CA GLN C 494 -4.20 -26.62 42.26
C GLN C 494 -4.75 -26.11 43.58
N ALA C 495 -3.92 -26.21 44.61
CA ALA C 495 -4.30 -25.76 45.94
C ALA C 495 -4.84 -24.34 45.81
N LEU C 496 -4.11 -23.52 45.07
CA LEU C 496 -4.50 -22.13 44.87
C LEU C 496 -5.76 -22.02 44.00
N LEU C 497 -5.76 -22.71 42.86
CA LEU C 497 -6.91 -22.66 41.98
C LEU C 497 -8.18 -22.90 42.77
N ASP C 498 -8.17 -23.90 43.66
CA ASP C 498 -9.36 -24.20 44.46
C ASP C 498 -9.86 -23.00 45.26
N LYS C 499 -8.96 -22.38 46.03
CA LYS C 499 -9.38 -21.25 46.81
C LYS C 499 -10.04 -20.22 45.88
N TYR C 500 -9.38 -19.92 44.77
CA TYR C 500 -9.92 -18.96 43.82
C TYR C 500 -11.30 -19.39 43.32
N ASN C 501 -11.37 -20.59 42.77
CA ASN C 501 -12.62 -21.09 42.24
C ASN C 501 -13.71 -21.17 43.30
N ALA C 502 -13.30 -21.23 44.56
CA ALA C 502 -14.23 -21.30 45.67
C ALA C 502 -14.76 -19.89 45.91
N GLU C 503 -13.83 -18.96 46.10
CA GLU C 503 -14.11 -17.53 46.37
C GLU C 503 -15.25 -16.99 45.51
N LYS C 504 -15.14 -17.21 44.20
CA LYS C 504 -16.14 -16.77 43.23
C LYS C 504 -17.55 -17.28 43.56
N ALA D 24 -33.83 3.75 -16.23
CA ALA D 24 -32.35 3.98 -16.01
C ALA D 24 -32.00 4.17 -14.54
N ASP D 25 -30.98 3.45 -14.08
CA ASP D 25 -30.51 3.53 -12.70
C ASP D 25 -30.31 4.97 -12.22
N VAL D 26 -30.43 5.20 -10.92
CA VAL D 26 -30.19 6.54 -10.39
C VAL D 26 -28.70 6.66 -10.07
N LEU D 27 -28.07 7.69 -10.62
CA LEU D 27 -26.63 7.93 -10.42
C LEU D 27 -26.28 8.25 -8.98
N THR D 28 -25.23 7.63 -8.45
CA THR D 28 -24.85 7.89 -7.06
C THR D 28 -23.38 8.08 -6.78
N THR D 29 -23.09 8.45 -5.55
CA THR D 29 -21.71 8.59 -5.12
C THR D 29 -21.37 7.19 -4.62
N GLY D 30 -20.11 6.98 -4.25
CA GLY D 30 -19.73 5.68 -3.76
C GLY D 30 -20.53 5.25 -2.55
N ALA D 31 -20.98 6.21 -1.73
CA ALA D 31 -21.74 5.89 -0.53
C ALA D 31 -23.21 5.75 -0.81
N GLY D 32 -23.57 5.74 -2.09
CA GLY D 32 -24.96 5.57 -2.46
C GLY D 32 -25.88 6.78 -2.35
N ASN D 33 -25.32 7.97 -2.28
CA ASN D 33 -26.14 9.17 -2.18
C ASN D 33 -26.49 9.62 -3.62
N PRO D 34 -27.76 9.95 -3.86
CA PRO D 34 -28.14 10.38 -5.22
C PRO D 34 -27.41 11.65 -5.65
N VAL D 35 -27.05 11.70 -6.93
CA VAL D 35 -26.35 12.84 -7.52
C VAL D 35 -27.29 13.71 -8.35
N GLY D 36 -27.52 14.92 -7.90
CA GLY D 36 -28.41 15.79 -8.65
C GLY D 36 -27.88 16.15 -10.02
N ASP D 37 -26.61 16.48 -10.09
CA ASP D 37 -25.97 16.89 -11.33
C ASP D 37 -24.49 16.50 -11.32
N LYS D 38 -24.10 15.57 -12.19
CA LYS D 38 -22.69 15.15 -12.24
C LYS D 38 -22.00 15.63 -13.51
N LEU D 39 -22.48 16.74 -14.07
CA LEU D 39 -21.91 17.32 -15.27
C LEU D 39 -21.33 18.70 -15.02
N ASN D 40 -21.69 19.29 -13.89
CA ASN D 40 -21.19 20.61 -13.51
C ASN D 40 -20.72 20.53 -12.08
N VAL D 41 -19.66 21.26 -11.77
CA VAL D 41 -19.10 21.27 -10.44
C VAL D 41 -19.58 22.50 -9.66
N ILE D 42 -19.51 22.44 -8.34
CA ILE D 42 -19.93 23.56 -7.51
C ILE D 42 -18.87 24.64 -7.41
N THR D 43 -19.20 25.85 -7.87
CA THR D 43 -18.28 26.98 -7.80
C THR D 43 -18.95 28.17 -7.11
N VAL D 44 -18.18 29.19 -6.76
CA VAL D 44 -18.79 30.35 -6.11
C VAL D 44 -19.04 31.38 -7.20
N GLY D 45 -20.29 31.39 -7.66
CA GLY D 45 -20.69 32.28 -8.73
C GLY D 45 -20.38 31.49 -9.98
N PRO D 46 -20.84 31.94 -11.15
CA PRO D 46 -20.52 31.16 -12.34
C PRO D 46 -19.04 31.14 -12.71
N ARG D 47 -18.31 32.20 -12.39
CA ARG D 47 -16.90 32.24 -12.72
C ARG D 47 -16.01 32.35 -11.50
N GLY D 48 -16.35 31.59 -10.46
CA GLY D 48 -15.58 31.59 -9.22
C GLY D 48 -14.93 30.24 -8.92
N PRO D 49 -14.06 30.19 -7.89
CA PRO D 49 -13.36 28.96 -7.50
C PRO D 49 -14.25 27.78 -7.14
N LEU D 50 -13.63 26.60 -7.12
CA LEU D 50 -14.26 25.31 -6.81
C LEU D 50 -14.37 25.09 -5.30
N LEU D 51 -15.50 24.52 -4.87
CA LEU D 51 -15.74 24.29 -3.46
C LEU D 51 -15.47 22.89 -2.94
N VAL D 52 -14.89 22.83 -1.76
CA VAL D 52 -14.59 21.55 -1.14
C VAL D 52 -15.86 20.74 -0.88
N GLN D 53 -16.96 21.41 -0.51
CA GLN D 53 -18.20 20.69 -0.23
C GLN D 53 -18.78 20.03 -1.47
N ASP D 54 -18.18 20.24 -2.63
CA ASP D 54 -18.66 19.56 -3.82
C ASP D 54 -18.08 18.17 -3.63
N VAL D 55 -18.67 17.42 -2.69
CA VAL D 55 -18.23 16.08 -2.36
C VAL D 55 -18.42 15.13 -3.54
N VAL D 56 -19.41 15.40 -4.38
CA VAL D 56 -19.64 14.51 -5.51
C VAL D 56 -18.41 14.47 -6.40
N PHE D 57 -17.87 15.63 -6.74
CA PHE D 57 -16.67 15.69 -7.58
C PHE D 57 -15.49 14.94 -6.96
N THR D 58 -15.17 15.27 -5.70
CA THR D 58 -14.06 14.63 -5.01
C THR D 58 -14.18 13.11 -4.96
N ASP D 59 -15.37 12.64 -4.59
CA ASP D 59 -15.63 11.19 -4.49
C ASP D 59 -15.28 10.48 -5.80
N GLU D 60 -15.83 10.98 -6.89
CA GLU D 60 -15.59 10.41 -8.20
C GLU D 60 -14.13 10.59 -8.61
N MET D 61 -13.57 11.78 -8.37
CA MET D 61 -12.17 12.07 -8.74
C MET D 61 -11.14 11.29 -7.93
N ALA D 62 -11.37 11.14 -6.63
CA ALA D 62 -10.44 10.40 -5.78
C ALA D 62 -10.39 8.93 -6.20
N HIS D 63 -11.48 8.42 -6.77
CA HIS D 63 -11.48 7.02 -7.18
C HIS D 63 -10.73 6.88 -8.49
N PHE D 64 -11.06 7.74 -9.44
CA PHE D 64 -10.37 7.72 -10.74
C PHE D 64 -8.88 7.77 -10.45
N ASP D 65 -8.53 8.62 -9.50
CA ASP D 65 -7.15 8.81 -9.08
C ASP D 65 -6.46 7.54 -8.59
N ARG D 66 -7.26 6.55 -8.17
CA ARG D 66 -6.73 5.29 -7.67
C ARG D 66 -7.12 4.06 -8.48
N GLU D 67 -7.48 4.28 -9.74
CA GLU D 67 -7.91 3.19 -10.61
C GLU D 67 -6.85 2.16 -10.99
N ARG D 68 -5.59 2.52 -10.90
CA ARG D 68 -4.52 1.61 -11.30
C ARG D 68 -3.78 0.87 -10.19
N ILE D 69 -3.46 -0.39 -10.48
CA ILE D 69 -2.69 -1.23 -9.58
C ILE D 69 -1.42 -1.53 -10.38
N PRO D 70 -0.39 -2.08 -9.73
CA PRO D 70 0.77 -2.33 -10.59
C PRO D 70 0.61 -3.54 -11.51
N GLU D 71 1.08 -3.43 -12.75
CA GLU D 71 0.97 -4.56 -13.68
C GLU D 71 1.83 -5.70 -13.18
N ARG D 72 1.66 -6.87 -13.78
CA ARG D 72 2.44 -8.04 -13.42
C ARG D 72 3.89 -7.72 -13.74
N VAL D 73 4.81 -8.07 -12.84
CA VAL D 73 6.22 -7.77 -13.09
C VAL D 73 6.66 -8.32 -14.45
N VAL D 74 6.04 -9.45 -14.85
CA VAL D 74 6.29 -10.09 -16.14
C VAL D 74 4.95 -10.64 -16.63
N HIS D 75 4.79 -10.81 -17.95
CA HIS D 75 3.53 -11.33 -18.51
C HIS D 75 2.38 -10.34 -18.26
N ALA D 76 2.70 -9.05 -18.29
CA ALA D 76 1.69 -8.02 -18.03
C ALA D 76 0.57 -7.91 -19.06
N LYS D 77 0.87 -8.11 -20.34
CA LYS D 77 -0.16 -7.99 -21.37
C LYS D 77 -0.90 -9.31 -21.47
N GLY D 78 -2.20 -9.32 -21.22
CA GLY D 78 -2.95 -10.57 -21.27
C GLY D 78 -4.37 -10.59 -21.80
N ALA D 79 -4.92 -11.79 -21.86
CA ALA D 79 -6.29 -12.02 -22.33
C ALA D 79 -6.90 -13.11 -21.47
N GLY D 80 -8.20 -13.02 -21.22
CA GLY D 80 -8.85 -14.03 -20.40
C GLY D 80 -10.17 -14.56 -20.95
N ALA D 81 -10.52 -15.77 -20.53
CA ALA D 81 -11.74 -16.42 -20.95
C ALA D 81 -11.98 -17.51 -19.93
N PHE D 82 -13.22 -18.03 -19.88
CA PHE D 82 -13.56 -19.07 -18.91
C PHE D 82 -14.26 -20.28 -19.50
N GLY D 83 -14.28 -21.35 -18.73
CA GLY D 83 -14.91 -22.59 -19.17
C GLY D 83 -14.76 -23.73 -18.19
N TYR D 84 -14.38 -24.89 -18.71
CA TYR D 84 -14.23 -26.05 -17.84
C TYR D 84 -13.28 -27.10 -18.38
N PHE D 85 -12.90 -27.97 -17.46
CA PHE D 85 -12.04 -29.12 -17.75
C PHE D 85 -12.93 -30.36 -17.53
N GLU D 86 -12.94 -31.26 -18.49
CA GLU D 86 -13.74 -32.47 -18.33
C GLU D 86 -12.87 -33.70 -18.48
N VAL D 87 -12.92 -34.59 -17.49
CA VAL D 87 -12.13 -35.80 -17.54
C VAL D 87 -12.65 -36.79 -18.57
N THR D 88 -11.76 -37.35 -19.37
CA THR D 88 -12.20 -38.29 -20.39
C THR D 88 -11.59 -39.66 -20.12
N HIS D 89 -10.42 -39.70 -19.51
CA HIS D 89 -9.76 -40.96 -19.25
C HIS D 89 -9.40 -41.18 -17.79
N ASP D 90 -9.29 -42.45 -17.41
CA ASP D 90 -8.98 -42.75 -16.03
C ASP D 90 -7.51 -42.76 -15.73
N ILE D 91 -7.05 -41.85 -14.86
CA ILE D 91 -5.65 -41.83 -14.48
C ILE D 91 -5.52 -41.86 -12.97
N THR D 92 -6.54 -42.41 -12.32
CA THR D 92 -6.55 -42.50 -10.86
C THR D 92 -5.43 -43.40 -10.36
N LYS D 93 -4.94 -44.27 -11.22
CA LYS D 93 -3.87 -45.16 -10.83
C LYS D 93 -2.62 -44.34 -10.49
N TYR D 94 -2.45 -43.19 -11.16
CA TYR D 94 -1.29 -42.32 -10.91
C TYR D 94 -1.59 -41.22 -9.90
N SER D 95 -2.75 -40.56 -10.01
CA SER D 95 -3.10 -39.47 -9.10
C SER D 95 -4.48 -39.53 -8.43
N LYS D 96 -4.52 -39.28 -7.13
CA LYS D 96 -5.77 -39.30 -6.40
C LYS D 96 -6.48 -37.94 -6.43
N ALA D 97 -5.96 -36.98 -7.20
CA ALA D 97 -6.58 -35.66 -7.27
C ALA D 97 -8.04 -35.76 -7.71
N LYS D 98 -8.92 -35.07 -6.98
CA LYS D 98 -10.35 -35.09 -7.25
C LYS D 98 -10.74 -34.62 -8.63
N VAL D 99 -10.01 -33.65 -9.14
CA VAL D 99 -10.27 -33.11 -10.47
C VAL D 99 -10.22 -34.26 -11.51
N PHE D 100 -9.57 -35.36 -11.13
CA PHE D 100 -9.40 -36.53 -11.98
C PHE D 100 -10.36 -37.69 -11.59
N GLU D 101 -10.79 -37.67 -10.34
CA GLU D 101 -11.70 -38.64 -9.73
C GLU D 101 -12.49 -39.63 -10.62
N HIS D 102 -13.38 -39.15 -11.48
CA HIS D 102 -14.15 -40.05 -12.34
C HIS D 102 -14.36 -39.48 -13.73
N ILE D 103 -14.47 -40.37 -14.72
CA ILE D 103 -14.65 -39.93 -16.10
C ILE D 103 -15.91 -39.12 -16.31
N GLY D 104 -15.81 -38.10 -17.17
CA GLY D 104 -16.96 -37.24 -17.46
C GLY D 104 -17.12 -36.09 -16.48
N LYS D 105 -16.31 -36.07 -15.43
CA LYS D 105 -16.35 -35.03 -14.41
C LYS D 105 -15.84 -33.68 -14.93
N LYS D 106 -16.69 -32.67 -14.79
CA LYS D 106 -16.36 -31.33 -15.23
C LYS D 106 -15.93 -30.47 -14.04
N THR D 107 -14.88 -29.68 -14.24
CA THR D 107 -14.34 -28.80 -13.22
C THR D 107 -14.15 -27.44 -13.87
N PRO D 108 -14.85 -26.41 -13.36
CA PRO D 108 -14.74 -25.06 -13.92
C PRO D 108 -13.30 -24.50 -13.95
N ILE D 109 -12.93 -23.87 -15.07
CA ILE D 109 -11.59 -23.32 -15.20
C ILE D 109 -11.56 -21.86 -15.65
N ALA D 110 -10.49 -21.18 -15.25
CA ALA D 110 -10.26 -19.79 -15.62
C ALA D 110 -8.90 -19.80 -16.30
N VAL D 111 -8.78 -19.10 -17.42
CA VAL D 111 -7.52 -19.07 -18.13
C VAL D 111 -7.10 -17.64 -18.48
N ARG D 112 -5.79 -17.44 -18.58
CA ARG D 112 -5.23 -16.16 -18.95
C ARG D 112 -4.05 -16.40 -19.90
N PHE D 113 -4.09 -15.76 -21.06
CA PHE D 113 -3.03 -15.88 -22.05
C PHE D 113 -2.23 -14.58 -21.99
N SER D 114 -0.93 -14.67 -22.26
CA SER D 114 -0.12 -13.47 -22.16
C SER D 114 1.22 -13.58 -22.86
N THR D 115 1.84 -12.43 -23.09
CA THR D 115 3.17 -12.39 -23.66
C THR D 115 4.10 -12.33 -22.44
N VAL D 116 5.31 -11.81 -22.60
CA VAL D 116 6.23 -11.78 -21.46
C VAL D 116 6.90 -10.47 -21.12
N ALA D 117 7.67 -9.94 -22.05
CA ALA D 117 8.42 -8.70 -21.81
C ALA D 117 7.58 -7.44 -21.80
N GLY D 118 6.81 -7.25 -22.88
CA GLY D 118 5.99 -6.08 -23.02
C GLY D 118 5.12 -5.74 -21.83
N GLU D 119 4.80 -4.46 -21.72
CA GLU D 119 3.96 -4.03 -20.62
C GLU D 119 2.54 -3.80 -21.13
N SER D 120 1.65 -3.45 -20.22
CA SER D 120 0.25 -3.23 -20.50
C SER D 120 -0.22 -2.66 -21.85
N GLY D 121 0.59 -1.88 -22.55
CA GLY D 121 0.09 -1.36 -23.81
C GLY D 121 0.86 -1.88 -25.00
N SER D 122 1.67 -2.92 -24.78
CA SER D 122 2.46 -3.49 -25.86
C SER D 122 1.62 -4.29 -26.84
N ALA D 123 2.16 -4.58 -28.02
CA ALA D 123 1.45 -5.33 -29.03
C ALA D 123 1.43 -6.83 -28.73
N ASP D 124 0.36 -7.49 -29.17
CA ASP D 124 0.17 -8.92 -28.95
C ASP D 124 0.99 -9.81 -29.86
N THR D 125 1.10 -9.44 -31.12
CA THR D 125 1.81 -10.25 -32.11
C THR D 125 3.30 -9.97 -32.25
N VAL D 126 4.06 -10.36 -31.23
CA VAL D 126 5.50 -10.17 -31.21
C VAL D 126 6.16 -11.46 -30.76
N ARG D 127 7.43 -11.63 -31.10
CA ARG D 127 8.14 -12.84 -30.71
C ARG D 127 8.34 -12.73 -29.20
N ASP D 128 7.98 -13.81 -28.52
CA ASP D 128 8.06 -13.87 -27.07
C ASP D 128 7.34 -15.16 -26.70
N PRO D 129 7.63 -15.75 -25.54
CA PRO D 129 6.89 -16.97 -25.22
C PRO D 129 5.44 -16.55 -24.99
N ARG D 130 4.59 -17.49 -24.60
CA ARG D 130 3.20 -17.16 -24.36
C ARG D 130 2.73 -17.84 -23.09
N GLY D 131 2.22 -17.05 -22.14
CA GLY D 131 1.73 -17.62 -20.91
C GLY D 131 0.41 -18.28 -21.19
N PHE D 132 0.19 -19.45 -20.59
CA PHE D 132 -1.05 -20.21 -20.76
C PHE D 132 -1.42 -20.76 -19.38
N ALA D 133 -1.86 -19.88 -18.49
CA ALA D 133 -2.20 -20.27 -17.12
C ALA D 133 -3.63 -20.78 -16.98
N VAL D 134 -3.77 -21.89 -16.24
CA VAL D 134 -5.09 -22.49 -16.03
C VAL D 134 -5.39 -22.69 -14.55
N LYS D 135 -6.54 -22.18 -14.11
CA LYS D 135 -6.97 -22.31 -12.73
C LYS D 135 -8.18 -23.26 -12.65
N PHE D 136 -8.05 -24.32 -11.87
CA PHE D 136 -9.10 -25.31 -11.69
C PHE D 136 -9.75 -25.13 -10.32
N TYR D 137 -11.02 -24.74 -10.29
CA TYR D 137 -11.71 -24.59 -9.00
C TYR D 137 -12.20 -25.98 -8.56
N THR D 138 -11.35 -26.71 -7.84
CA THR D 138 -11.67 -28.06 -7.39
C THR D 138 -12.24 -28.10 -5.98
N GLU D 139 -12.89 -29.20 -5.62
CA GLU D 139 -13.44 -29.31 -4.27
C GLU D 139 -12.29 -29.33 -3.28
N ASP D 140 -11.12 -29.75 -3.74
CA ASP D 140 -9.96 -29.76 -2.86
C ASP D 140 -9.18 -28.46 -2.97
N GLY D 141 -9.88 -27.39 -3.33
CA GLY D 141 -9.24 -26.09 -3.46
C GLY D 141 -8.81 -25.82 -4.88
N ASN D 142 -8.30 -24.63 -5.12
CA ASN D 142 -7.84 -24.28 -6.46
C ASN D 142 -6.54 -24.97 -6.82
N TRP D 143 -6.44 -25.38 -8.06
CA TRP D 143 -5.24 -26.01 -8.58
C TRP D 143 -4.87 -25.13 -9.74
N ASP D 144 -3.74 -24.43 -9.62
CA ASP D 144 -3.28 -23.55 -10.69
C ASP D 144 -2.15 -24.21 -11.46
N LEU D 145 -2.31 -24.29 -12.77
CA LEU D 145 -1.28 -24.84 -13.62
C LEU D 145 -0.83 -23.62 -14.41
N VAL D 146 0.26 -23.01 -13.98
CA VAL D 146 0.75 -21.79 -14.62
C VAL D 146 1.78 -22.13 -15.67
N GLY D 147 1.34 -22.32 -16.91
CA GLY D 147 2.30 -22.68 -17.92
C GLY D 147 2.33 -21.80 -19.13
N ASN D 148 2.98 -22.28 -20.19
CA ASN D 148 3.08 -21.53 -21.44
C ASN D 148 3.09 -22.42 -22.67
N ASN D 149 3.32 -21.80 -23.82
CA ASN D 149 3.32 -22.54 -25.08
C ASN D 149 4.58 -23.29 -25.43
N THR D 150 5.43 -23.55 -24.44
CA THR D 150 6.65 -24.30 -24.68
C THR D 150 6.93 -25.22 -23.49
N PRO D 151 7.49 -26.41 -23.77
CA PRO D 151 7.83 -27.41 -22.75
C PRO D 151 9.06 -27.13 -21.93
N ILE D 152 9.91 -26.25 -22.45
CA ILE D 152 11.18 -25.92 -21.80
C ILE D 152 11.37 -24.42 -21.55
N PHE D 153 12.44 -24.04 -20.86
CA PHE D 153 12.70 -22.62 -20.63
C PHE D 153 14.14 -22.23 -20.93
N PHE D 154 14.48 -20.97 -20.69
CA PHE D 154 15.81 -20.43 -20.96
C PHE D 154 16.85 -20.76 -19.88
N ILE D 155 16.41 -20.95 -18.65
CA ILE D 155 17.37 -21.23 -17.58
C ILE D 155 16.91 -22.37 -16.68
N ARG D 156 17.83 -22.91 -15.88
CA ARG D 156 17.48 -24.00 -14.99
C ARG D 156 17.69 -23.77 -13.52
N ASP D 157 17.83 -22.52 -13.12
CA ASP D 157 17.99 -22.19 -11.70
C ASP D 157 17.20 -20.91 -11.49
N PRO D 158 16.24 -20.93 -10.55
CA PRO D 158 15.42 -19.74 -10.28
C PRO D 158 16.19 -18.44 -10.04
N ILE D 159 17.34 -18.55 -9.37
CA ILE D 159 18.14 -17.39 -9.03
C ILE D 159 18.61 -16.49 -10.19
N LEU D 160 18.52 -16.97 -11.42
CA LEU D 160 18.92 -16.15 -12.55
C LEU D 160 17.71 -15.60 -13.26
N PHE D 161 16.51 -15.86 -12.73
CA PHE D 161 15.28 -15.39 -13.39
C PHE D 161 15.16 -13.86 -13.44
N PRO D 162 15.37 -13.19 -12.29
CA PRO D 162 15.27 -11.72 -12.30
C PRO D 162 16.23 -11.09 -13.33
N SER D 163 17.48 -11.54 -13.33
CA SER D 163 18.46 -11.05 -14.28
C SER D 163 17.96 -11.36 -15.68
N PHE D 164 17.43 -12.57 -15.88
CA PHE D 164 16.93 -12.93 -17.19
C PHE D 164 15.84 -11.97 -17.63
N ILE D 165 14.87 -11.74 -16.76
CA ILE D 165 13.80 -10.82 -17.11
C ILE D 165 14.36 -9.40 -17.33
N HIS D 166 15.24 -8.94 -16.43
CA HIS D 166 15.81 -7.62 -16.64
C HIS D 166 16.38 -7.51 -18.05
N SER D 167 17.21 -8.47 -18.43
CA SER D 167 17.84 -8.47 -19.73
C SER D 167 16.82 -8.38 -20.84
N GLN D 168 15.64 -8.94 -20.62
CA GLN D 168 14.59 -8.92 -21.61
C GLN D 168 13.79 -7.62 -21.67
N LYS D 169 13.75 -6.89 -20.56
CA LYS D 169 12.99 -5.63 -20.48
C LYS D 169 13.79 -4.43 -21.02
N ARG D 170 13.59 -3.26 -20.40
CA ARG D 170 14.24 -2.02 -20.81
C ARG D 170 15.54 -1.68 -20.12
N ASN D 171 16.38 -0.90 -20.83
CA ASN D 171 17.66 -0.44 -20.33
C ASN D 171 17.35 0.44 -19.13
N PRO D 172 18.08 0.26 -18.02
CA PRO D 172 17.86 1.03 -16.80
C PRO D 172 17.95 2.55 -16.96
N GLN D 173 18.59 2.99 -18.04
CA GLN D 173 18.78 4.41 -18.32
C GLN D 173 17.98 4.91 -19.52
N THR D 174 18.29 4.42 -20.71
CA THR D 174 17.56 4.87 -21.89
C THR D 174 16.08 4.52 -21.84
N HIS D 175 15.75 3.42 -21.15
CA HIS D 175 14.37 2.92 -21.04
C HIS D 175 13.94 2.43 -22.42
N LEU D 176 14.93 1.96 -23.18
CA LEU D 176 14.74 1.43 -24.52
C LEU D 176 15.09 -0.06 -24.53
N LYS D 177 14.60 -0.78 -25.54
CA LYS D 177 14.91 -2.20 -25.66
C LYS D 177 16.42 -2.27 -25.92
N ASP D 178 17.10 -3.21 -25.30
CA ASP D 178 18.54 -3.30 -25.46
C ASP D 178 19.07 -4.67 -25.91
N PRO D 179 19.31 -4.82 -27.23
CA PRO D 179 19.82 -6.08 -27.79
C PRO D 179 21.12 -6.49 -27.12
N ASP D 180 21.88 -5.52 -26.62
CA ASP D 180 23.13 -5.82 -25.94
C ASP D 180 22.84 -6.55 -24.64
N MET D 181 21.77 -6.15 -23.96
CA MET D 181 21.39 -6.80 -22.71
C MET D 181 20.84 -8.19 -22.97
N VAL D 182 20.06 -8.30 -24.04
CA VAL D 182 19.44 -9.56 -24.45
C VAL D 182 20.46 -10.65 -24.73
N TRP D 183 21.31 -10.41 -25.74
CA TRP D 183 22.30 -11.39 -26.14
C TRP D 183 23.52 -11.53 -25.26
N ASP D 184 23.81 -10.54 -24.44
CA ASP D 184 24.95 -10.68 -23.55
C ASP D 184 24.52 -11.78 -22.60
N PHE D 185 23.38 -11.59 -21.94
CA PHE D 185 22.87 -12.59 -20.99
C PHE D 185 22.71 -13.99 -21.61
N TRP D 186 22.16 -14.05 -22.82
CA TRP D 186 21.96 -15.36 -23.46
C TRP D 186 23.27 -16.05 -23.81
N SER D 187 24.22 -15.29 -24.36
CA SER D 187 25.49 -15.86 -24.76
C SER D 187 26.31 -16.26 -23.54
N LEU D 188 26.09 -15.58 -22.43
CA LEU D 188 26.80 -15.92 -21.19
C LEU D 188 26.10 -17.10 -20.50
N ARG D 189 24.87 -17.39 -20.93
CA ARG D 189 24.08 -18.49 -20.36
C ARG D 189 23.62 -19.42 -21.50
N PRO D 190 24.54 -20.23 -22.03
CA PRO D 190 24.34 -21.19 -23.13
C PRO D 190 23.24 -22.22 -22.93
N GLU D 191 22.80 -22.38 -21.68
CA GLU D 191 21.74 -23.35 -21.37
C GLU D 191 20.44 -22.88 -22.03
N SER D 192 20.45 -21.66 -22.53
CA SER D 192 19.29 -21.08 -23.18
C SER D 192 19.15 -21.53 -24.63
N LEU D 193 20.18 -22.17 -25.18
CA LEU D 193 20.16 -22.62 -26.57
C LEU D 193 18.86 -23.29 -27.01
N HIS D 194 18.34 -24.20 -26.20
CA HIS D 194 17.14 -24.91 -26.53
C HIS D 194 15.91 -24.01 -26.70
N GLN D 195 15.55 -23.30 -25.63
CA GLN D 195 14.39 -22.41 -25.70
C GLN D 195 14.60 -21.31 -26.75
N VAL D 196 15.81 -20.76 -26.84
CA VAL D 196 16.09 -19.72 -27.80
C VAL D 196 15.79 -20.22 -29.20
N SER D 197 16.08 -21.49 -29.44
CA SER D 197 15.86 -22.10 -30.74
C SER D 197 14.38 -22.28 -31.03
N PHE D 198 13.60 -22.61 -29.99
CA PHE D 198 12.17 -22.78 -30.14
C PHE D 198 11.56 -21.39 -30.31
N LEU D 199 12.04 -20.44 -29.50
CA LEU D 199 11.56 -19.07 -29.53
C LEU D 199 11.70 -18.39 -30.89
N PHE D 200 12.82 -18.65 -31.56
CA PHE D 200 13.03 -18.04 -32.86
C PHE D 200 12.56 -18.87 -34.04
N SER D 201 11.77 -19.91 -33.75
CA SER D 201 11.23 -20.77 -34.81
C SER D 201 9.84 -20.19 -35.06
N ASP D 202 9.12 -20.72 -36.04
CA ASP D 202 7.79 -20.20 -36.34
C ASP D 202 6.91 -20.06 -35.09
N ARG D 203 7.00 -21.05 -34.19
CA ARG D 203 6.24 -21.07 -32.95
C ARG D 203 6.42 -19.79 -32.13
N GLY D 204 7.43 -18.99 -32.48
CA GLY D 204 7.70 -17.76 -31.75
C GLY D 204 6.56 -16.74 -31.78
N ILE D 205 5.76 -16.77 -32.83
CA ILE D 205 4.66 -15.85 -32.92
C ILE D 205 3.37 -16.55 -33.32
N PRO D 206 2.69 -17.17 -32.34
CA PRO D 206 1.44 -17.87 -32.61
C PRO D 206 0.37 -16.90 -33.10
N ASP D 207 -0.50 -17.42 -33.96
CA ASP D 207 -1.58 -16.63 -34.52
C ASP D 207 -2.71 -16.63 -33.49
N GLY D 208 -2.62 -15.74 -32.51
CA GLY D 208 -3.63 -15.71 -31.47
C GLY D 208 -3.41 -16.88 -30.52
N HIS D 209 -4.09 -16.85 -29.38
CA HIS D 209 -3.95 -17.89 -28.36
C HIS D 209 -4.66 -19.20 -28.66
N ARG D 210 -5.64 -19.18 -29.56
CA ARG D 210 -6.37 -20.39 -29.86
C ARG D 210 -5.58 -21.43 -30.66
N HIS D 211 -4.55 -20.99 -31.34
CA HIS D 211 -3.75 -21.88 -32.17
C HIS D 211 -2.36 -22.22 -31.66
N MET D 212 -2.22 -22.45 -30.35
CA MET D 212 -0.94 -22.80 -29.77
C MET D 212 -1.15 -23.84 -28.69
N ASN D 213 -0.07 -24.49 -28.26
CA ASN D 213 -0.17 -25.52 -27.22
C ASN D 213 0.18 -25.00 -25.83
N GLY D 214 -0.08 -25.83 -24.82
CA GLY D 214 0.20 -25.43 -23.45
C GLY D 214 0.95 -26.55 -22.77
N TYR D 215 1.88 -26.20 -21.89
CA TYR D 215 2.70 -27.18 -21.16
C TYR D 215 2.89 -26.67 -19.73
N GLY D 216 3.12 -27.60 -18.81
CA GLY D 216 3.37 -27.21 -17.43
C GLY D 216 4.86 -26.99 -17.36
N SER D 217 5.53 -27.46 -18.42
CA SER D 217 6.97 -27.37 -18.56
C SER D 217 7.71 -28.12 -17.46
N HIS D 218 7.47 -27.74 -16.22
CA HIS D 218 8.15 -28.39 -15.11
C HIS D 218 7.72 -29.83 -14.97
N THR D 219 8.59 -30.65 -14.37
CA THR D 219 8.23 -32.02 -14.11
C THR D 219 7.51 -31.88 -12.79
N PHE D 220 6.36 -32.53 -12.65
CA PHE D 220 5.60 -32.51 -11.42
C PHE D 220 5.53 -33.91 -10.86
N LYS D 221 4.94 -34.03 -9.68
CA LYS D 221 4.79 -35.31 -9.00
C LYS D 221 3.33 -35.67 -8.74
N LEU D 222 2.93 -36.85 -9.19
CA LEU D 222 1.57 -37.34 -8.99
C LEU D 222 1.59 -38.41 -7.91
N VAL D 223 0.55 -38.41 -7.08
CA VAL D 223 0.46 -39.38 -6.01
C VAL D 223 -0.91 -39.99 -6.03
N ASN D 224 -1.00 -41.31 -5.92
CA ASN D 224 -2.30 -41.96 -5.92
C ASN D 224 -2.76 -42.32 -4.50
N ALA D 225 -3.91 -42.97 -4.43
CA ALA D 225 -4.52 -43.35 -3.16
C ALA D 225 -3.71 -44.30 -2.27
N ASN D 226 -2.68 -44.91 -2.83
CA ASN D 226 -1.83 -45.83 -2.04
C ASN D 226 -0.56 -45.15 -1.53
N GLY D 227 -0.37 -43.89 -1.90
CA GLY D 227 0.83 -43.20 -1.48
C GLY D 227 1.96 -43.42 -2.48
N GLU D 228 1.63 -44.03 -3.61
CA GLU D 228 2.61 -44.28 -4.65
C GLU D 228 2.70 -43.03 -5.51
N ALA D 229 3.92 -42.68 -5.93
CA ALA D 229 4.11 -41.48 -6.74
C ALA D 229 4.94 -41.69 -7.99
N VAL D 230 4.67 -40.86 -8.99
CA VAL D 230 5.39 -40.89 -10.25
C VAL D 230 5.66 -39.43 -10.62
N TYR D 231 6.49 -39.19 -11.63
CA TYR D 231 6.73 -37.83 -12.07
C TYR D 231 5.92 -37.67 -13.35
N CYS D 232 5.65 -36.42 -13.75
CA CYS D 232 4.84 -36.22 -14.94
C CYS D 232 5.05 -34.86 -15.60
N LYS D 233 4.49 -34.71 -16.79
CA LYS D 233 4.54 -33.47 -17.55
C LYS D 233 3.13 -33.25 -18.04
N PHE D 234 2.65 -32.01 -17.98
CA PHE D 234 1.30 -31.71 -18.46
C PHE D 234 1.35 -31.05 -19.83
N HIS D 235 0.52 -31.51 -20.75
CA HIS D 235 0.44 -30.93 -22.09
C HIS D 235 -1.02 -30.81 -22.45
N TYR D 236 -1.39 -29.72 -23.10
CA TYR D 236 -2.76 -29.57 -23.57
C TYR D 236 -2.60 -29.07 -25.00
N LYS D 237 -2.81 -29.97 -25.95
CA LYS D 237 -2.65 -29.64 -27.36
C LYS D 237 -3.89 -28.92 -27.90
N THR D 238 -3.66 -27.88 -28.69
CA THR D 238 -4.76 -27.12 -29.25
C THR D 238 -5.60 -27.93 -30.22
N ASP D 239 -6.89 -28.06 -29.92
CA ASP D 239 -7.79 -28.81 -30.79
C ASP D 239 -8.10 -27.99 -32.06
N GLN D 240 -7.56 -26.78 -32.14
CA GLN D 240 -7.80 -25.95 -33.32
C GLN D 240 -6.59 -26.05 -34.24
N GLY D 241 -5.50 -26.60 -33.71
CA GLY D 241 -4.30 -26.76 -34.50
C GLY D 241 -3.25 -25.66 -34.39
N ILE D 242 -1.99 -26.02 -34.62
CA ILE D 242 -0.91 -25.06 -34.55
C ILE D 242 -0.97 -24.17 -35.79
N LYS D 243 -0.94 -22.87 -35.56
CA LYS D 243 -0.99 -21.89 -36.64
C LYS D 243 -0.22 -20.65 -36.19
N ASN D 244 0.82 -20.28 -36.93
CA ASN D 244 1.60 -19.12 -36.54
C ASN D 244 1.50 -17.99 -37.54
N LEU D 245 2.15 -16.87 -37.22
CA LEU D 245 2.15 -15.69 -38.07
C LEU D 245 3.53 -15.46 -38.67
N SER D 246 3.57 -14.98 -39.91
CA SER D 246 4.86 -14.70 -40.56
C SER D 246 5.36 -13.48 -39.82
N VAL D 247 6.67 -13.25 -39.78
CA VAL D 247 7.14 -12.08 -39.06
C VAL D 247 6.55 -10.83 -39.69
N GLU D 248 6.38 -10.86 -41.01
CA GLU D 248 5.83 -9.72 -41.71
C GLU D 248 4.43 -9.41 -41.20
N ASP D 249 3.56 -10.41 -41.21
CA ASP D 249 2.19 -10.23 -40.72
C ASP D 249 2.17 -9.71 -39.29
N ALA D 250 2.97 -10.35 -38.44
CA ALA D 250 3.09 -10.02 -37.03
C ALA D 250 3.42 -8.54 -36.87
N ALA D 251 4.39 -8.07 -37.64
CA ALA D 251 4.79 -6.67 -37.58
C ALA D 251 3.60 -5.80 -37.94
N ARG D 252 2.94 -6.13 -39.04
CA ARG D 252 1.79 -5.36 -39.51
C ARG D 252 0.66 -5.28 -38.47
N LEU D 253 0.37 -6.42 -37.85
CA LEU D 253 -0.69 -6.45 -36.85
C LEU D 253 -0.32 -5.67 -35.59
N SER D 254 0.96 -5.70 -35.22
CA SER D 254 1.40 -4.98 -34.03
C SER D 254 1.11 -3.49 -34.19
N GLN D 255 0.98 -3.05 -35.43
CA GLN D 255 0.71 -1.65 -35.68
C GLN D 255 -0.77 -1.45 -35.90
N GLU D 256 -1.37 -2.35 -36.66
CA GLU D 256 -2.79 -2.27 -36.97
C GLU D 256 -3.69 -2.69 -35.81
N ASP D 257 -3.26 -3.69 -35.04
CA ASP D 257 -4.05 -4.17 -33.93
C ASP D 257 -3.20 -4.76 -32.83
N PRO D 258 -2.73 -3.90 -31.93
CA PRO D 258 -1.89 -4.24 -30.77
C PRO D 258 -2.52 -5.30 -29.88
N ASP D 259 -3.84 -5.43 -29.94
CA ASP D 259 -4.57 -6.38 -29.11
C ASP D 259 -5.19 -7.53 -29.93
N TYR D 260 -4.63 -7.76 -31.11
CA TYR D 260 -5.09 -8.83 -31.99
C TYR D 260 -5.49 -10.10 -31.25
N GLY D 261 -4.65 -10.53 -30.31
CA GLY D 261 -4.93 -11.74 -29.54
C GLY D 261 -6.19 -11.66 -28.71
N ILE D 262 -6.34 -10.57 -27.96
CA ILE D 262 -7.52 -10.38 -27.11
C ILE D 262 -8.80 -10.38 -27.94
N ARG D 263 -8.78 -9.67 -29.05
CA ARG D 263 -9.93 -9.59 -29.92
C ARG D 263 -10.23 -10.94 -30.54
N ASP D 264 -9.21 -11.64 -30.99
CA ASP D 264 -9.44 -12.94 -31.60
C ASP D 264 -10.03 -13.93 -30.62
N LEU D 265 -9.53 -13.94 -29.39
CA LEU D 265 -10.05 -14.86 -28.40
C LEU D 265 -11.49 -14.49 -28.09
N PHE D 266 -11.76 -13.21 -27.94
CA PHE D 266 -13.09 -12.74 -27.61
C PHE D 266 -14.12 -12.93 -28.72
N ASN D 267 -13.77 -12.63 -29.97
CA ASN D 267 -14.75 -12.83 -31.04
C ASN D 267 -15.11 -14.30 -31.08
N ALA D 268 -14.09 -15.14 -31.07
CA ALA D 268 -14.30 -16.57 -31.11
C ALA D 268 -15.39 -16.99 -30.12
N ILE D 269 -15.10 -16.90 -28.83
CA ILE D 269 -16.07 -17.28 -27.83
C ILE D 269 -17.42 -16.60 -28.01
N ALA D 270 -17.41 -15.31 -28.31
CA ALA D 270 -18.65 -14.58 -28.47
C ALA D 270 -19.49 -15.14 -29.62
N THR D 271 -18.82 -15.71 -30.61
CA THR D 271 -19.55 -16.27 -31.74
C THR D 271 -19.80 -17.78 -31.63
N GLY D 272 -19.63 -18.34 -30.42
CA GLY D 272 -19.85 -19.76 -30.23
C GLY D 272 -18.75 -20.73 -30.68
N LYS D 273 -17.63 -20.21 -31.17
CA LYS D 273 -16.53 -21.07 -31.61
C LYS D 273 -15.58 -21.24 -30.45
N TYR D 274 -16.08 -21.92 -29.42
CA TYR D 274 -15.33 -22.17 -28.19
C TYR D 274 -14.10 -22.99 -28.45
N PRO D 275 -12.93 -22.43 -28.14
CA PRO D 275 -11.67 -23.12 -28.36
C PRO D 275 -11.43 -24.15 -27.26
N SER D 276 -10.76 -25.26 -27.60
CA SER D 276 -10.46 -26.30 -26.64
C SER D 276 -9.09 -26.92 -26.86
N TRP D 277 -8.63 -27.64 -25.85
CA TRP D 277 -7.34 -28.30 -25.85
C TRP D 277 -7.52 -29.69 -25.26
N THR D 278 -6.74 -30.65 -25.75
CA THR D 278 -6.83 -32.00 -25.21
C THR D 278 -5.73 -32.09 -24.17
N PHE D 279 -6.11 -32.52 -22.98
CA PHE D 279 -5.18 -32.62 -21.86
C PHE D 279 -4.54 -34.01 -21.75
N TYR D 280 -3.20 -34.04 -21.74
CA TYR D 280 -2.45 -35.29 -21.61
C TYR D 280 -1.46 -35.15 -20.49
N ILE D 281 -0.76 -36.24 -20.18
CA ILE D 281 0.29 -36.22 -19.18
C ILE D 281 1.28 -37.26 -19.62
N GLN D 282 2.54 -37.09 -19.24
CA GLN D 282 3.58 -38.05 -19.54
C GLN D 282 3.97 -38.56 -18.17
N VAL D 283 4.23 -39.85 -18.05
CA VAL D 283 4.62 -40.37 -16.77
C VAL D 283 6.00 -40.98 -16.86
N MET D 284 6.79 -40.72 -15.82
CA MET D 284 8.15 -41.22 -15.70
C MET D 284 8.20 -41.76 -14.28
N THR D 285 8.40 -43.07 -14.10
CA THR D 285 8.45 -43.63 -12.74
C THR D 285 9.71 -43.15 -12.05
N PHE D 286 9.80 -43.38 -10.75
CA PHE D 286 10.99 -42.95 -10.02
C PHE D 286 12.24 -43.68 -10.50
N ASN D 287 12.08 -44.94 -10.91
CA ASN D 287 13.21 -45.70 -11.43
C ASN D 287 13.64 -45.10 -12.77
N GLN D 288 12.68 -44.73 -13.61
CA GLN D 288 13.00 -44.14 -14.91
C GLN D 288 13.68 -42.81 -14.70
N ALA D 289 13.31 -42.13 -13.61
CA ALA D 289 13.91 -40.82 -13.33
C ALA D 289 15.42 -41.01 -13.20
N GLU D 290 15.84 -42.15 -12.65
CA GLU D 290 17.26 -42.42 -12.49
C GLU D 290 17.94 -42.72 -13.82
N THR D 291 17.23 -43.41 -14.72
CA THR D 291 17.87 -43.75 -15.97
C THR D 291 17.66 -42.78 -17.11
N PHE D 292 16.98 -41.67 -16.85
CA PHE D 292 16.80 -40.69 -17.91
C PHE D 292 18.22 -40.22 -18.26
N PRO D 293 18.53 -40.11 -19.56
CA PRO D 293 19.84 -39.67 -20.04
C PRO D 293 20.35 -38.44 -19.31
N PHE D 294 19.49 -37.43 -19.25
CA PHE D 294 19.79 -36.15 -18.61
C PHE D 294 19.08 -35.99 -17.25
N ASN D 295 19.14 -34.78 -16.73
CA ASN D 295 18.48 -34.47 -15.47
C ASN D 295 16.98 -34.38 -15.76
N PRO D 296 16.18 -35.32 -15.22
CA PRO D 296 14.73 -35.27 -15.47
C PRO D 296 14.10 -33.97 -14.97
N PHE D 297 14.77 -33.30 -14.05
CA PHE D 297 14.24 -32.07 -13.50
C PHE D 297 14.85 -30.81 -14.11
N ASP D 298 15.65 -30.98 -15.15
CA ASP D 298 16.26 -29.83 -15.81
C ASP D 298 15.21 -29.24 -16.75
N LEU D 299 14.78 -28.01 -16.44
CA LEU D 299 13.76 -27.33 -17.24
C LEU D 299 14.16 -27.03 -18.70
N THR D 300 15.43 -27.21 -19.03
CA THR D 300 15.84 -26.96 -20.40
C THR D 300 15.77 -28.26 -21.18
N LYS D 301 15.10 -29.26 -20.61
CA LYS D 301 14.96 -30.53 -21.29
C LYS D 301 13.53 -31.04 -21.41
N VAL D 302 13.28 -31.86 -22.42
CA VAL D 302 11.96 -32.41 -22.62
C VAL D 302 12.04 -33.91 -22.43
N TRP D 303 10.89 -34.55 -22.27
CA TRP D 303 10.82 -36.00 -22.15
C TRP D 303 10.37 -36.44 -23.52
N PRO D 304 11.28 -37.02 -24.32
CA PRO D 304 10.87 -37.46 -25.67
C PRO D 304 9.63 -38.35 -25.63
N HIS D 305 8.63 -38.01 -26.44
CA HIS D 305 7.39 -38.79 -26.50
C HIS D 305 7.76 -40.24 -26.79
N LYS D 306 8.62 -40.39 -27.78
CA LYS D 306 9.10 -41.67 -28.22
C LYS D 306 9.37 -42.61 -27.07
N ASP D 307 9.73 -42.07 -25.90
CA ASP D 307 10.04 -42.88 -24.73
C ASP D 307 9.01 -42.72 -23.61
N TYR D 308 8.38 -41.55 -23.56
CA TYR D 308 7.39 -41.25 -22.53
C TYR D 308 6.15 -40.70 -23.22
N PRO D 309 5.29 -41.60 -23.72
CA PRO D 309 4.04 -41.36 -24.43
C PRO D 309 3.04 -40.47 -23.71
N LEU D 310 2.29 -39.71 -24.48
CA LEU D 310 1.27 -38.85 -23.89
C LEU D 310 0.11 -39.75 -23.51
N ILE D 311 -0.43 -39.56 -22.31
CA ILE D 311 -1.57 -40.32 -21.82
C ILE D 311 -2.73 -39.33 -21.79
N PRO D 312 -3.77 -39.56 -22.60
CA PRO D 312 -4.90 -38.63 -22.59
C PRO D 312 -5.60 -38.62 -21.22
N VAL D 313 -5.97 -37.42 -20.77
CA VAL D 313 -6.62 -37.26 -19.47
C VAL D 313 -7.97 -36.60 -19.55
N GLY D 314 -8.07 -35.51 -20.32
CA GLY D 314 -9.34 -34.84 -20.41
C GLY D 314 -9.32 -33.73 -21.43
N LYS D 315 -10.16 -32.73 -21.23
CA LYS D 315 -10.24 -31.62 -22.17
C LYS D 315 -10.40 -30.27 -21.50
N LEU D 316 -9.96 -29.23 -22.19
CA LEU D 316 -10.12 -27.86 -21.71
C LEU D 316 -10.98 -27.16 -22.74
N VAL D 317 -12.03 -26.51 -22.27
CA VAL D 317 -12.92 -25.76 -23.16
C VAL D 317 -13.20 -24.37 -22.58
N LEU D 318 -13.00 -23.35 -23.42
CA LEU D 318 -13.25 -21.97 -23.01
C LEU D 318 -14.49 -21.50 -23.77
N ASN D 319 -15.57 -21.26 -23.05
CA ASN D 319 -16.84 -20.86 -23.67
C ASN D 319 -17.47 -19.59 -23.13
N ARG D 320 -16.79 -18.90 -22.22
CA ARG D 320 -17.36 -17.69 -21.65
C ARG D 320 -16.35 -16.56 -21.54
N ASN D 321 -16.66 -15.46 -22.20
CA ASN D 321 -15.81 -14.29 -22.18
C ASN D 321 -15.96 -13.62 -20.84
N PRO D 322 -14.98 -12.81 -20.43
CA PRO D 322 -15.11 -12.13 -19.14
C PRO D 322 -16.15 -11.02 -19.27
N VAL D 323 -16.85 -10.71 -18.18
CA VAL D 323 -17.85 -9.64 -18.24
C VAL D 323 -17.15 -8.32 -18.04
N ASN D 324 -16.26 -8.29 -17.04
CA ASN D 324 -15.46 -7.11 -16.75
C ASN D 324 -13.99 -7.55 -16.70
N TYR D 325 -13.18 -7.01 -17.61
CA TYR D 325 -11.77 -7.39 -17.69
C TYR D 325 -10.95 -7.13 -16.45
N PHE D 326 -11.12 -5.96 -15.86
CA PHE D 326 -10.32 -5.65 -14.69
C PHE D 326 -10.58 -6.62 -13.56
N ALA D 327 -11.84 -6.95 -13.36
CA ALA D 327 -12.22 -7.84 -12.28
C ALA D 327 -11.83 -9.28 -12.52
N GLU D 328 -12.05 -9.77 -13.74
CA GLU D 328 -11.79 -11.16 -14.06
C GLU D 328 -10.48 -11.50 -14.75
N VAL D 329 -9.77 -10.49 -15.23
CA VAL D 329 -8.51 -10.77 -15.91
C VAL D 329 -7.29 -10.09 -15.28
N GLU D 330 -7.32 -8.77 -15.18
CA GLU D 330 -6.18 -8.06 -14.60
C GLU D 330 -5.95 -8.54 -13.18
N GLN D 331 -7.04 -8.73 -12.43
CA GLN D 331 -6.93 -9.15 -11.05
C GLN D 331 -6.73 -10.62 -10.74
N ILE D 332 -6.87 -11.49 -11.75
CA ILE D 332 -6.70 -12.91 -11.47
C ILE D 332 -5.25 -13.19 -11.13
N ALA D 333 -5.02 -14.18 -10.27
CA ALA D 333 -3.68 -14.53 -9.84
C ALA D 333 -3.48 -16.02 -9.82
N PHE D 334 -2.41 -16.50 -10.46
CA PHE D 334 -2.15 -17.95 -10.46
C PHE D 334 -0.90 -18.26 -9.66
N ASP D 335 -1.00 -19.19 -8.73
CA ASP D 335 0.15 -19.58 -7.91
C ASP D 335 0.52 -21.06 -8.12
N PRO D 336 1.70 -21.33 -8.70
CA PRO D 336 2.09 -22.72 -8.92
C PRO D 336 1.99 -23.56 -7.65
N SER D 337 2.15 -22.93 -6.49
CA SER D 337 2.08 -23.67 -5.25
C SER D 337 0.68 -24.19 -4.93
N ASN D 338 -0.33 -23.68 -5.65
CA ASN D 338 -1.71 -24.11 -5.48
C ASN D 338 -1.93 -25.47 -6.16
N MET D 339 -1.63 -26.54 -5.43
CA MET D 339 -1.77 -27.90 -5.93
C MET D 339 -2.51 -28.70 -4.87
N PRO D 340 -3.64 -29.33 -5.26
CA PRO D 340 -4.48 -30.13 -4.38
C PRO D 340 -3.89 -31.51 -4.19
N PRO D 341 -4.28 -32.20 -3.11
CA PRO D 341 -3.75 -33.54 -2.86
C PRO D 341 -3.78 -34.37 -4.14
N GLY D 342 -2.68 -35.07 -4.41
CA GLY D 342 -2.59 -35.89 -5.61
C GLY D 342 -1.54 -35.34 -6.56
N ILE D 343 -1.36 -34.02 -6.51
CA ILE D 343 -0.41 -33.30 -7.35
C ILE D 343 0.56 -32.54 -6.46
N GLU D 344 1.85 -32.82 -6.61
CA GLU D 344 2.89 -32.17 -5.82
C GLU D 344 4.04 -31.66 -6.71
N ALA D 345 4.97 -30.93 -6.12
CA ALA D 345 6.12 -30.42 -6.86
C ALA D 345 7.25 -31.43 -6.94
N SER D 346 8.09 -31.28 -7.97
CA SER D 346 9.26 -32.13 -8.14
C SER D 346 10.44 -31.30 -7.65
N PRO D 347 11.63 -31.91 -7.54
CA PRO D 347 12.77 -31.14 -7.07
C PRO D 347 13.35 -30.16 -8.10
N ASP D 348 12.61 -29.89 -9.17
CA ASP D 348 13.09 -28.95 -10.17
C ASP D 348 13.36 -27.60 -9.51
N LYS D 349 14.59 -27.11 -9.60
CA LYS D 349 14.96 -25.84 -8.99
C LYS D 349 14.05 -24.69 -9.40
N MET D 350 13.76 -24.57 -10.69
CA MET D 350 12.92 -23.51 -11.21
C MET D 350 11.54 -23.53 -10.55
N LEU D 351 10.85 -24.66 -10.64
CA LEU D 351 9.54 -24.77 -10.04
C LEU D 351 9.64 -24.45 -8.54
N GLN D 352 10.68 -24.95 -7.90
CA GLN D 352 10.86 -24.71 -6.48
C GLN D 352 10.88 -23.22 -6.17
N GLY D 353 11.50 -22.45 -7.07
CA GLY D 353 11.58 -21.03 -6.88
C GLY D 353 10.25 -20.35 -7.10
N ARG D 354 9.49 -20.86 -8.05
CA ARG D 354 8.19 -20.29 -8.34
C ARG D 354 7.24 -20.58 -7.18
N LEU D 355 7.54 -21.61 -6.40
CA LEU D 355 6.66 -21.93 -5.27
C LEU D 355 6.54 -20.74 -4.34
N PHE D 356 7.55 -19.88 -4.37
CA PHE D 356 7.57 -18.71 -3.51
C PHE D 356 7.19 -17.42 -4.20
N ALA D 357 7.76 -17.19 -5.37
CA ALA D 357 7.53 -15.98 -6.11
C ALA D 357 6.09 -15.51 -6.32
N TYR D 358 5.19 -16.41 -6.73
CA TYR D 358 3.82 -15.99 -7.02
C TYR D 358 2.97 -15.46 -5.88
N PRO D 359 2.76 -16.25 -4.81
CA PRO D 359 1.93 -15.62 -3.76
C PRO D 359 2.62 -14.36 -3.24
N ASP D 360 3.94 -14.37 -3.20
CA ASP D 360 4.72 -13.22 -2.75
C ASP D 360 4.40 -12.01 -3.62
N THR D 361 4.60 -12.13 -4.94
CA THR D 361 4.33 -10.99 -5.79
C THR D 361 2.84 -10.63 -5.77
N HIS D 362 1.99 -11.63 -5.56
CA HIS D 362 0.56 -11.38 -5.55
C HIS D 362 0.12 -10.58 -4.33
N ARG D 363 0.79 -10.79 -3.20
CA ARG D 363 0.48 -10.05 -2.01
C ARG D 363 0.89 -8.61 -2.26
N HIS D 364 1.79 -8.41 -3.22
CA HIS D 364 2.24 -7.07 -3.55
C HIS D 364 1.32 -6.40 -4.56
N ARG D 365 1.16 -7.05 -5.71
CA ARG D 365 0.34 -6.56 -6.80
C ARG D 365 -1.13 -6.38 -6.46
N LEU D 366 -1.73 -7.41 -5.85
CA LEU D 366 -3.14 -7.37 -5.52
C LEU D 366 -3.41 -6.91 -4.10
N GLY D 367 -2.70 -7.51 -3.15
CA GLY D 367 -2.87 -7.14 -1.75
C GLY D 367 -2.84 -8.35 -0.86
N PRO D 368 -2.62 -8.16 0.45
CA PRO D 368 -2.57 -9.28 1.37
C PRO D 368 -3.68 -10.30 1.18
N ASN D 369 -4.90 -9.84 0.99
CA ASN D 369 -6.04 -10.75 0.83
C ASN D 369 -6.52 -10.96 -0.59
N TYR D 370 -5.59 -11.06 -1.53
CA TYR D 370 -5.93 -11.24 -2.92
C TYR D 370 -6.75 -12.50 -3.22
N LEU D 371 -6.72 -13.48 -2.32
CA LEU D 371 -7.48 -14.71 -2.58
C LEU D 371 -8.96 -14.55 -2.31
N HIS D 372 -9.39 -13.36 -1.88
CA HIS D 372 -10.80 -13.10 -1.65
C HIS D 372 -11.41 -12.46 -2.87
N ILE D 373 -10.56 -11.91 -3.74
CA ILE D 373 -11.07 -11.34 -4.97
C ILE D 373 -11.79 -12.50 -5.63
N PRO D 374 -13.05 -12.32 -6.06
CA PRO D 374 -13.83 -13.38 -6.71
C PRO D 374 -13.11 -14.35 -7.67
N VAL D 375 -12.55 -13.91 -8.79
CA VAL D 375 -11.88 -14.85 -9.68
C VAL D 375 -10.83 -15.74 -9.01
N ASN D 376 -10.28 -15.29 -7.89
CA ASN D 376 -9.25 -16.06 -7.19
C ASN D 376 -9.78 -16.94 -6.07
N CYS D 377 -10.97 -16.64 -5.60
CA CYS D 377 -11.57 -17.38 -4.50
C CYS D 377 -11.82 -18.83 -4.86
N PRO D 378 -11.42 -19.77 -3.99
CA PRO D 378 -11.64 -21.19 -4.26
C PRO D 378 -13.08 -21.52 -3.85
N TYR D 379 -14.01 -21.08 -4.68
CA TYR D 379 -15.42 -21.23 -4.41
C TYR D 379 -16.07 -22.61 -4.43
N ARG D 380 -15.34 -23.63 -4.87
CA ARG D 380 -15.88 -24.97 -4.88
C ARG D 380 -15.33 -25.69 -3.68
N ALA D 381 -14.43 -25.02 -2.96
CA ALA D 381 -13.82 -25.60 -1.79
C ALA D 381 -14.39 -24.94 -0.55
N ARG D 382 -14.07 -25.51 0.60
CA ARG D 382 -14.53 -24.99 1.87
C ARG D 382 -13.31 -24.54 2.63
N VAL D 383 -12.94 -23.27 2.46
CA VAL D 383 -11.78 -22.73 3.15
C VAL D 383 -12.07 -22.66 4.64
N ALA D 384 -11.11 -23.08 5.46
CA ALA D 384 -11.27 -23.03 6.89
C ALA D 384 -9.88 -23.16 7.51
N ASN D 385 -9.45 -22.11 8.22
CA ASN D 385 -8.13 -22.11 8.82
C ASN D 385 -8.03 -21.11 9.95
N TYR D 386 -6.80 -20.82 10.38
CA TYR D 386 -6.61 -19.90 11.48
C TYR D 386 -6.04 -18.56 11.06
N GLN D 387 -6.14 -18.28 9.77
CA GLN D 387 -5.65 -17.00 9.26
C GLN D 387 -6.78 -16.00 9.53
N ARG D 388 -6.41 -14.78 9.90
CA ARG D 388 -7.38 -13.72 10.20
C ARG D 388 -6.88 -12.34 9.80
N ASP D 389 -7.82 -11.39 9.74
CA ASP D 389 -7.52 -10.01 9.45
C ASP D 389 -6.82 -9.73 8.11
N GLY D 390 -5.96 -8.70 8.10
CA GLY D 390 -5.27 -8.31 6.88
C GLY D 390 -6.07 -7.21 6.20
N PRO D 391 -5.44 -6.34 5.39
CA PRO D 391 -6.18 -5.26 4.71
C PRO D 391 -7.26 -5.71 3.72
N MET D 392 -8.40 -5.04 3.77
CA MET D 392 -9.51 -5.37 2.91
C MET D 392 -10.05 -6.75 3.19
N CYS D 393 -10.32 -7.06 4.45
CA CYS D 393 -10.89 -8.36 4.79
C CYS D 393 -12.35 -8.30 4.31
N MET D 394 -12.74 -9.25 3.45
CA MET D 394 -14.09 -9.25 2.89
C MET D 394 -15.21 -10.05 3.51
N GLN D 395 -14.91 -11.21 4.08
CA GLN D 395 -15.99 -12.00 4.64
C GLN D 395 -16.15 -11.75 6.12
N ASP D 396 -16.72 -12.74 6.79
CA ASP D 396 -16.95 -12.71 8.23
C ASP D 396 -15.61 -12.83 8.95
N ASN D 397 -14.54 -13.03 8.18
CA ASN D 397 -13.20 -13.18 8.72
C ASN D 397 -13.25 -14.39 9.67
N GLN D 398 -14.10 -15.36 9.30
CA GLN D 398 -14.34 -16.59 10.06
C GLN D 398 -14.99 -16.33 11.43
N GLY D 399 -15.81 -15.29 11.47
CA GLY D 399 -16.54 -14.90 12.65
C GLY D 399 -15.79 -14.91 13.96
N GLY D 400 -16.33 -15.63 14.94
CA GLY D 400 -15.70 -15.69 16.24
C GLY D 400 -15.03 -17.01 16.52
N ALA D 401 -14.98 -17.87 15.51
CA ALA D 401 -14.37 -19.19 15.65
C ALA D 401 -13.00 -19.07 16.32
N PRO D 402 -12.61 -20.08 17.10
CA PRO D 402 -11.32 -20.05 17.77
C PRO D 402 -10.25 -19.81 16.72
N ASN D 403 -9.34 -18.87 16.97
CA ASN D 403 -8.30 -18.56 15.98
C ASN D 403 -6.91 -19.13 16.23
N TYR D 404 -6.81 -20.13 17.10
CA TYR D 404 -5.53 -20.76 17.41
C TYR D 404 -5.61 -22.29 17.30
N TYR D 405 -4.55 -22.90 16.80
CA TYR D 405 -4.50 -24.35 16.60
C TYR D 405 -3.28 -24.93 17.32
N PRO D 406 -3.46 -26.01 18.09
CA PRO D 406 -4.69 -26.75 18.36
C PRO D 406 -5.61 -25.99 19.31
N ASN D 407 -6.77 -26.56 19.61
CA ASN D 407 -7.75 -25.94 20.51
C ASN D 407 -8.84 -26.96 20.88
N SER D 408 -9.44 -26.78 22.05
CA SER D 408 -10.47 -27.69 22.51
C SER D 408 -11.86 -27.29 22.07
N PHE D 409 -11.97 -26.20 21.32
CA PHE D 409 -13.28 -25.74 20.91
C PHE D 409 -13.77 -26.18 19.53
N GLY D 410 -13.25 -27.31 19.07
CA GLY D 410 -13.66 -27.88 17.81
C GLY D 410 -13.54 -27.13 16.49
N ALA D 411 -12.47 -26.36 16.30
CA ALA D 411 -12.26 -25.62 15.06
C ALA D 411 -11.79 -26.58 13.93
N PRO D 412 -11.38 -26.03 12.75
CA PRO D 412 -10.92 -26.88 11.64
C PRO D 412 -9.75 -27.82 11.97
N GLU D 413 -9.87 -29.08 11.59
CA GLU D 413 -8.81 -30.06 11.83
C GLU D 413 -8.01 -30.38 10.56
N GLN D 414 -6.75 -30.73 10.76
CA GLN D 414 -5.87 -31.12 9.65
C GLN D 414 -6.24 -32.57 9.32
N GLN D 415 -6.27 -32.94 8.04
CA GLN D 415 -6.60 -34.32 7.70
C GLN D 415 -5.40 -35.08 7.11
N PRO D 416 -4.96 -36.14 7.81
CA PRO D 416 -3.83 -37.00 7.45
C PRO D 416 -3.78 -37.50 6.00
N SER D 417 -4.92 -37.44 5.30
CA SER D 417 -4.98 -37.88 3.91
C SER D 417 -4.09 -37.01 3.03
N ALA D 418 -4.21 -35.70 3.21
CA ALA D 418 -3.48 -34.70 2.44
C ALA D 418 -2.00 -34.52 2.76
N LEU D 419 -1.44 -35.42 3.59
CA LEU D 419 -0.03 -35.34 3.96
C LEU D 419 0.79 -35.52 2.67
N GLU D 420 1.86 -34.76 2.53
CA GLU D 420 2.70 -34.81 1.32
C GLU D 420 3.57 -36.06 1.18
N HIS D 421 3.96 -36.36 -0.05
CA HIS D 421 4.81 -37.51 -0.31
C HIS D 421 6.18 -37.33 0.33
N SER D 422 6.67 -38.37 0.97
CA SER D 422 7.98 -38.34 1.63
C SER D 422 9.06 -38.99 0.75
N ILE D 423 10.29 -38.47 0.82
CA ILE D 423 11.41 -38.97 0.01
C ILE D 423 12.76 -38.65 0.66
N GLN D 424 13.74 -39.53 0.53
CA GLN D 424 15.07 -39.23 1.08
C GLN D 424 15.98 -38.74 -0.03
N TYR D 425 16.86 -37.81 0.27
CA TYR D 425 17.76 -37.28 -0.75
C TYR D 425 19.23 -37.44 -0.38
N SER D 426 20.06 -37.63 -1.40
CA SER D 426 21.51 -37.82 -1.23
C SER D 426 22.26 -36.50 -1.40
N GLY D 427 23.28 -36.28 -0.59
CA GLY D 427 24.06 -35.07 -0.71
C GLY D 427 23.97 -34.13 0.48
N GLU D 428 24.78 -33.08 0.44
CA GLU D 428 24.81 -32.08 1.49
C GLU D 428 23.98 -30.89 1.05
N VAL D 429 23.64 -30.03 1.99
CA VAL D 429 22.85 -28.84 1.71
C VAL D 429 23.78 -27.69 1.34
N ARG D 430 23.76 -27.32 0.06
CA ARG D 430 24.60 -26.25 -0.46
C ARG D 430 24.23 -26.03 -1.92
N ARG D 431 24.81 -25.00 -2.52
CA ARG D 431 24.55 -24.66 -3.91
C ARG D 431 25.35 -25.59 -4.85
N PHE D 432 24.66 -26.27 -5.77
CA PHE D 432 25.31 -27.19 -6.70
C PHE D 432 25.32 -26.62 -8.10
N ASN D 433 26.50 -26.41 -8.66
CA ASN D 433 26.60 -25.86 -10.00
C ASN D 433 25.95 -26.76 -11.04
N THR D 434 25.04 -26.19 -11.82
CA THR D 434 24.37 -26.95 -12.86
C THR D 434 24.74 -26.47 -14.27
N ALA D 435 25.81 -25.69 -14.37
CA ALA D 435 26.27 -25.18 -15.65
C ALA D 435 26.92 -26.31 -16.46
N ASN D 436 27.22 -27.40 -15.76
CA ASN D 436 27.80 -28.59 -16.36
C ASN D 436 26.79 -29.38 -17.16
N ASP D 437 25.50 -29.20 -16.90
CA ASP D 437 24.48 -29.96 -17.63
C ASP D 437 24.52 -29.72 -19.14
N ASP D 438 24.15 -30.75 -19.90
CA ASP D 438 24.17 -30.68 -21.34
C ASP D 438 23.41 -29.46 -21.77
N ASN D 439 23.88 -28.79 -22.81
CA ASN D 439 23.24 -27.61 -23.32
C ASN D 439 22.89 -27.74 -24.79
N VAL D 440 23.36 -28.80 -25.42
CA VAL D 440 23.16 -28.94 -26.87
C VAL D 440 22.52 -30.18 -27.47
N THR D 441 22.74 -31.33 -26.84
CA THR D 441 22.21 -32.60 -27.33
C THR D 441 20.78 -32.54 -27.86
N GLN D 442 19.82 -32.18 -27.00
CA GLN D 442 18.44 -32.11 -27.43
C GLN D 442 18.24 -30.99 -28.45
N VAL D 443 19.07 -29.95 -28.36
CA VAL D 443 18.95 -28.81 -29.28
C VAL D 443 19.29 -29.25 -30.69
N ARG D 444 20.37 -30.02 -30.84
CA ARG D 444 20.73 -30.50 -32.16
C ARG D 444 19.58 -31.35 -32.68
N ALA D 445 19.01 -32.14 -31.79
CA ALA D 445 17.89 -33.01 -32.13
C ALA D 445 16.79 -32.15 -32.78
N PHE D 446 16.42 -31.08 -32.10
CA PHE D 446 15.40 -30.17 -32.58
C PHE D 446 15.81 -29.50 -33.90
N TYR D 447 17.05 -29.06 -33.97
CA TYR D 447 17.55 -28.39 -35.16
C TYR D 447 17.51 -29.27 -36.41
N VAL D 448 18.14 -30.44 -36.32
CA VAL D 448 18.22 -31.36 -37.45
C VAL D 448 17.02 -32.27 -37.77
N ASN D 449 16.33 -32.75 -36.74
CA ASN D 449 15.21 -33.66 -36.97
C ASN D 449 13.84 -32.99 -37.02
N VAL D 450 13.44 -32.44 -35.88
CA VAL D 450 12.16 -31.76 -35.72
C VAL D 450 11.84 -30.65 -36.73
N LEU D 451 12.87 -29.99 -37.25
CA LEU D 451 12.65 -28.92 -38.21
C LEU D 451 13.16 -29.29 -39.60
N ASN D 452 12.49 -28.77 -40.63
CA ASN D 452 12.88 -29.01 -42.01
C ASN D 452 13.55 -27.75 -42.55
N GLU D 453 14.30 -27.90 -43.64
CA GLU D 453 15.04 -26.79 -44.24
C GLU D 453 14.40 -25.41 -44.10
N GLU D 454 13.19 -25.26 -44.65
CA GLU D 454 12.46 -23.99 -44.58
C GLU D 454 12.70 -23.32 -43.24
N GLN D 455 12.24 -24.01 -42.21
CA GLN D 455 12.31 -23.57 -40.83
C GLN D 455 13.71 -23.23 -40.35
N ARG D 456 14.65 -24.15 -40.52
CA ARG D 456 16.00 -23.87 -40.09
C ARG D 456 16.47 -22.53 -40.64
N LYS D 457 16.10 -22.24 -41.88
CA LYS D 457 16.51 -21.00 -42.50
C LYS D 457 15.84 -19.81 -41.82
N ARG D 458 14.52 -19.83 -41.74
CA ARG D 458 13.80 -18.73 -41.10
C ARG D 458 14.32 -18.62 -39.69
N LEU D 459 14.73 -19.74 -39.12
CA LEU D 459 15.25 -19.72 -37.76
C LEU D 459 16.53 -18.90 -37.69
N CYS D 460 17.47 -19.18 -38.59
CA CYS D 460 18.72 -18.45 -38.61
C CYS D 460 18.47 -17.01 -38.97
N GLU D 461 17.52 -16.77 -39.85
CA GLU D 461 17.22 -15.41 -40.24
C GLU D 461 16.61 -14.61 -39.11
N ASN D 462 15.70 -15.24 -38.37
CA ASN D 462 15.06 -14.57 -37.24
C ASN D 462 16.07 -14.18 -36.18
N ILE D 463 16.99 -15.09 -35.88
CA ILE D 463 18.01 -14.80 -34.88
C ILE D 463 18.92 -13.67 -35.33
N ALA D 464 19.48 -13.81 -36.54
CA ALA D 464 20.38 -12.79 -37.07
C ALA D 464 19.77 -11.40 -37.12
N GLY D 465 18.47 -11.32 -37.42
CA GLY D 465 17.83 -10.03 -37.50
C GLY D 465 17.78 -9.32 -36.16
N HIS D 466 17.88 -10.09 -35.09
CA HIS D 466 17.85 -9.54 -33.73
C HIS D 466 19.28 -9.44 -33.17
N LEU D 467 20.06 -10.50 -33.34
CA LEU D 467 21.43 -10.50 -32.85
C LEU D 467 22.33 -9.48 -33.59
N LYS D 468 21.95 -9.10 -34.81
CA LYS D 468 22.72 -8.14 -35.60
C LYS D 468 22.91 -6.81 -34.85
N ASP D 469 21.92 -6.46 -34.03
CA ASP D 469 21.97 -5.21 -33.29
C ASP D 469 22.84 -5.21 -32.04
N ALA D 470 23.33 -6.37 -31.64
CA ALA D 470 24.18 -6.45 -30.45
C ALA D 470 25.64 -6.12 -30.78
N GLN D 471 26.41 -5.73 -29.77
CA GLN D 471 27.83 -5.42 -29.99
C GLN D 471 28.46 -6.66 -30.59
N ILE D 472 29.40 -6.46 -31.51
CA ILE D 472 30.06 -7.56 -32.18
C ILE D 472 30.74 -8.61 -31.31
N PHE D 473 31.28 -8.23 -30.16
CA PHE D 473 31.93 -9.22 -29.30
C PHE D 473 30.87 -10.16 -28.72
N ILE D 474 29.65 -9.64 -28.58
CA ILE D 474 28.54 -10.42 -28.06
C ILE D 474 28.08 -11.33 -29.19
N GLN D 475 27.99 -10.79 -30.40
CA GLN D 475 27.60 -11.58 -31.54
C GLN D 475 28.48 -12.84 -31.65
N LYS D 476 29.78 -12.69 -31.38
CA LYS D 476 30.71 -13.80 -31.46
C LYS D 476 30.47 -14.84 -30.37
N LYS D 477 30.28 -14.39 -29.13
CA LYS D 477 30.01 -15.30 -28.01
C LYS D 477 28.76 -16.12 -28.30
N ALA D 478 27.77 -15.48 -28.92
CA ALA D 478 26.53 -16.15 -29.25
C ALA D 478 26.72 -17.14 -30.40
N VAL D 479 27.40 -16.73 -31.45
CA VAL D 479 27.63 -17.63 -32.58
C VAL D 479 28.36 -18.87 -32.10
N LYS D 480 29.36 -18.67 -31.26
CA LYS D 480 30.08 -19.82 -30.74
C LYS D 480 29.13 -20.82 -30.13
N ASN D 481 28.06 -20.35 -29.50
CA ASN D 481 27.07 -21.24 -28.88
C ASN D 481 26.23 -21.98 -29.93
N PHE D 482 25.74 -21.25 -30.93
CA PHE D 482 24.97 -21.87 -31.98
C PHE D 482 25.80 -22.91 -32.72
N THR D 483 27.11 -22.73 -32.66
CA THR D 483 28.09 -23.60 -33.29
C THR D 483 28.27 -24.87 -32.45
N GLU D 484 28.23 -24.70 -31.13
CA GLU D 484 28.38 -25.83 -30.21
C GLU D 484 27.23 -26.83 -30.43
N VAL D 485 26.12 -26.35 -30.97
CA VAL D 485 24.97 -27.19 -31.27
C VAL D 485 25.25 -27.89 -32.58
N HIS D 486 25.36 -27.09 -33.64
CA HIS D 486 25.63 -27.61 -34.97
C HIS D 486 26.54 -26.60 -35.68
N PRO D 487 27.59 -27.08 -36.36
CA PRO D 487 28.44 -26.10 -37.03
C PRO D 487 27.69 -25.27 -38.07
N ASP D 488 26.77 -25.89 -38.81
CA ASP D 488 26.04 -25.14 -39.83
C ASP D 488 25.13 -24.12 -39.18
N TYR D 489 24.66 -24.45 -37.98
CA TYR D 489 23.77 -23.57 -37.24
C TYR D 489 24.45 -22.24 -36.97
N GLY D 490 25.63 -22.31 -36.33
CA GLY D 490 26.37 -21.10 -36.03
C GLY D 490 26.86 -20.37 -37.27
N SER D 491 27.45 -21.09 -38.21
CA SER D 491 27.99 -20.45 -39.40
C SER D 491 27.00 -19.77 -40.33
N HIS D 492 25.80 -20.30 -40.47
CA HIS D 492 24.84 -19.65 -41.37
C HIS D 492 24.45 -18.32 -40.72
N ILE D 493 24.28 -18.34 -39.40
CA ILE D 493 23.94 -17.12 -38.67
C ILE D 493 25.05 -16.08 -38.88
N GLN D 494 26.30 -16.51 -38.75
CA GLN D 494 27.42 -15.59 -38.93
C GLN D 494 27.40 -15.05 -40.35
N ALA D 495 27.01 -15.90 -41.30
CA ALA D 495 26.96 -15.48 -42.68
C ALA D 495 25.97 -14.34 -42.79
N LEU D 496 24.83 -14.49 -42.14
CA LEU D 496 23.80 -13.47 -42.15
C LEU D 496 24.29 -12.21 -41.42
N LEU D 497 24.90 -12.39 -40.26
CA LEU D 497 25.41 -11.28 -39.48
C LEU D 497 26.40 -10.45 -40.31
N ASP D 498 27.33 -11.11 -40.98
CA ASP D 498 28.31 -10.39 -41.80
C ASP D 498 27.64 -9.41 -42.76
N LYS D 499 26.53 -9.81 -43.36
CA LYS D 499 25.81 -8.94 -44.28
C LYS D 499 25.38 -7.73 -43.48
N TYR D 500 24.60 -7.98 -42.43
CA TYR D 500 24.13 -6.89 -41.59
C TYR D 500 25.28 -5.99 -41.14
N ASN D 501 26.31 -6.56 -40.54
CA ASN D 501 27.42 -5.75 -40.07
C ASN D 501 28.03 -4.87 -41.16
N ALA D 502 27.49 -4.94 -42.38
CA ALA D 502 28.00 -4.12 -43.46
C ALA D 502 26.91 -3.14 -43.95
CHA HEM E . -1.27 13.45 -15.50
CHB HEM E . -5.71 14.49 -13.84
CHC HEM E . -6.20 17.73 -17.39
CHD HEM E . -1.46 17.31 -18.42
C1A HEM E . -2.46 13.44 -14.74
C2A HEM E . -2.70 12.51 -13.64
C3A HEM E . -3.94 12.80 -13.18
C4A HEM E . -4.47 13.88 -14.02
CMA HEM E . -4.60 12.17 -11.95
CAA HEM E . -1.77 11.46 -13.04
CBA HEM E . -0.45 12.07 -12.62
CGA HEM E . 0.49 11.07 -12.01
O1A HEM E . 1.66 11.43 -11.78
O2A HEM E . 0.07 9.92 -11.76
C1B HEM E . -6.16 15.60 -14.56
C2B HEM E . -7.46 16.24 -14.38
C3B HEM E . -7.67 17.02 -15.46
C4B HEM E . -6.46 16.96 -16.24
CMB HEM E . -8.34 16.09 -13.15
CAB HEM E . -8.84 17.63 -15.84
CBB HEM E . -9.57 18.56 -15.04
C1C HEM E . -4.95 17.85 -18.02
C2C HEM E . -4.56 19.06 -18.81
C3C HEM E . -3.19 19.05 -18.93
C4C HEM E . -2.74 17.80 -18.31
CMC HEM E . -5.50 20.15 -19.36
CAC HEM E . -2.35 20.08 -19.38
CBC HEM E . -2.72 21.30 -20.14
C1D HEM E . -1.01 16.18 -17.78
C2D HEM E . 0.34 15.69 -17.84
C3D HEM E . 0.41 14.63 -17.04
C4D HEM E . -0.92 14.42 -16.46
CMD HEM E . 1.52 16.32 -18.54
CAD HEM E . 1.71 13.91 -16.72
CBD HEM E . 2.05 14.40 -15.33
CGD HEM E . 3.32 13.77 -14.79
O1D HEM E . 3.48 13.77 -13.53
O2D HEM E . 4.16 13.29 -15.62
NA HEM E . -3.52 14.31 -14.92
NB HEM E . -5.52 16.12 -15.65
NC HEM E . -3.78 17.13 -17.63
ND HEM E . -1.79 15.42 -16.86
FE HEM E . -3.64 15.82 -16.17
CHA HEM F . -11.75 10.06 13.39
CHB HEM F . -10.06 14.13 11.31
CHC HEM F . -12.76 16.68 14.37
CHD HEM F . -14.93 12.65 15.91
C1A HEM F . -11.01 10.95 12.63
C2A HEM F . -9.99 10.55 11.65
C3A HEM F . -9.51 11.67 11.08
C4A HEM F . -10.22 12.79 11.69
CMA HEM F . -8.58 11.72 9.87
CAA HEM F . -9.68 9.14 11.21
CBA HEM F . -10.84 8.34 10.69
CGA HEM F . -10.45 6.92 10.35
O1A HEM F . -11.36 6.09 10.15
O2A HEM F . -9.24 6.65 10.27
C1B HEM F . -10.78 15.19 11.87
C2B HEM F . -10.63 16.61 11.51
C3B HEM F . -11.32 17.36 12.45
C4B HEM F . -11.94 16.36 13.31
CMB HEM F . -9.94 17.14 10.27
CAB HEM F . -11.47 18.77 12.59
CBB HEM F . -11.48 19.72 11.50
C1C HEM F . -13.48 15.76 15.14
C2C HEM F . -14.62 16.21 15.90
C3C HEM F . -15.37 15.08 16.15
C4C HEM F . -14.60 13.96 15.66
CMC HEM F . -14.97 17.68 16.20
CAC HEM F . -16.71 15.01 16.54
CBC HEM F . -17.72 16.07 16.31
C1D HEM F . -14.23 11.61 15.36
C2D HEM F . -14.62 10.23 15.53
C3D HEM F . -13.79 9.46 14.83
C4D HEM F . -12.81 10.42 14.21
CMD HEM F . -15.90 9.75 16.19
CAD HEM F . -14.03 7.97 14.52
CBD HEM F . -14.15 7.75 13.01
CGD HEM F . -14.25 6.29 12.63
O1D HEM F . -14.17 5.98 11.40
O2D HEM F . -14.42 5.47 13.58
NA HEM F . -11.17 12.33 12.63
NB HEM F . -11.65 15.04 12.93
NC HEM F . -13.49 14.38 14.96
ND HEM F . -13.17 11.73 14.49
FE HEM F . -12.43 13.36 13.71
CHA HEM G . 9.12 -9.05 15.89
CHB HEM G . 7.83 -13.32 13.81
CHC HEM G . 10.06 -15.68 17.45
CHD HEM G . 11.84 -11.43 19.04
C1A HEM G . 8.52 -10.03 15.06
C2A HEM G . 7.78 -9.74 13.86
C3A HEM G . 7.42 -10.89 13.30
C4A HEM G . 7.95 -11.95 14.11
CMA HEM G . 6.59 -10.96 12.05
CAA HEM G . 7.46 -8.39 13.26
CBA HEM G . 8.72 -7.58 12.90
CGA HEM G . 8.39 -6.19 12.42
O1A HEM G . 9.32 -5.37 12.33
O2A HEM G . 7.22 -5.91 12.13
C1B HEM G . 8.42 -14.34 14.55
C2B HEM G . 8.32 -15.76 14.28
C3B HEM G . 8.84 -16.42 15.36
C4B HEM G . 9.37 -15.40 16.24
CMB HEM G . 7.83 -16.39 13.00
CAB HEM G . 8.81 -17.76 15.73
CBB HEM G . 9.06 -18.92 14.92
C1C HEM G . 10.63 -14.69 18.28
C2C HEM G . 11.63 -15.02 19.28
C3C HEM G . 12.32 -13.86 19.54
C4C HEM G . 11.56 -12.80 18.90
CMC HEM G . 11.81 -16.36 20.00
CAC HEM G . 13.62 -13.69 20.00
CBC HEM G . 14.70 -14.69 19.99
C1D HEM G . 11.29 -10.42 18.30
C2D HEM G . 11.59 -9.02 18.51
C3D HEM G . 10.92 -8.30 17.61
C4D HEM G . 10.07 -9.31 16.90
CMD HEM G . 12.51 -8.39 19.57
CAD HEM G . 11.29 -6.84 17.29
CBD HEM G . 11.85 -6.77 15.87
CGD HEM G . 11.97 -5.34 15.32
O1D HEM G . 12.09 -5.18 14.07
O2D HEM G . 11.95 -4.39 16.15
NA HEM G . 8.66 -11.42 15.20
NB HEM G . 9.15 -14.11 15.75
NC HEM G . 10.60 -13.32 18.03
ND HEM G . 10.38 -10.61 17.29
FE HEM G . 9.73 -12.38 16.58
CHA HEM H . 3.85 -14.52 -14.02
CHB HEM H . 7.93 -15.44 -11.61
CHC HEM H . 8.97 -18.94 -14.69
CHD HEM H . 4.62 -18.37 -16.84
C1A HEM H . 4.94 -14.40 -13.19
C2A HEM H . 4.98 -13.49 -12.06
C3A HEM H . 6.11 -13.76 -11.39
C4A HEM H . 6.77 -14.85 -12.08
CMA HEM H . 6.57 -13.11 -10.11
CAA HEM H . 3.97 -12.45 -11.64
CBA HEM H . 2.59 -13.02 -11.37
CGA HEM H . 1.57 -11.96 -11.13
O1A HEM H . 0.37 -12.27 -11.30
O2A HEM H . 1.95 -10.83 -10.77
C1B HEM H . 8.50 -16.56 -12.15
C2B HEM H . 9.73 -17.12 -11.72
C3B HEM H . 10.06 -18.04 -12.63
C4B HEM H . 9.01 -18.07 -13.59
CMB HEM H . 10.50 -16.73 -10.47
CAB HEM H . 11.18 -18.81 -12.73
CBB HEM H . 11.87 -19.46 -11.64
C1C HEM H . 7.87 -19.08 -15.58
C2C HEM H . 7.66 -20.28 -16.42
C3C HEM H . 6.38 -20.14 -17.00
C4C HEM H . 5.87 -18.84 -16.51
CMC HEM H . 8.51 -21.54 -16.42
CAC HEM H . 5.60 -21.11 -17.65
CBC HEM H . 5.45 -22.50 -17.24
C1D HEM H . 4.01 -17.32 -16.16
C2D HEM H . 2.67 -16.87 -16.47
C3D HEM H . 2.43 -15.78 -15.71
C4D HEM H . 3.64 -15.58 -14.88
CMD HEM H . 1.67 -17.57 -17.37
CAD HEM H . 1.06 -15.11 -15.63
CBD HEM H . 0.58 -15.37 -14.20
CGD HEM H . -0.72 -14.68 -13.89
O1D HEM H . -1.04 -14.55 -12.66
O2D HEM H . -1.40 -14.28 -14.86
NA HEM H . 6.02 -15.27 -13.16
NB HEM H . 8.02 -17.17 -13.28
NC HEM H . 6.72 -18.27 -15.54
ND HEM H . 4.58 -16.57 -15.12
FE HEM H . 6.27 -16.93 -14.17
#